data_3EG9
#
_entry.id   3EG9
#
_cell.length_a   103.130
_cell.length_b   140.750
_cell.length_c   152.420
_cell.angle_alpha   90.00
_cell.angle_beta   90.00
_cell.angle_gamma   90.00
#
_symmetry.space_group_name_H-M   'P 21 21 21'
#
loop_
_entity.id
_entity.type
_entity.pdbx_description
1 polymer 'Protein transport protein Sec23A'
2 polymer 'SEC24 related gene family, member D'
3 polymer peptide
4 non-polymer 'ZINC ION'
5 water water
#
loop_
_entity_poly.entity_id
_entity_poly.type
_entity_poly.pdbx_seq_one_letter_code
_entity_poly.pdbx_strand_id
1 'polypeptide(L)'
;MTTYLEFIQQNEERDGVRFSWNVWPSSRLEATRMVVPVAALFTPLKERPDLPPIQYEPVLCSRTTCRAVLNPLCQVDYRA
KLWACNFCYQRNQFPPSYAGISELNQPAELLPQFSSIEYVVLRGPQMPLIFLYVVDTCMEDEDLQALKESMQMSLSLLPP
TALVGLITFGRMVQVHELGCEGISKSYVFRGTKDLSAKQLQEMLGLSKVPLTQATRGPQVQQPPPSNRFLQPVQKIDMNL
TDLLGELQRDPWPVPQGKRPLRSSGVALSIAVGLLECTFPNTGARIMMFIGGPATQGPGMVVGDELKTPIRSWHDIDKDN
AKYVKKGTKHFEALANRAATTGHVIDIYACALDQTGLLEMKCCPNLTGGYMVMGDSFNTSLFKQTFQRVFTKDMHGQFKM
GFGGTLEIKTSREIKISGAIGPCVSLNSKGPCVSENEIGTGGTCQWKICGLSPTTTLAIYFEVVNQHNAPIPQGGRGAIQ
FVTQYQHSSGQRRIRVTTIARNWADAQTQIQNIAASFDQEAAAILMARLAIYRAETEEGPDVLRWLDRQLIRLCQKFGEY
HKDDPSSFRFSETFSLYPQFMFHLRRSSFLQVFNNSPDESSYYRHHFMRQDLTQSLIMIQPILYAYSFSGPPEPVLLDSS
SILADRILLMDTFFQILIYHGETIAQWRKSGYQDMPEYENFRHLLQAPVDDAQEILHSRFPMPRYIDTEHGGSQARFLLS
KVNPSQTHNNMYAWGQESGAPILTDDVSLQVFMDHLKKLAVSSA
;
A
2 'polypeptide(L)'
;AMGSPIQVIENDRASRGGQVYATNTRGQIPPLVTTDCMIQDQGNASPRFIRCTTYCFPCTSDMAKQAQIPLAAVIKPFAT
IPSNESPLYLVNHGESGPVRCNRCKAYMCPFMQFIEGGRRYQCGFCNCVNDVPPFYFQHLDHIGRRLDHYEKPELSLGSY
EYVATLDYCRKSKPPNPPAFIFMIDVSYSNIKNGLVKLICEELKTMLEKIPKEEQEETSAIRVGFITYNKVLHFFNVKSN
LAQPQMMVVTDVGEVFVPLLDGFLVNYQESQSVIHNLLDQIPDMFADSNENETVFAPVIQAGMEALKAADCPGKLFIFHS
SLPTAEAPGKLKNRDDKKLVNTDKEKILFQPQTNVYDSLAKDCVAHGCSVTLFLFPSQYVDVASLGLVPQLTGGTLYKYN
NFQMHLDRQQFLNDLRNDIEKKIGFDAIMRVRTSTGFRATDFFGGILMNNTTDVEMAAIDCDKAVTVEFKHDDKLSEDSG
ALIQCAVLYTTISGQRRLRIHNLGLNCSSQLADLYKSCETDALINFFAKSAFKAVLHQPLKVIREILVNQTAHMLACYRK
NCASPSAASQLILPDSMKVLPVYMNCLLKNCVLLSRPEISTDERAYQRQLVMTMGVADSQLFFYPQLLPIHTLDVKSTML
PAAVRCSESRLSEEGIFLLANGLHMFLWLGVSSPPELIQGIFNVPSFAHINTDMTLLPEVGNPYSQQLRMIMGIIQQKRP
YSMKLTIVKQREQPEMVFRQFLVEDKGLYGGSSYVDFLCCVHKEICQLLN
;
B
3 'polypeptide(L)' TTIPMDS C
#
# COMPACT_ATOMS: atom_id res chain seq x y z
N THR A 3 -25.24 22.46 60.41
CA THR A 3 -23.80 22.61 60.04
C THR A 3 -23.65 22.70 58.53
N TYR A 4 -22.90 23.71 58.09
CA TYR A 4 -22.68 23.89 56.67
C TYR A 4 -21.90 22.71 56.09
N LEU A 5 -21.07 22.06 56.91
CA LEU A 5 -20.30 20.93 56.41
C LEU A 5 -21.20 19.77 56.06
N GLU A 6 -22.31 19.65 56.78
CA GLU A 6 -23.23 18.57 56.47
C GLU A 6 -23.89 18.95 55.17
N PHE A 7 -24.30 20.20 55.07
CA PHE A 7 -24.94 20.71 53.86
C PHE A 7 -24.07 20.41 52.65
N ILE A 8 -22.82 20.87 52.67
CA ILE A 8 -21.92 20.60 51.56
C ILE A 8 -21.92 19.10 51.22
N GLN A 9 -21.62 18.26 52.21
CA GLN A 9 -21.58 16.83 52.00
C GLN A 9 -22.87 16.29 51.40
N GLN A 10 -23.97 16.52 52.10
CA GLN A 10 -25.27 16.06 51.65
C GLN A 10 -25.61 16.44 50.21
N ASN A 11 -25.39 17.70 49.85
CA ASN A 11 -25.68 18.12 48.49
C ASN A 11 -24.70 17.60 47.45
N GLU A 12 -23.56 17.09 47.87
CA GLU A 12 -22.66 16.55 46.87
C GLU A 12 -23.05 15.09 46.69
N GLU A 13 -23.44 14.45 47.79
CA GLU A 13 -23.81 13.06 47.71
C GLU A 13 -25.11 12.86 46.95
N ARG A 14 -26.04 13.81 47.12
CA ARG A 14 -27.33 13.74 46.45
C ARG A 14 -27.27 14.20 44.99
N ASP A 15 -26.77 15.41 44.77
CA ASP A 15 -26.68 15.97 43.42
C ASP A 15 -25.29 16.01 42.76
N GLY A 16 -24.32 15.30 43.29
CA GLY A 16 -22.99 15.28 42.69
C GLY A 16 -22.58 16.67 42.26
N VAL A 17 -22.93 17.63 43.11
CA VAL A 17 -22.66 19.01 42.85
C VAL A 17 -21.94 19.65 44.04
N ARG A 18 -21.06 20.61 43.76
CA ARG A 18 -20.30 21.32 44.79
C ARG A 18 -19.96 22.74 44.37
N PHE A 19 -20.61 23.71 45.00
CA PHE A 19 -20.39 25.13 44.68
C PHE A 19 -19.31 25.82 45.49
N SER A 20 -18.81 26.94 44.97
CA SER A 20 -17.80 27.73 45.66
C SER A 20 -18.53 28.47 46.77
N TRP A 21 -19.75 28.90 46.48
CA TRP A 21 -20.59 29.59 47.46
C TRP A 21 -21.96 28.90 47.46
N ASN A 22 -22.59 28.75 48.62
CA ASN A 22 -23.91 28.13 48.69
C ASN A 22 -24.98 29.10 49.06
N VAL A 23 -24.61 30.37 48.94
CA VAL A 23 -25.50 31.47 49.17
C VAL A 23 -24.94 32.45 48.17
N TRP A 24 -25.80 32.93 47.29
CA TRP A 24 -25.36 33.83 46.25
C TRP A 24 -25.74 35.27 46.45
N PRO A 25 -24.92 36.19 45.92
CA PRO A 25 -25.12 37.64 46.02
C PRO A 25 -26.22 38.06 45.04
N SER A 26 -27.27 38.69 45.57
CA SER A 26 -28.39 39.14 44.73
C SER A 26 -28.02 40.22 43.70
N SER A 27 -26.75 40.60 43.65
CA SER A 27 -26.34 41.62 42.70
C SER A 27 -25.01 41.26 42.04
N ARG A 28 -24.90 41.62 40.78
CA ARG A 28 -23.70 41.33 40.02
C ARG A 28 -22.48 42.04 40.56
N LEU A 29 -22.65 43.25 41.05
CA LEU A 29 -21.52 44.01 41.57
C LEU A 29 -20.81 43.33 42.73
N GLU A 30 -21.54 43.13 43.83
CA GLU A 30 -20.97 42.51 45.02
C GLU A 30 -20.39 41.11 44.78
N ALA A 31 -20.90 40.43 43.76
CA ALA A 31 -20.40 39.10 43.42
C ALA A 31 -19.07 39.28 42.69
N THR A 32 -18.97 40.34 41.90
CA THR A 32 -17.74 40.62 41.15
C THR A 32 -16.60 40.80 42.14
N ARG A 33 -16.91 41.50 43.24
CA ARG A 33 -15.90 41.75 44.25
C ARG A 33 -16.05 40.76 45.40
N MET A 34 -16.33 39.52 45.03
CA MET A 34 -16.47 38.44 45.98
C MET A 34 -15.32 37.49 45.66
N VAL A 35 -14.51 37.93 44.70
CA VAL A 35 -13.33 37.22 44.22
C VAL A 35 -13.57 35.86 43.57
N VAL A 36 -14.02 34.87 44.34
CA VAL A 36 -14.27 33.56 43.76
C VAL A 36 -15.66 33.56 43.14
N PRO A 37 -15.74 33.34 41.83
CA PRO A 37 -17.01 33.31 41.10
C PRO A 37 -17.95 32.22 41.56
N VAL A 38 -19.25 32.41 41.32
CA VAL A 38 -20.24 31.41 41.69
C VAL A 38 -20.00 30.29 40.69
N ALA A 39 -19.30 29.26 41.12
CA ALA A 39 -19.00 28.16 40.24
C ALA A 39 -19.35 26.85 40.93
N ALA A 40 -19.38 25.77 40.15
CA ALA A 40 -19.68 24.47 40.69
C ALA A 40 -18.93 23.36 39.98
N LEU A 41 -18.50 22.39 40.78
CA LEU A 41 -17.81 21.20 40.30
C LEU A 41 -19.00 20.25 40.13
N PHE A 42 -19.25 19.76 38.91
CA PHE A 42 -20.41 18.91 38.66
C PHE A 42 -20.14 17.51 38.07
N THR A 43 -20.62 16.49 38.77
CA THR A 43 -20.44 15.11 38.32
C THR A 43 -21.81 14.57 37.87
N PRO A 44 -22.04 14.52 36.56
CA PRO A 44 -23.31 14.03 36.01
C PRO A 44 -23.72 12.59 36.28
N LEU A 45 -22.79 11.68 36.48
CA LEU A 45 -23.17 10.28 36.72
C LEU A 45 -22.70 9.76 38.08
N LYS A 46 -22.71 10.64 39.07
CA LYS A 46 -22.30 10.34 40.43
C LYS A 46 -22.98 9.08 40.92
N GLU A 47 -22.22 8.17 41.51
CA GLU A 47 -22.79 6.93 42.02
C GLU A 47 -24.00 7.23 42.90
N ARG A 48 -25.08 6.48 42.70
CA ARG A 48 -26.30 6.72 43.44
C ARG A 48 -27.20 5.47 43.33
N PRO A 49 -26.78 4.35 43.95
CA PRO A 49 -27.51 3.07 43.92
C PRO A 49 -28.85 3.11 44.64
N ASP A 50 -28.99 4.08 45.54
CA ASP A 50 -30.21 4.27 46.32
C ASP A 50 -31.35 4.78 45.43
N LEU A 51 -31.05 5.01 44.15
CA LEU A 51 -32.03 5.54 43.22
C LEU A 51 -32.50 4.57 42.12
N PRO A 52 -33.82 4.54 41.87
CA PRO A 52 -34.36 3.65 40.83
C PRO A 52 -34.29 4.42 39.53
N PRO A 53 -34.18 3.72 38.39
CA PRO A 53 -34.11 4.45 37.13
C PRO A 53 -35.50 4.78 36.55
N ILE A 54 -36.53 4.80 37.41
CA ILE A 54 -37.92 5.10 37.02
C ILE A 54 -38.07 5.17 35.50
N GLN A 55 -38.81 4.24 34.94
CA GLN A 55 -38.94 4.17 33.49
C GLN A 55 -40.02 4.93 32.70
N TYR A 56 -39.71 6.16 32.28
CA TYR A 56 -40.61 6.98 31.47
C TYR A 56 -40.01 8.30 31.05
N GLU A 57 -40.60 8.94 30.03
CA GLU A 57 -40.11 10.21 29.50
C GLU A 57 -40.08 11.26 30.60
N PRO A 58 -39.12 12.20 30.57
CA PRO A 58 -38.98 13.27 31.55
C PRO A 58 -40.07 14.33 31.81
N VAL A 59 -40.80 14.76 30.79
CA VAL A 59 -41.86 15.79 30.96
C VAL A 59 -41.22 17.18 30.97
N LEU A 60 -41.39 17.94 29.91
CA LEU A 60 -40.76 19.25 29.85
C LEU A 60 -41.67 20.46 29.73
N CYS A 61 -41.15 21.60 30.16
CA CYS A 61 -41.88 22.85 30.07
C CYS A 61 -42.25 23.07 28.60
N SER A 62 -43.43 23.61 28.35
CA SER A 62 -43.88 23.82 26.98
C SER A 62 -43.26 25.02 26.26
N ARG A 63 -42.63 25.94 26.97
CA ARG A 63 -42.00 27.09 26.31
C ARG A 63 -40.76 26.62 25.56
N THR A 64 -40.68 26.91 24.26
CA THR A 64 -39.55 26.45 23.46
C THR A 64 -38.16 26.85 23.93
N THR A 65 -38.00 28.11 24.34
CA THR A 65 -36.71 28.63 24.80
C THR A 65 -36.32 28.18 26.22
N CYS A 66 -37.24 27.54 26.93
CA CYS A 66 -36.97 27.08 28.27
C CYS A 66 -36.83 25.58 28.21
N ARG A 67 -37.97 24.90 28.25
CA ARG A 67 -38.01 23.44 28.12
C ARG A 67 -37.47 22.65 29.29
N ALA A 68 -37.44 23.27 30.47
CA ALA A 68 -36.92 22.59 31.66
C ALA A 68 -37.64 21.30 32.00
N VAL A 69 -37.03 20.51 32.85
CA VAL A 69 -37.63 19.23 33.26
C VAL A 69 -38.41 19.41 34.55
N LEU A 70 -39.64 18.89 34.57
CA LEU A 70 -40.47 18.98 35.77
C LEU A 70 -39.61 18.57 36.95
N ASN A 71 -39.56 19.43 37.97
CA ASN A 71 -38.75 19.15 39.16
C ASN A 71 -39.39 19.65 40.45
N PRO A 72 -38.87 19.21 41.61
CA PRO A 72 -39.37 19.60 42.94
C PRO A 72 -39.55 21.10 43.16
N LEU A 73 -38.95 21.92 42.33
CA LEU A 73 -39.10 23.37 42.50
C LEU A 73 -40.34 23.93 41.82
N CYS A 74 -41.04 23.11 41.06
CA CYS A 74 -42.22 23.57 40.36
C CYS A 74 -43.47 23.44 41.21
N GLN A 75 -44.29 24.48 41.18
CA GLN A 75 -45.53 24.50 41.92
C GLN A 75 -46.54 23.65 41.14
N VAL A 76 -47.36 22.89 41.85
CA VAL A 76 -48.34 22.00 41.21
C VAL A 76 -49.79 22.19 41.69
N ASP A 77 -50.70 22.44 40.75
CA ASP A 77 -52.12 22.63 41.08
C ASP A 77 -52.91 21.36 40.73
N TYR A 78 -52.69 20.31 41.52
CA TYR A 78 -53.32 19.00 41.35
C TYR A 78 -54.77 19.01 40.86
N ARG A 79 -55.60 19.77 41.55
CA ARG A 79 -57.00 19.87 41.21
C ARG A 79 -57.13 20.87 40.07
N ALA A 80 -56.43 20.59 38.97
CA ALA A 80 -56.44 21.42 37.76
C ALA A 80 -55.33 20.93 36.83
N LYS A 81 -54.73 19.81 37.21
CA LYS A 81 -53.67 19.15 36.46
C LYS A 81 -52.68 20.11 35.78
N LEU A 82 -52.18 21.08 36.54
CA LEU A 82 -51.22 22.04 36.02
C LEU A 82 -49.99 22.21 36.91
N TRP A 83 -48.84 22.56 36.31
CA TRP A 83 -47.60 22.79 37.07
C TRP A 83 -46.88 23.99 36.49
N ALA A 84 -46.30 24.82 37.34
CA ALA A 84 -45.62 26.00 36.86
C ALA A 84 -44.12 25.84 36.84
N CYS A 85 -43.55 25.97 35.66
CA CYS A 85 -42.11 25.85 35.47
C CYS A 85 -41.42 26.87 36.37
N ASN A 86 -40.54 26.41 37.25
CA ASN A 86 -39.84 27.32 38.15
C ASN A 86 -38.80 28.18 37.43
N PHE A 87 -38.50 27.86 36.18
CA PHE A 87 -37.51 28.65 35.45
C PHE A 87 -38.07 29.82 34.65
N CYS A 88 -39.25 29.64 34.05
CA CYS A 88 -39.86 30.71 33.26
C CYS A 88 -41.34 30.93 33.60
N TYR A 89 -41.78 30.32 34.70
CA TYR A 89 -43.14 30.44 35.20
C TYR A 89 -44.26 29.89 34.32
N GLN A 90 -43.94 29.65 33.05
CA GLN A 90 -44.91 29.12 32.10
C GLN A 90 -45.82 28.06 32.74
N ARG A 91 -47.13 28.16 32.53
CA ARG A 91 -48.02 27.15 33.08
C ARG A 91 -47.97 25.96 32.13
N ASN A 92 -47.96 24.75 32.68
CA ASN A 92 -47.90 23.54 31.87
C ASN A 92 -48.91 22.53 32.32
N GLN A 93 -49.32 21.69 31.38
CA GLN A 93 -50.29 20.66 31.63
C GLN A 93 -49.52 19.35 31.81
N PHE A 94 -50.09 18.41 32.56
CA PHE A 94 -49.42 17.13 32.76
C PHE A 94 -49.85 16.18 31.65
N PRO A 95 -49.14 15.06 31.50
CA PRO A 95 -49.55 14.13 30.44
C PRO A 95 -50.68 13.25 31.01
N PRO A 96 -51.52 12.71 30.13
CA PRO A 96 -52.65 11.86 30.56
C PRO A 96 -52.33 10.84 31.65
N SER A 97 -51.34 10.00 31.41
CA SER A 97 -50.96 8.97 32.37
C SER A 97 -50.74 9.46 33.80
N TYR A 98 -50.57 10.77 33.96
CA TYR A 98 -50.33 11.35 35.28
C TYR A 98 -51.62 11.61 36.07
N ALA A 99 -52.75 11.55 35.38
CA ALA A 99 -54.07 11.78 35.99
C ALA A 99 -54.13 11.64 37.51
N GLY A 100 -53.84 10.44 38.01
CA GLY A 100 -53.89 10.17 39.44
C GLY A 100 -53.10 11.09 40.37
N ILE A 101 -52.16 11.82 39.80
CA ILE A 101 -51.31 12.75 40.54
C ILE A 101 -52.11 13.50 41.63
N SER A 102 -51.59 13.52 42.85
CA SER A 102 -52.25 14.20 43.96
C SER A 102 -51.27 14.61 45.07
N GLU A 103 -51.63 15.64 45.81
CA GLU A 103 -50.82 16.14 46.91
C GLU A 103 -50.13 15.05 47.73
N LEU A 104 -50.82 13.93 47.95
CA LEU A 104 -50.27 12.84 48.74
C LEU A 104 -49.71 11.68 47.92
N ASN A 105 -49.93 11.73 46.62
CA ASN A 105 -49.38 10.68 45.76
C ASN A 105 -48.94 11.34 44.47
N GLN A 106 -47.78 11.97 44.56
CA GLN A 106 -47.19 12.69 43.45
C GLN A 106 -46.09 11.94 42.74
N PRO A 107 -45.82 12.31 41.49
CA PRO A 107 -44.78 11.69 40.66
C PRO A 107 -43.40 11.94 41.26
N ALA A 108 -42.57 10.89 41.28
CA ALA A 108 -41.21 10.93 41.82
C ALA A 108 -40.43 12.21 41.53
N GLU A 109 -40.33 12.58 40.25
CA GLU A 109 -39.60 13.79 39.88
C GLU A 109 -39.90 15.02 40.74
N LEU A 110 -41.04 15.01 41.43
CA LEU A 110 -41.44 16.15 42.26
C LEU A 110 -41.00 16.06 43.72
N LEU A 111 -40.54 14.88 44.14
CA LEU A 111 -40.08 14.71 45.51
C LEU A 111 -38.68 15.28 45.69
N PRO A 112 -38.43 15.98 46.80
CA PRO A 112 -37.09 16.56 47.02
C PRO A 112 -36.03 15.46 46.98
N GLN A 113 -36.34 14.33 47.60
CA GLN A 113 -35.42 13.20 47.63
C GLN A 113 -34.98 12.88 46.21
N PHE A 114 -35.80 13.25 45.24
CA PHE A 114 -35.47 12.97 43.87
C PHE A 114 -34.99 14.15 43.05
N SER A 115 -34.50 15.20 43.72
CA SER A 115 -33.90 16.29 42.97
C SER A 115 -32.76 15.38 42.56
N SER A 116 -32.51 15.22 41.27
CA SER A 116 -31.48 14.27 40.81
C SER A 116 -32.17 12.91 40.70
N ILE A 117 -32.52 12.55 39.47
CA ILE A 117 -33.22 11.31 39.16
C ILE A 117 -32.83 10.88 37.75
N GLU A 118 -32.97 9.59 37.41
CA GLU A 118 -32.63 9.15 36.05
C GLU A 118 -33.84 8.61 35.29
N TYR A 119 -34.03 9.06 34.05
CA TYR A 119 -35.16 8.61 33.23
C TYR A 119 -34.69 7.60 32.19
N VAL A 120 -35.62 6.86 31.61
CA VAL A 120 -35.25 5.86 30.62
C VAL A 120 -35.89 6.05 29.26
N VAL A 121 -35.29 6.91 28.43
CA VAL A 121 -35.77 7.21 27.09
C VAL A 121 -36.04 5.99 26.22
N LEU A 122 -37.14 6.06 25.48
CA LEU A 122 -37.58 4.99 24.59
C LEU A 122 -37.21 5.40 23.16
N ARG A 123 -35.93 5.71 22.96
CA ARG A 123 -35.39 6.14 21.66
C ARG A 123 -35.73 5.22 20.49
N GLY A 124 -35.33 3.96 20.59
CA GLY A 124 -35.61 3.01 19.52
C GLY A 124 -34.39 2.26 19.04
N PRO A 125 -33.43 2.94 18.41
CA PRO A 125 -32.23 2.26 17.92
C PRO A 125 -31.35 1.79 19.08
N GLN A 126 -31.52 0.53 19.50
CA GLN A 126 -30.71 0.00 20.59
C GLN A 126 -29.39 -0.48 20.01
N MET A 127 -28.41 0.42 19.97
CA MET A 127 -27.11 0.10 19.42
C MET A 127 -26.19 -0.67 20.35
N PRO A 128 -25.29 -1.48 19.76
CA PRO A 128 -24.34 -2.27 20.54
C PRO A 128 -23.10 -1.40 20.71
N LEU A 129 -22.32 -1.66 21.75
CA LEU A 129 -21.13 -0.85 21.95
C LEU A 129 -20.11 -1.27 20.89
N ILE A 130 -19.30 -0.32 20.46
CA ILE A 130 -18.29 -0.59 19.47
C ILE A 130 -16.91 -0.33 20.09
N PHE A 131 -16.02 -1.31 19.98
CA PHE A 131 -14.68 -1.15 20.52
C PHE A 131 -13.68 -1.38 19.39
N LEU A 132 -12.93 -0.33 19.05
CA LEU A 132 -11.94 -0.42 18.00
C LEU A 132 -10.52 -0.38 18.52
N TYR A 133 -9.81 -1.49 18.38
CA TYR A 133 -8.43 -1.57 18.83
C TYR A 133 -7.43 -1.11 17.78
N VAL A 134 -6.74 -0.02 18.07
CA VAL A 134 -5.74 0.51 17.16
C VAL A 134 -4.39 0.20 17.81
N VAL A 135 -3.78 -0.91 17.40
CA VAL A 135 -2.52 -1.38 17.98
C VAL A 135 -1.23 -1.04 17.27
N ASP A 136 -0.25 -0.58 18.04
CA ASP A 136 1.08 -0.26 17.52
C ASP A 136 1.87 -1.55 17.60
N THR A 137 2.70 -1.83 16.60
CA THR A 137 3.49 -3.05 16.61
C THR A 137 4.99 -2.84 16.66
N CYS A 138 5.43 -1.62 16.96
CA CYS A 138 6.86 -1.32 17.05
C CYS A 138 7.32 -1.34 18.50
N MET A 139 7.53 -2.55 19.04
CA MET A 139 7.98 -2.69 20.42
C MET A 139 8.58 -4.08 20.63
N GLU A 140 9.31 -4.29 21.71
CA GLU A 140 9.92 -5.58 21.98
C GLU A 140 8.86 -6.66 22.15
N ASP A 141 9.21 -7.90 21.85
CA ASP A 141 8.25 -9.00 21.96
C ASP A 141 7.64 -9.12 23.35
N GLU A 142 8.41 -8.76 24.38
CA GLU A 142 7.90 -8.81 25.74
C GLU A 142 6.68 -7.91 25.83
N ASP A 143 6.87 -6.67 25.41
CA ASP A 143 5.82 -5.68 25.43
C ASP A 143 4.61 -6.09 24.62
N LEU A 144 4.77 -6.20 23.30
CA LEU A 144 3.65 -6.58 22.45
C LEU A 144 2.93 -7.84 22.93
N GLN A 145 3.67 -8.75 23.54
CA GLN A 145 3.06 -9.98 24.02
C GLN A 145 2.10 -9.65 25.17
N ALA A 146 2.56 -8.85 26.12
CA ALA A 146 1.75 -8.45 27.26
C ALA A 146 0.52 -7.70 26.76
N LEU A 147 0.76 -6.73 25.89
CA LEU A 147 -0.33 -5.97 25.31
C LEU A 147 -1.35 -6.94 24.72
N LYS A 148 -0.87 -7.89 23.93
CA LYS A 148 -1.75 -8.87 23.31
C LYS A 148 -2.59 -9.56 24.37
N GLU A 149 -1.99 -9.85 25.53
CA GLU A 149 -2.71 -10.51 26.62
C GLU A 149 -3.77 -9.59 27.24
N SER A 150 -3.39 -8.34 27.49
CA SER A 150 -4.30 -7.35 28.05
C SER A 150 -5.49 -7.17 27.11
N MET A 151 -5.20 -7.21 25.82
CA MET A 151 -6.25 -7.03 24.82
C MET A 151 -7.21 -8.20 24.85
N GLN A 152 -6.69 -9.42 24.95
CA GLN A 152 -7.55 -10.59 24.97
C GLN A 152 -8.48 -10.53 26.19
N MET A 153 -7.94 -10.10 27.32
CA MET A 153 -8.72 -9.99 28.56
C MET A 153 -9.92 -9.07 28.42
N SER A 154 -9.71 -7.89 27.84
CA SER A 154 -10.78 -6.92 27.66
C SER A 154 -11.82 -7.49 26.71
N LEU A 155 -11.34 -8.13 25.66
CA LEU A 155 -12.21 -8.70 24.66
C LEU A 155 -13.15 -9.73 25.30
N SER A 156 -12.73 -10.32 26.41
CA SER A 156 -13.56 -11.31 27.08
C SER A 156 -14.56 -10.66 28.03
N LEU A 157 -14.38 -9.38 28.35
CA LEU A 157 -15.30 -8.68 29.24
C LEU A 157 -16.38 -7.97 28.45
N LEU A 158 -16.15 -7.80 27.15
CA LEU A 158 -17.12 -7.13 26.28
C LEU A 158 -18.41 -7.90 26.11
N PRO A 159 -19.54 -7.17 26.02
CA PRO A 159 -20.86 -7.77 25.85
C PRO A 159 -20.88 -8.50 24.52
N PRO A 160 -21.55 -9.66 24.46
CA PRO A 160 -21.61 -10.44 23.21
C PRO A 160 -22.12 -9.66 21.99
N THR A 161 -22.90 -8.61 22.22
CA THR A 161 -23.44 -7.84 21.12
C THR A 161 -22.51 -6.73 20.65
N ALA A 162 -21.55 -6.37 21.49
CA ALA A 162 -20.59 -5.32 21.19
C ALA A 162 -19.76 -5.62 19.94
N LEU A 163 -19.66 -4.65 19.04
CA LEU A 163 -18.89 -4.82 17.82
C LEU A 163 -17.41 -4.50 18.09
N VAL A 164 -16.53 -5.41 17.69
CA VAL A 164 -15.09 -5.22 17.89
C VAL A 164 -14.35 -5.14 16.56
N GLY A 165 -13.40 -4.22 16.47
CA GLY A 165 -12.61 -4.05 15.25
C GLY A 165 -11.13 -3.94 15.53
N LEU A 166 -10.30 -4.50 14.66
CA LEU A 166 -8.85 -4.47 14.86
C LEU A 166 -8.05 -3.80 13.76
N ILE A 167 -7.20 -2.86 14.16
CA ILE A 167 -6.32 -2.16 13.25
C ILE A 167 -4.93 -2.18 13.86
N THR A 168 -3.96 -2.74 13.15
CA THR A 168 -2.60 -2.79 13.64
C THR A 168 -1.78 -1.88 12.74
N PHE A 169 -0.71 -1.31 13.26
CA PHE A 169 0.11 -0.42 12.46
C PHE A 169 1.58 -0.41 12.85
N GLY A 170 2.39 0.14 11.95
CA GLY A 170 3.82 0.24 12.14
C GLY A 170 4.36 1.14 11.05
N ARG A 171 5.11 0.56 10.11
CA ARG A 171 5.64 1.34 9.00
C ARG A 171 4.44 1.69 8.13
N MET A 172 3.48 0.77 8.09
CA MET A 172 2.25 0.93 7.31
C MET A 172 1.06 0.62 8.22
N VAL A 173 -0.14 1.01 7.81
CA VAL A 173 -1.34 0.78 8.61
C VAL A 173 -2.23 -0.32 8.04
N GLN A 174 -2.57 -1.32 8.87
CA GLN A 174 -3.43 -2.43 8.45
C GLN A 174 -4.80 -2.39 9.08
N VAL A 175 -5.85 -2.56 8.27
CA VAL A 175 -7.21 -2.58 8.78
C VAL A 175 -7.73 -3.99 8.55
N HIS A 176 -7.75 -4.77 9.61
CA HIS A 176 -8.18 -6.16 9.54
C HIS A 176 -9.65 -6.47 9.30
N GLU A 177 -9.89 -7.34 8.32
CA GLU A 177 -11.24 -7.79 8.00
C GLU A 177 -11.39 -9.09 8.79
N LEU A 178 -12.21 -9.06 9.83
CA LEU A 178 -12.41 -10.21 10.67
C LEU A 178 -13.50 -11.13 10.16
N GLY A 179 -13.60 -12.31 10.77
CA GLY A 179 -14.59 -13.29 10.35
C GLY A 179 -14.12 -13.98 9.09
N CYS A 180 -13.45 -13.23 8.24
CA CYS A 180 -12.89 -13.73 6.98
C CYS A 180 -12.12 -15.00 7.30
N GLU A 181 -12.80 -16.14 7.20
CA GLU A 181 -12.18 -17.43 7.51
C GLU A 181 -11.54 -18.16 6.36
N GLY A 182 -10.46 -18.88 6.67
CA GLY A 182 -9.75 -19.64 5.67
C GLY A 182 -8.59 -18.88 5.05
N ILE A 183 -8.61 -17.56 5.12
CA ILE A 183 -7.55 -16.76 4.52
C ILE A 183 -6.99 -15.65 5.38
N SER A 184 -7.85 -14.95 6.12
CA SER A 184 -7.43 -13.83 6.98
C SER A 184 -6.82 -12.72 6.12
N LYS A 185 -7.58 -11.65 5.91
CA LYS A 185 -7.07 -10.58 5.10
C LYS A 185 -7.09 -9.25 5.81
N SER A 186 -6.52 -8.23 5.17
CA SER A 186 -6.45 -6.90 5.72
C SER A 186 -6.14 -5.90 4.62
N TYR A 187 -6.50 -4.64 4.85
CA TYR A 187 -6.24 -3.56 3.89
C TYR A 187 -5.08 -2.74 4.42
N VAL A 188 -4.06 -2.56 3.58
CA VAL A 188 -2.86 -1.83 3.98
C VAL A 188 -2.76 -0.48 3.33
N PHE A 189 -2.34 0.51 4.11
CA PHE A 189 -2.18 1.87 3.61
C PHE A 189 -0.82 2.43 4.00
N ARG A 190 -0.31 3.36 3.20
CA ARG A 190 0.98 3.97 3.50
C ARG A 190 0.84 4.73 4.83
N GLY A 191 1.73 4.46 5.76
CA GLY A 191 1.65 5.15 7.03
C GLY A 191 2.24 6.54 6.89
N THR A 192 2.42 6.93 5.63
CA THR A 192 3.00 8.21 5.30
C THR A 192 2.00 9.32 4.91
N LYS A 193 0.78 8.95 4.53
CA LYS A 193 -0.19 9.97 4.16
C LYS A 193 -1.61 9.77 4.67
N ASP A 194 -2.24 10.90 5.00
CA ASP A 194 -3.60 10.97 5.52
C ASP A 194 -4.68 10.36 4.63
N LEU A 195 -5.91 10.39 5.11
CA LEU A 195 -7.10 9.89 4.41
C LEU A 195 -8.35 10.44 5.08
N SER A 196 -9.33 10.84 4.28
CA SER A 196 -10.57 11.38 4.82
C SER A 196 -11.47 10.19 5.11
N ALA A 197 -12.51 10.42 5.90
CA ALA A 197 -13.41 9.34 6.22
C ALA A 197 -14.07 8.90 4.93
N LYS A 198 -14.13 9.80 3.96
CA LYS A 198 -14.74 9.47 2.69
C LYS A 198 -13.80 8.53 1.92
N GLN A 199 -12.64 9.05 1.57
CA GLN A 199 -11.64 8.27 0.85
C GLN A 199 -11.57 6.86 1.41
N LEU A 200 -11.53 6.74 2.72
CA LEU A 200 -11.44 5.44 3.36
C LEU A 200 -12.68 4.61 3.11
N GLN A 201 -13.85 5.25 3.16
CA GLN A 201 -15.11 4.55 2.92
C GLN A 201 -15.09 3.97 1.52
N GLU A 202 -14.61 4.77 0.57
CA GLU A 202 -14.51 4.34 -0.82
C GLU A 202 -13.47 3.23 -0.95
N MET A 203 -12.24 3.52 -0.59
CA MET A 203 -11.15 2.56 -0.68
C MET A 203 -11.44 1.20 -0.05
N LEU A 204 -11.93 1.19 1.18
CA LEU A 204 -12.23 -0.06 1.85
C LEU A 204 -13.50 -0.65 1.24
N GLY A 205 -14.13 0.16 0.39
CA GLY A 205 -15.35 -0.29 -0.26
C GLY A 205 -16.48 -0.57 0.71
N LEU A 206 -17.01 0.50 1.28
CA LEU A 206 -18.13 0.41 2.21
C LEU A 206 -19.20 1.34 1.68
N SER A 207 -20.44 1.15 2.14
CA SER A 207 -21.55 2.00 1.70
C SER A 207 -21.54 3.32 2.48
N LYS A 208 -22.67 4.00 2.47
CA LYS A 208 -22.79 5.28 3.18
C LYS A 208 -23.79 5.24 4.34
N VAL A 209 -23.29 5.58 5.54
CA VAL A 209 -24.03 5.61 6.82
C VAL A 209 -23.71 4.38 7.67
N SER A 226 -23.54 -4.62 11.18
CA SER A 226 -22.16 -5.09 11.24
C SER A 226 -21.46 -5.00 9.88
N ASN A 227 -20.14 -4.84 9.91
CA ASN A 227 -19.34 -4.77 8.70
C ASN A 227 -18.44 -5.98 8.64
N ARG A 228 -17.45 -5.89 7.78
CA ARG A 228 -16.49 -6.98 7.65
C ARG A 228 -15.39 -6.57 8.61
N PHE A 229 -15.44 -5.31 9.01
CA PHE A 229 -14.44 -4.71 9.88
C PHE A 229 -14.80 -4.63 11.36
N LEU A 230 -16.07 -4.40 11.65
CA LEU A 230 -16.55 -4.31 13.04
C LEU A 230 -17.62 -5.37 13.23
N GLN A 231 -17.28 -6.45 13.93
CA GLN A 231 -18.26 -7.51 14.13
C GLN A 231 -18.53 -7.95 15.58
N PRO A 232 -19.62 -8.70 15.79
CA PRO A 232 -20.05 -9.21 17.08
C PRO A 232 -18.98 -9.94 17.87
N VAL A 233 -18.89 -9.64 19.15
CA VAL A 233 -17.92 -10.31 20.01
C VAL A 233 -18.24 -11.80 20.04
N GLN A 234 -19.52 -12.12 20.21
CA GLN A 234 -19.95 -13.51 20.28
C GLN A 234 -19.90 -14.20 18.92
N LYS A 235 -19.40 -13.50 17.90
CA LYS A 235 -19.28 -14.08 16.58
C LYS A 235 -17.81 -14.13 16.14
N ILE A 236 -17.00 -13.21 16.64
CA ILE A 236 -15.58 -13.14 16.27
C ILE A 236 -14.63 -13.79 17.28
N ASP A 237 -14.99 -13.75 18.55
CA ASP A 237 -14.21 -14.32 19.65
C ASP A 237 -13.02 -15.16 19.20
N MET A 238 -13.34 -16.35 18.69
CA MET A 238 -12.37 -17.31 18.19
C MET A 238 -11.36 -16.61 17.27
N ASN A 239 -11.82 -16.21 16.10
CA ASN A 239 -10.97 -15.53 15.12
C ASN A 239 -10.10 -14.42 15.67
N LEU A 240 -10.72 -13.42 16.30
CA LEU A 240 -9.98 -12.28 16.84
C LEU A 240 -8.91 -12.71 17.85
N THR A 241 -9.30 -13.57 18.79
CA THR A 241 -8.34 -14.04 19.78
C THR A 241 -7.20 -14.80 19.10
N ASP A 242 -7.48 -15.42 17.96
CA ASP A 242 -6.45 -16.13 17.23
C ASP A 242 -5.51 -15.08 16.65
N LEU A 243 -6.07 -14.14 15.91
CA LEU A 243 -5.28 -13.08 15.30
C LEU A 243 -4.48 -12.33 16.35
N LEU A 244 -5.14 -11.89 17.41
CA LEU A 244 -4.46 -11.17 18.49
C LEU A 244 -3.28 -11.98 18.98
N GLY A 245 -3.48 -13.29 19.10
CA GLY A 245 -2.43 -14.16 19.58
C GLY A 245 -1.30 -14.38 18.60
N GLU A 246 -1.63 -14.42 17.31
CA GLU A 246 -0.62 -14.63 16.27
C GLU A 246 0.09 -13.35 15.86
N LEU A 247 -0.40 -12.22 16.37
CA LEU A 247 0.18 -10.91 16.10
C LEU A 247 1.65 -10.87 16.47
N GLN A 248 2.47 -10.36 15.56
CA GLN A 248 3.90 -10.25 15.81
C GLN A 248 4.37 -8.84 15.49
N ARG A 249 5.48 -8.43 16.09
CA ARG A 249 5.98 -7.08 15.89
C ARG A 249 6.32 -6.69 14.46
N ASP A 250 6.14 -5.42 14.16
CA ASP A 250 6.39 -4.87 12.83
C ASP A 250 7.68 -5.43 12.24
N PRO A 251 7.57 -6.20 11.14
CA PRO A 251 8.70 -6.83 10.44
C PRO A 251 9.86 -5.92 10.03
N TRP A 252 9.57 -4.86 9.26
CA TRP A 252 10.62 -3.95 8.80
C TRP A 252 11.66 -3.68 9.87
N PRO A 253 12.91 -4.10 9.62
CA PRO A 253 14.06 -3.94 10.52
C PRO A 253 14.48 -2.49 10.75
N VAL A 254 14.99 -2.24 11.95
CA VAL A 254 15.40 -0.89 12.31
C VAL A 254 16.92 -0.77 12.35
N PRO A 255 17.48 0.08 11.49
CA PRO A 255 18.92 0.32 11.42
C PRO A 255 19.49 0.96 12.70
N GLN A 256 20.77 0.74 12.94
CA GLN A 256 21.44 1.26 14.13
C GLN A 256 21.35 2.78 14.23
N GLY A 257 21.09 3.28 15.43
CA GLY A 257 20.98 4.71 15.65
C GLY A 257 19.65 5.30 15.21
N LYS A 258 18.75 4.44 14.74
CA LYS A 258 17.43 4.87 14.27
C LYS A 258 16.27 4.39 15.15
N ARG A 259 15.12 5.05 14.98
CA ARG A 259 13.90 4.70 15.70
C ARG A 259 12.99 4.05 14.67
N PRO A 260 12.07 3.18 15.12
CA PRO A 260 11.15 2.51 14.20
C PRO A 260 10.29 3.52 13.45
N LEU A 261 9.75 3.09 12.31
CA LEU A 261 8.85 3.95 11.56
C LEU A 261 7.45 3.58 12.05
N ARG A 262 6.90 4.42 12.94
CA ARG A 262 5.58 4.22 13.54
C ARG A 262 4.65 5.31 13.05
N SER A 263 3.61 4.93 12.32
CA SER A 263 2.69 5.91 11.78
C SER A 263 1.49 6.21 12.68
N SER A 264 1.75 6.32 13.98
CA SER A 264 0.72 6.61 14.96
C SER A 264 -0.32 7.63 14.48
N GLY A 265 0.12 8.77 13.98
CA GLY A 265 -0.82 9.78 13.51
C GLY A 265 -1.78 9.31 12.43
N VAL A 266 -1.27 8.55 11.47
CA VAL A 266 -2.10 8.06 10.38
C VAL A 266 -3.03 6.93 10.82
N ALA A 267 -2.50 6.01 11.63
CA ALA A 267 -3.33 4.93 12.11
C ALA A 267 -4.57 5.52 12.80
N LEU A 268 -4.38 6.48 13.70
CA LEU A 268 -5.52 7.07 14.39
C LEU A 268 -6.49 7.68 13.39
N SER A 269 -5.95 8.43 12.44
CA SER A 269 -6.78 9.06 11.42
C SER A 269 -7.60 8.02 10.65
N ILE A 270 -6.98 6.89 10.33
CA ILE A 270 -7.67 5.82 9.62
C ILE A 270 -8.75 5.21 10.51
N ALA A 271 -8.48 5.08 11.81
CA ALA A 271 -9.45 4.51 12.75
C ALA A 271 -10.63 5.46 12.96
N VAL A 272 -10.34 6.74 13.18
CA VAL A 272 -11.38 7.73 13.35
C VAL A 272 -12.29 7.67 12.13
N GLY A 273 -11.69 7.73 10.94
CA GLY A 273 -12.46 7.67 9.72
C GLY A 273 -13.25 6.38 9.53
N LEU A 274 -12.68 5.26 9.96
CA LEU A 274 -13.33 3.97 9.83
C LEU A 274 -14.69 3.98 10.50
N LEU A 275 -14.77 4.54 11.72
CA LEU A 275 -16.03 4.61 12.45
C LEU A 275 -16.90 5.75 11.99
N GLU A 276 -16.27 6.76 11.42
CA GLU A 276 -17.00 7.93 10.96
C GLU A 276 -17.94 7.59 9.81
N CYS A 277 -17.45 6.75 8.91
CA CYS A 277 -18.24 6.36 7.75
C CYS A 277 -19.07 5.10 7.99
N THR A 278 -18.95 4.49 9.17
CA THR A 278 -19.72 3.27 9.46
C THR A 278 -20.77 3.43 10.56
N PHE A 279 -20.36 3.86 11.75
CA PHE A 279 -21.30 4.04 12.83
C PHE A 279 -21.22 5.39 13.47
N PRO A 280 -21.48 6.44 12.70
CA PRO A 280 -21.41 7.78 13.28
C PRO A 280 -22.50 8.00 14.30
N ASN A 281 -22.26 8.95 15.20
CA ASN A 281 -23.19 9.33 16.23
C ASN A 281 -23.71 8.15 17.03
N THR A 282 -22.80 7.47 17.72
CA THR A 282 -23.18 6.36 18.57
C THR A 282 -21.98 5.93 19.41
N GLY A 283 -22.25 5.51 20.64
CA GLY A 283 -21.18 5.09 21.53
C GLY A 283 -20.15 4.15 20.93
N ALA A 284 -18.88 4.45 21.19
CA ALA A 284 -17.76 3.65 20.70
C ALA A 284 -16.43 4.15 21.23
N ARG A 285 -15.55 3.23 21.55
CA ARG A 285 -14.23 3.60 22.04
C ARG A 285 -13.15 3.24 21.02
N ILE A 286 -12.39 4.25 20.56
CA ILE A 286 -11.29 3.98 19.66
C ILE A 286 -10.13 3.92 20.65
N MET A 287 -9.56 2.73 20.82
CA MET A 287 -8.47 2.54 21.79
C MET A 287 -7.11 2.31 21.13
N MET A 288 -6.27 3.34 21.14
CA MET A 288 -4.96 3.25 20.54
C MET A 288 -3.82 3.05 21.53
N PHE A 289 -3.13 1.92 21.42
CA PHE A 289 -2.01 1.61 22.30
C PHE A 289 -0.71 1.89 21.53
N ILE A 290 0.17 2.69 22.12
CA ILE A 290 1.42 3.03 21.47
C ILE A 290 2.64 2.65 22.31
N GLY A 291 3.70 2.21 21.64
CA GLY A 291 4.92 1.83 22.33
C GLY A 291 6.04 2.84 22.20
N GLY A 292 5.80 3.88 21.39
CA GLY A 292 6.81 4.92 21.21
C GLY A 292 6.20 6.13 20.53
N PRO A 293 7.02 7.13 20.16
CA PRO A 293 6.52 8.32 19.49
C PRO A 293 6.26 8.12 18.01
N ALA A 294 5.32 8.90 17.48
CA ALA A 294 4.98 8.82 16.06
C ALA A 294 6.16 9.43 15.32
N THR A 295 6.77 8.64 14.42
CA THR A 295 7.93 9.05 13.65
C THR A 295 7.70 9.27 12.15
N GLN A 296 6.48 9.09 11.67
CA GLN A 296 6.21 9.25 10.24
C GLN A 296 4.86 9.95 10.06
N GLY A 297 4.87 11.27 10.20
CA GLY A 297 3.66 12.09 10.10
C GLY A 297 2.75 11.79 8.92
N PRO A 298 1.60 12.47 8.82
CA PRO A 298 1.10 13.49 9.76
C PRO A 298 1.07 13.01 11.20
N GLY A 299 1.10 13.95 12.13
CA GLY A 299 1.10 13.60 13.53
C GLY A 299 2.48 13.22 14.01
N MET A 300 3.44 13.24 13.09
CA MET A 300 4.82 12.91 13.39
C MET A 300 5.20 13.72 14.62
N VAL A 301 5.84 13.09 15.58
CA VAL A 301 6.21 13.77 16.81
C VAL A 301 7.71 14.01 17.02
N VAL A 302 8.54 13.27 16.28
CA VAL A 302 9.97 13.41 16.39
C VAL A 302 10.73 12.60 15.33
N GLY A 303 11.93 13.04 15.01
CA GLY A 303 12.77 12.37 14.02
C GLY A 303 12.96 10.89 14.24
N ASP A 304 13.51 10.22 13.24
CA ASP A 304 13.74 8.77 13.31
C ASP A 304 15.17 8.50 13.74
N GLU A 305 15.97 9.56 13.80
CA GLU A 305 17.36 9.40 14.21
C GLU A 305 17.51 9.62 15.70
N LEU A 306 17.87 8.56 16.41
CA LEU A 306 18.04 8.62 17.85
C LEU A 306 18.88 9.81 18.28
N LYS A 307 19.83 10.22 17.44
CA LYS A 307 20.69 11.36 17.74
C LYS A 307 19.93 12.50 18.39
N THR A 308 18.72 12.75 17.90
CA THR A 308 17.91 13.83 18.43
C THR A 308 16.92 13.35 19.49
N PRO A 309 16.93 13.98 20.66
CA PRO A 309 16.02 13.60 21.75
C PRO A 309 14.62 14.16 21.48
N ILE A 310 13.60 13.55 22.06
CA ILE A 310 12.23 14.04 21.86
C ILE A 310 12.09 15.39 22.55
N ARG A 311 11.38 16.32 21.92
CA ARG A 311 11.24 17.66 22.48
C ARG A 311 11.03 17.67 23.98
N SER A 312 11.56 18.70 24.63
CA SER A 312 11.43 18.87 26.08
C SER A 312 10.59 20.11 26.31
N TRP A 313 10.38 20.45 27.56
CA TRP A 313 9.62 21.64 27.85
C TRP A 313 10.48 22.85 27.52
N HIS A 314 11.79 22.70 27.69
CA HIS A 314 12.72 23.78 27.38
C HIS A 314 12.81 23.93 25.87
N ASP A 315 13.02 22.80 25.19
CA ASP A 315 13.09 22.80 23.73
C ASP A 315 11.89 23.53 23.18
N ILE A 316 10.69 23.08 23.56
CA ILE A 316 9.46 23.70 23.08
C ILE A 316 9.37 25.18 23.43
N ASP A 317 10.10 25.63 24.45
CA ASP A 317 10.04 27.04 24.82
C ASP A 317 11.07 27.85 24.04
N LYS A 318 12.24 27.25 23.78
CA LYS A 318 13.29 27.91 23.01
C LYS A 318 12.88 27.86 21.54
N ASP A 319 11.64 27.45 21.29
CA ASP A 319 11.07 27.31 19.96
C ASP A 319 11.95 26.38 19.12
N ASN A 320 12.50 25.36 19.77
CA ASN A 320 13.38 24.39 19.13
C ASN A 320 12.66 23.04 19.01
N ALA A 321 11.36 23.09 18.80
CA ALA A 321 10.55 21.88 18.64
C ALA A 321 9.84 22.07 17.32
N LYS A 322 10.39 21.49 16.26
CA LYS A 322 9.79 21.69 14.95
C LYS A 322 8.56 20.88 14.63
N TYR A 323 8.26 19.88 15.46
CA TYR A 323 7.09 19.07 15.20
C TYR A 323 5.87 19.51 16.01
N VAL A 324 6.08 19.70 17.31
CA VAL A 324 5.01 20.10 18.22
C VAL A 324 3.80 20.80 17.58
N LYS A 325 4.03 21.91 16.89
CA LYS A 325 2.91 22.64 16.30
C LYS A 325 2.17 21.91 15.18
N LYS A 326 2.90 21.28 14.27
CA LYS A 326 2.24 20.54 13.20
C LYS A 326 1.61 19.28 13.75
N GLY A 327 2.40 18.51 14.52
CA GLY A 327 1.89 17.29 15.11
C GLY A 327 0.62 17.51 15.91
N THR A 328 0.59 18.56 16.72
CA THR A 328 -0.59 18.83 17.53
C THR A 328 -1.76 19.28 16.68
N LYS A 329 -1.46 20.08 15.66
CA LYS A 329 -2.50 20.57 14.77
C LYS A 329 -3.21 19.38 14.13
N HIS A 330 -2.47 18.30 13.91
CA HIS A 330 -3.04 17.08 13.31
C HIS A 330 -4.04 16.42 14.25
N PHE A 331 -3.56 16.04 15.43
CA PHE A 331 -4.40 15.39 16.42
C PHE A 331 -5.61 16.21 16.81
N GLU A 332 -5.44 17.51 16.94
CA GLU A 332 -6.56 18.36 17.30
C GLU A 332 -7.67 18.13 16.29
N ALA A 333 -7.33 18.18 15.01
CA ALA A 333 -8.33 17.98 13.97
C ALA A 333 -9.03 16.65 14.17
N LEU A 334 -8.25 15.60 14.40
CA LEU A 334 -8.85 14.29 14.60
C LEU A 334 -9.78 14.36 15.80
N ALA A 335 -9.28 14.95 16.88
CA ALA A 335 -10.05 15.09 18.10
C ALA A 335 -11.42 15.70 17.82
N ASN A 336 -11.47 16.84 17.13
CA ASN A 336 -12.74 17.47 16.84
C ASN A 336 -13.66 16.67 15.92
N ARG A 337 -13.08 15.86 15.03
CA ARG A 337 -13.90 15.03 14.15
C ARG A 337 -14.60 14.01 15.05
N ALA A 338 -13.80 13.20 15.75
CA ALA A 338 -14.32 12.17 16.65
C ALA A 338 -15.31 12.70 17.67
N ALA A 339 -14.98 13.84 18.29
CA ALA A 339 -15.88 14.45 19.26
C ALA A 339 -17.18 14.79 18.55
N THR A 340 -17.07 15.41 17.39
CA THR A 340 -18.24 15.76 16.59
C THR A 340 -19.01 14.53 16.05
N THR A 341 -18.32 13.41 15.87
CA THR A 341 -18.98 12.21 15.38
C THR A 341 -19.57 11.40 16.56
N GLY A 342 -19.21 11.83 17.78
CA GLY A 342 -19.72 11.16 18.97
C GLY A 342 -18.95 9.92 19.40
N HIS A 343 -17.65 9.90 19.14
CA HIS A 343 -16.83 8.75 19.49
C HIS A 343 -15.71 9.11 20.46
N VAL A 344 -15.34 8.18 21.31
CA VAL A 344 -14.28 8.40 22.29
C VAL A 344 -12.92 7.89 21.84
N ILE A 345 -11.85 8.60 22.19
CA ILE A 345 -10.50 8.17 21.86
C ILE A 345 -9.67 7.98 23.13
N ASP A 346 -9.11 6.78 23.29
CA ASP A 346 -8.28 6.50 24.44
C ASP A 346 -6.85 6.35 23.94
N ILE A 347 -5.89 6.68 24.78
CA ILE A 347 -4.49 6.55 24.41
C ILE A 347 -3.74 5.84 25.53
N TYR A 348 -3.25 4.65 25.26
CA TYR A 348 -2.48 3.91 26.26
C TYR A 348 -1.03 3.91 25.76
N ALA A 349 -0.26 4.87 26.25
CA ALA A 349 1.13 5.02 25.85
C ALA A 349 2.14 4.41 26.83
N CYS A 350 2.82 3.34 26.42
CA CYS A 350 3.79 2.69 27.29
C CYS A 350 5.16 2.50 26.64
N ALA A 351 6.08 3.40 26.96
CA ALA A 351 7.43 3.36 26.44
C ALA A 351 8.40 3.92 27.48
N LEU A 352 9.68 3.59 27.36
CA LEU A 352 10.67 4.09 28.31
C LEU A 352 10.89 5.58 28.13
N ASP A 353 10.45 6.13 27.00
CA ASP A 353 10.59 7.56 26.75
C ASP A 353 9.28 8.12 26.21
N GLN A 354 9.18 9.45 26.18
CA GLN A 354 7.97 10.13 25.70
C GLN A 354 7.39 9.51 24.42
N THR A 355 6.07 9.52 24.33
CA THR A 355 5.35 8.94 23.20
C THR A 355 4.65 9.99 22.35
N GLY A 356 4.58 11.22 22.86
CA GLY A 356 3.94 12.27 22.11
C GLY A 356 2.57 12.64 22.66
N LEU A 357 2.34 12.35 23.94
CA LEU A 357 1.07 12.66 24.56
C LEU A 357 0.71 14.13 24.42
N LEU A 358 1.70 15.00 24.66
CA LEU A 358 1.49 16.45 24.56
C LEU A 358 0.76 16.85 23.28
N GLU A 359 1.19 16.28 22.15
CA GLU A 359 0.58 16.59 20.86
C GLU A 359 -0.77 15.90 20.72
N MET A 360 -0.86 14.69 21.26
CA MET A 360 -2.07 13.89 21.18
C MET A 360 -3.12 14.17 22.26
N LYS A 361 -2.73 14.84 23.33
CA LYS A 361 -3.65 15.11 24.44
C LYS A 361 -5.09 15.50 24.09
N CYS A 362 -5.29 16.37 23.11
CA CYS A 362 -6.65 16.80 22.75
C CYS A 362 -7.65 15.69 22.43
N CYS A 363 -7.18 14.55 21.92
CA CYS A 363 -8.08 13.45 21.61
C CYS A 363 -8.74 12.92 22.88
N PRO A 364 -7.94 12.46 23.84
CA PRO A 364 -8.64 11.98 25.02
C PRO A 364 -9.19 13.15 25.86
N ASN A 365 -8.61 14.34 25.70
CA ASN A 365 -9.08 15.50 26.46
C ASN A 365 -10.42 16.03 25.98
N LEU A 366 -10.62 16.07 24.66
CA LEU A 366 -11.87 16.57 24.10
C LEU A 366 -13.01 15.55 24.08
N THR A 367 -12.71 14.32 23.66
CA THR A 367 -13.70 13.25 23.69
C THR A 367 -13.45 12.80 25.12
N GLY A 368 -14.42 12.25 25.83
CA GLY A 368 -14.13 11.88 27.20
C GLY A 368 -13.12 10.75 27.43
N GLY A 369 -12.25 10.50 26.47
CA GLY A 369 -11.29 9.41 26.57
C GLY A 369 -10.27 9.32 27.69
N TYR A 370 -9.63 8.16 27.80
CA TYR A 370 -8.61 7.92 28.83
C TYR A 370 -7.19 8.17 28.34
N MET A 371 -6.33 8.59 29.26
CA MET A 371 -4.93 8.79 28.91
C MET A 371 -4.18 7.95 29.95
N VAL A 372 -3.45 6.95 29.48
CA VAL A 372 -2.70 6.06 30.37
C VAL A 372 -1.20 5.98 30.05
N MET A 373 -0.35 6.40 30.99
CA MET A 373 1.11 6.37 30.82
C MET A 373 1.74 5.12 31.45
N GLY A 374 2.91 4.73 30.97
CA GLY A 374 3.57 3.58 31.53
C GLY A 374 4.98 3.40 30.99
N ASP A 375 5.77 2.50 31.60
CA ASP A 375 7.12 2.26 31.13
C ASP A 375 7.06 1.19 30.07
N SER A 376 6.16 0.23 30.28
CA SER A 376 5.96 -0.88 29.35
C SER A 376 4.64 -1.53 29.62
N PHE A 377 4.04 -2.11 28.59
CA PHE A 377 2.77 -2.79 28.76
C PHE A 377 2.97 -4.04 29.60
N ASN A 378 4.22 -4.48 29.72
CA ASN A 378 4.53 -5.67 30.50
C ASN A 378 4.87 -5.25 31.93
N THR A 379 3.91 -4.58 32.56
CA THR A 379 4.05 -4.12 33.93
C THR A 379 2.69 -4.23 34.59
N SER A 380 2.70 -4.54 35.89
CA SER A 380 1.45 -4.66 36.62
C SER A 380 0.78 -3.31 36.60
N LEU A 381 1.61 -2.27 36.57
CA LEU A 381 1.13 -0.90 36.53
C LEU A 381 0.11 -0.76 35.42
N PHE A 382 0.51 -1.15 34.21
CA PHE A 382 -0.38 -1.06 33.07
C PHE A 382 -1.53 -2.06 33.18
N LYS A 383 -1.22 -3.34 33.03
CA LYS A 383 -2.24 -4.39 33.06
C LYS A 383 -3.37 -4.10 34.05
N GLN A 384 -3.00 -3.72 35.27
CA GLN A 384 -3.98 -3.40 36.30
C GLN A 384 -4.87 -2.25 35.84
N THR A 385 -4.24 -1.15 35.45
CA THR A 385 -4.96 0.03 35.00
C THR A 385 -5.94 -0.29 33.88
N PHE A 386 -5.46 -1.01 32.85
CA PHE A 386 -6.30 -1.34 31.71
C PHE A 386 -7.52 -2.16 32.06
N GLN A 387 -7.42 -3.10 33.00
CA GLN A 387 -8.60 -3.87 33.30
C GLN A 387 -9.56 -3.11 34.20
N ARG A 388 -9.07 -2.06 34.86
CA ARG A 388 -9.94 -1.27 35.71
C ARG A 388 -10.82 -0.44 34.78
N VAL A 389 -10.38 -0.32 33.53
CA VAL A 389 -11.09 0.44 32.51
C VAL A 389 -12.43 -0.20 32.21
N PHE A 390 -12.49 -1.52 32.37
CA PHE A 390 -13.70 -2.29 32.09
C PHE A 390 -14.42 -2.74 33.36
N THR A 391 -14.40 -1.90 34.38
CA THR A 391 -15.06 -2.22 35.63
C THR A 391 -16.55 -2.36 35.40
N LYS A 392 -17.12 -3.42 35.96
CA LYS A 392 -18.54 -3.66 35.83
C LYS A 392 -19.28 -3.15 37.06
N ASP A 393 -20.56 -2.86 36.93
CA ASP A 393 -21.31 -2.39 38.08
C ASP A 393 -22.04 -3.57 38.66
N MET A 394 -22.81 -3.32 39.70
CA MET A 394 -23.58 -4.34 40.41
C MET A 394 -24.40 -5.25 39.50
N HIS A 395 -24.65 -4.82 38.27
CA HIS A 395 -25.43 -5.61 37.34
C HIS A 395 -24.59 -6.09 36.15
N GLY A 396 -23.28 -6.18 36.35
CA GLY A 396 -22.40 -6.66 35.29
C GLY A 396 -22.36 -5.83 34.02
N GLN A 397 -22.58 -4.52 34.15
CA GLN A 397 -22.54 -3.63 33.01
C GLN A 397 -21.38 -2.67 33.22
N PHE A 398 -20.69 -2.32 32.15
CA PHE A 398 -19.58 -1.39 32.25
C PHE A 398 -20.07 -0.11 32.90
N LYS A 399 -19.20 0.52 33.68
CA LYS A 399 -19.55 1.77 34.30
C LYS A 399 -19.21 2.85 33.27
N MET A 400 -19.58 2.60 32.02
CA MET A 400 -19.32 3.54 30.95
C MET A 400 -20.63 4.15 30.46
N GLY A 401 -20.51 5.37 29.95
CA GLY A 401 -21.64 6.08 29.40
C GLY A 401 -21.10 6.68 28.12
N PHE A 402 -21.92 6.75 27.07
CA PHE A 402 -21.44 7.28 25.79
C PHE A 402 -22.23 8.43 25.18
N GLY A 403 -21.54 9.24 24.39
CA GLY A 403 -22.15 10.36 23.70
C GLY A 403 -23.18 11.09 24.52
N GLY A 404 -22.76 11.51 25.70
CA GLY A 404 -23.64 12.24 26.58
C GLY A 404 -23.80 13.66 26.08
N THR A 405 -24.97 14.24 26.35
CA THR A 405 -25.23 15.62 25.97
C THR A 405 -25.66 16.28 27.24
N LEU A 406 -24.91 17.32 27.64
CA LEU A 406 -25.21 18.06 28.85
C LEU A 406 -25.76 19.45 28.56
N GLU A 407 -26.92 19.76 29.14
CA GLU A 407 -27.55 21.06 28.98
C GLU A 407 -27.75 21.64 30.38
N ILE A 408 -27.58 22.96 30.50
CA ILE A 408 -27.73 23.60 31.81
C ILE A 408 -28.60 24.85 31.79
N LYS A 409 -29.75 24.78 32.44
CA LYS A 409 -30.65 25.92 32.52
C LYS A 409 -30.39 26.62 33.85
N THR A 410 -30.54 27.94 33.86
CA THR A 410 -30.33 28.75 35.05
C THR A 410 -31.52 29.69 35.22
N SER A 411 -31.67 30.24 36.42
CA SER A 411 -32.76 31.18 36.68
C SER A 411 -32.43 32.41 35.88
N ARG A 412 -33.41 33.28 35.67
CA ARG A 412 -33.15 34.47 34.89
C ARG A 412 -32.08 35.40 35.47
N GLU A 413 -31.83 35.28 36.77
CA GLU A 413 -30.83 36.11 37.41
C GLU A 413 -29.42 35.55 37.25
N ILE A 414 -29.30 34.39 36.59
CA ILE A 414 -27.99 33.76 36.41
C ILE A 414 -27.65 33.46 34.96
N LYS A 415 -26.36 33.48 34.65
CA LYS A 415 -25.90 33.16 33.31
C LYS A 415 -24.70 32.24 33.33
N ILE A 416 -24.53 31.47 32.27
CA ILE A 416 -23.43 30.52 32.16
C ILE A 416 -22.21 31.15 31.51
N SER A 417 -21.11 31.20 32.26
CA SER A 417 -19.86 31.78 31.76
C SER A 417 -19.20 30.78 30.83
N GLY A 418 -19.16 29.53 31.26
CA GLY A 418 -18.53 28.51 30.46
C GLY A 418 -18.25 27.31 31.31
N ALA A 419 -17.61 26.30 30.74
CA ALA A 419 -17.29 25.08 31.47
C ALA A 419 -15.85 24.67 31.24
N ILE A 420 -15.26 23.95 32.18
CA ILE A 420 -13.89 23.48 32.03
C ILE A 420 -13.84 22.00 32.43
N GLY A 421 -13.38 21.17 31.50
CA GLY A 421 -13.28 19.74 31.75
C GLY A 421 -13.48 18.93 30.48
N PRO A 422 -13.53 17.59 30.55
CA PRO A 422 -13.71 16.78 29.34
C PRO A 422 -15.03 17.06 28.63
N CYS A 423 -14.95 17.85 27.57
CA CYS A 423 -16.13 18.20 26.82
C CYS A 423 -15.81 18.98 25.55
N VAL A 424 -16.87 19.23 24.78
CA VAL A 424 -16.78 19.99 23.55
C VAL A 424 -18.06 20.82 23.54
N SER A 425 -17.97 22.06 23.09
CA SER A 425 -19.15 22.92 23.03
C SER A 425 -20.09 22.58 21.88
N LEU A 426 -21.40 22.64 22.13
CA LEU A 426 -22.39 22.35 21.09
C LEU A 426 -22.88 23.71 20.58
N ASN A 427 -22.16 24.75 20.98
CA ASN A 427 -22.46 26.14 20.62
C ASN A 427 -23.96 26.46 20.57
N SER A 428 -24.69 25.97 21.56
CA SER A 428 -26.12 26.21 21.64
C SER A 428 -26.35 27.51 22.38
N LYS A 429 -26.75 28.54 21.64
CA LYS A 429 -27.00 29.83 22.24
C LYS A 429 -28.34 29.84 22.98
N GLY A 430 -28.60 30.89 23.76
CA GLY A 430 -29.84 30.96 24.50
C GLY A 430 -29.81 32.06 25.53
N PRO A 431 -30.86 32.21 26.35
CA PRO A 431 -30.89 33.25 27.37
C PRO A 431 -29.92 32.96 28.52
N CYS A 432 -29.68 31.68 28.78
CA CYS A 432 -28.79 31.26 29.86
C CYS A 432 -27.33 31.51 29.57
N VAL A 433 -26.94 31.59 28.31
CA VAL A 433 -25.54 31.83 27.98
C VAL A 433 -25.17 33.27 28.28
N SER A 434 -23.93 33.46 28.72
CA SER A 434 -23.42 34.78 29.04
C SER A 434 -22.50 35.27 27.95
N GLU A 435 -22.44 36.60 27.81
CA GLU A 435 -21.58 37.21 26.82
C GLU A 435 -20.15 36.97 27.27
N ASN A 436 -19.86 37.29 28.52
CA ASN A 436 -18.52 37.09 29.07
C ASN A 436 -18.36 35.60 29.30
N GLU A 437 -17.60 34.94 28.44
CA GLU A 437 -17.43 33.51 28.60
C GLU A 437 -16.11 33.08 29.20
N ILE A 438 -16.17 31.96 29.91
CA ILE A 438 -15.02 31.36 30.57
C ILE A 438 -14.86 29.94 30.03
N GLY A 439 -13.62 29.50 29.88
CA GLY A 439 -13.35 28.17 29.38
C GLY A 439 -14.11 27.88 28.10
N THR A 440 -14.75 26.71 28.04
CA THR A 440 -15.54 26.35 26.89
C THR A 440 -16.88 26.99 27.13
N GLY A 441 -17.06 28.19 26.57
CA GLY A 441 -18.29 28.94 26.75
C GLY A 441 -19.11 29.17 25.50
N GLY A 442 -19.96 30.19 25.56
CA GLY A 442 -20.83 30.53 24.45
C GLY A 442 -21.80 29.41 24.15
N THR A 443 -22.22 28.72 25.20
CA THR A 443 -23.14 27.60 25.03
C THR A 443 -23.83 27.22 26.34
N CYS A 444 -24.93 26.49 26.22
CA CYS A 444 -25.67 26.00 27.37
C CYS A 444 -25.74 24.47 27.19
N GLN A 445 -24.98 23.98 26.21
CA GLN A 445 -24.90 22.58 25.86
C GLN A 445 -23.49 22.09 25.49
N TRP A 446 -23.06 21.00 26.11
CA TRP A 446 -21.74 20.44 25.80
C TRP A 446 -21.88 18.95 25.49
N LYS A 447 -20.99 18.44 24.64
CA LYS A 447 -21.03 17.03 24.30
C LYS A 447 -19.86 16.29 24.98
N ILE A 448 -20.19 15.27 25.76
CA ILE A 448 -19.19 14.47 26.48
C ILE A 448 -19.29 13.04 25.94
N CYS A 449 -18.59 12.77 24.84
CA CYS A 449 -18.63 11.47 24.18
C CYS A 449 -18.38 10.29 25.08
N GLY A 450 -17.46 10.44 26.02
CA GLY A 450 -17.16 9.37 26.96
C GLY A 450 -17.24 9.90 28.37
N LEU A 451 -17.99 9.22 29.22
CA LEU A 451 -18.09 9.65 30.62
C LEU A 451 -18.36 8.50 31.57
N SER A 452 -17.94 8.71 32.82
CA SER A 452 -18.07 7.71 33.87
C SER A 452 -18.75 8.31 35.09
N PRO A 453 -18.90 7.52 36.16
CA PRO A 453 -19.54 8.00 37.38
C PRO A 453 -18.62 9.00 38.08
N THR A 454 -17.39 9.09 37.59
CA THR A 454 -16.40 9.98 38.16
C THR A 454 -16.24 11.28 37.39
N THR A 455 -16.53 11.26 36.10
CA THR A 455 -16.39 12.44 35.30
C THR A 455 -17.02 13.67 35.95
N THR A 456 -16.20 14.68 36.17
CA THR A 456 -16.65 15.91 36.80
C THR A 456 -16.25 17.11 35.94
N LEU A 457 -17.17 18.05 35.75
CA LEU A 457 -16.91 19.27 34.99
C LEU A 457 -16.96 20.47 35.92
N ALA A 458 -16.39 21.59 35.47
CA ALA A 458 -16.40 22.85 36.24
C ALA A 458 -17.25 23.85 35.47
N ILE A 459 -18.41 24.20 36.01
CA ILE A 459 -19.30 25.14 35.35
C ILE A 459 -19.27 26.48 36.05
N TYR A 460 -18.84 27.51 35.34
CA TYR A 460 -18.75 28.85 35.92
C TYR A 460 -19.99 29.71 35.64
N PHE A 461 -20.56 30.27 36.70
CA PHE A 461 -21.75 31.11 36.51
C PHE A 461 -21.46 32.59 36.71
N GLU A 462 -22.42 33.41 36.32
CA GLU A 462 -22.29 34.86 36.38
C GLU A 462 -23.63 35.42 36.84
N VAL A 463 -23.61 36.24 37.87
CA VAL A 463 -24.84 36.80 38.36
C VAL A 463 -25.28 37.94 37.46
N VAL A 464 -26.59 38.02 37.24
CA VAL A 464 -27.19 39.04 36.41
C VAL A 464 -28.37 39.58 37.16
N ASN A 465 -28.44 40.90 37.20
CA ASN A 465 -29.48 41.64 37.89
C ASN A 465 -28.74 42.95 37.97
N GLN A 466 -27.66 43.00 37.18
CA GLN A 466 -26.76 44.14 37.07
C GLN A 466 -27.18 45.45 37.73
N HIS A 467 -28.37 45.97 37.41
CA HIS A 467 -28.86 47.21 38.01
C HIS A 467 -28.88 47.06 39.55
N ASN A 468 -27.68 47.01 40.12
CA ASN A 468 -27.37 46.82 41.55
C ASN A 468 -28.43 46.61 42.64
N ALA A 469 -29.33 47.57 42.83
CA ALA A 469 -30.33 47.42 43.88
C ALA A 469 -31.70 47.00 43.36
N PRO A 470 -31.81 45.80 42.77
CA PRO A 470 -33.12 45.40 42.28
C PRO A 470 -33.77 44.31 43.11
N ILE A 471 -34.95 43.91 42.68
CA ILE A 471 -35.75 42.86 43.32
C ILE A 471 -34.92 41.69 43.86
N PRO A 472 -34.71 41.63 45.19
CA PRO A 472 -33.94 40.52 45.75
C PRO A 472 -34.92 39.34 45.79
N GLN A 473 -36.19 39.70 45.68
CA GLN A 473 -37.32 38.78 45.73
C GLN A 473 -37.37 37.56 44.77
N GLY A 474 -38.20 36.58 45.13
CA GLY A 474 -38.32 35.38 44.33
C GLY A 474 -37.77 34.20 45.13
N GLY A 475 -37.18 34.52 46.28
CA GLY A 475 -36.59 33.50 47.13
C GLY A 475 -35.20 33.07 46.69
N ARG A 476 -35.09 31.85 46.17
CA ARG A 476 -33.81 31.31 45.73
C ARG A 476 -33.61 31.38 44.23
N GLY A 477 -32.39 31.07 43.79
CA GLY A 477 -32.06 31.03 42.38
C GLY A 477 -31.87 29.54 42.10
N ALA A 478 -32.04 29.09 40.86
CA ALA A 478 -31.90 27.66 40.61
C ALA A 478 -31.12 27.32 39.35
N ILE A 479 -30.60 26.11 39.29
CA ILE A 479 -29.85 25.65 38.14
C ILE A 479 -30.22 24.20 37.90
N GLN A 480 -30.42 23.85 36.64
CA GLN A 480 -30.75 22.47 36.30
C GLN A 480 -29.71 21.91 35.37
N PHE A 481 -29.41 20.63 35.53
CA PHE A 481 -28.45 19.95 34.68
C PHE A 481 -29.11 18.74 34.01
N VAL A 482 -29.14 18.71 32.68
CA VAL A 482 -29.74 17.57 32.01
C VAL A 482 -28.70 16.83 31.18
N THR A 483 -28.45 15.58 31.54
CA THR A 483 -27.46 14.78 30.86
C THR A 483 -28.03 13.54 30.22
N GLN A 484 -28.11 13.56 28.90
CA GLN A 484 -28.63 12.44 28.14
C GLN A 484 -27.40 11.67 27.69
N TYR A 485 -27.48 10.35 27.72
CA TYR A 485 -26.36 9.54 27.28
C TYR A 485 -26.81 8.13 27.00
N GLN A 486 -25.90 7.38 26.39
CA GLN A 486 -26.15 5.98 26.06
C GLN A 486 -25.44 5.16 27.12
N HIS A 487 -26.22 4.54 27.99
CA HIS A 487 -25.70 3.71 29.06
C HIS A 487 -25.04 2.51 28.42
N SER A 488 -24.07 1.91 29.10
CA SER A 488 -23.36 0.75 28.56
C SER A 488 -24.33 -0.35 28.16
N SER A 489 -25.47 -0.40 28.85
CA SER A 489 -26.51 -1.41 28.60
C SER A 489 -27.21 -1.29 27.26
N GLY A 490 -26.97 -0.20 26.55
CA GLY A 490 -27.61 0.00 25.27
C GLY A 490 -28.80 0.90 25.47
N GLN A 491 -29.25 0.96 26.72
CA GLN A 491 -30.38 1.76 27.17
C GLN A 491 -30.07 3.25 27.05
N ARG A 492 -30.97 4.00 26.45
CA ARG A 492 -30.77 5.43 26.34
C ARG A 492 -31.27 6.02 27.67
N ARG A 493 -30.63 7.06 28.19
CA ARG A 493 -31.06 7.65 29.45
C ARG A 493 -30.82 9.14 29.60
N ILE A 494 -31.59 9.75 30.47
CA ILE A 494 -31.51 11.16 30.76
C ILE A 494 -31.40 11.35 32.27
N ARG A 495 -30.26 11.85 32.71
CA ARG A 495 -30.03 12.09 34.12
C ARG A 495 -30.39 13.56 34.40
N VAL A 496 -31.26 13.80 35.38
CA VAL A 496 -31.67 15.18 35.69
C VAL A 496 -31.37 15.63 37.11
N THR A 497 -30.77 16.81 37.27
CA THR A 497 -30.46 17.39 38.59
C THR A 497 -30.87 18.87 38.65
N THR A 498 -31.65 19.22 39.67
CA THR A 498 -32.09 20.60 39.85
C THR A 498 -31.68 21.02 41.26
N ILE A 499 -30.96 22.13 41.36
CA ILE A 499 -30.50 22.62 42.66
C ILE A 499 -30.86 24.07 42.82
N ALA A 500 -31.12 24.46 44.07
CA ALA A 500 -31.49 25.83 44.39
C ALA A 500 -30.72 26.28 45.62
N ARG A 501 -30.19 27.50 45.58
CA ARG A 501 -29.46 28.07 46.70
C ARG A 501 -30.13 29.42 46.99
N ASN A 502 -30.09 29.85 48.24
CA ASN A 502 -30.72 31.12 48.60
C ASN A 502 -29.98 32.37 48.13
N TRP A 503 -30.75 33.36 47.71
CA TRP A 503 -30.22 34.66 47.28
C TRP A 503 -30.00 35.45 48.57
N ALA A 504 -29.09 36.41 48.53
CA ALA A 504 -28.84 37.21 49.72
C ALA A 504 -28.42 38.62 49.35
N ASP A 505 -28.80 39.57 50.21
CA ASP A 505 -28.46 40.98 50.02
C ASP A 505 -27.09 41.14 50.67
N ALA A 506 -26.04 41.30 49.87
CA ALA A 506 -24.70 41.43 50.42
C ALA A 506 -24.53 42.63 51.34
N GLN A 507 -25.35 43.65 51.14
CA GLN A 507 -25.27 44.85 51.97
C GLN A 507 -26.04 44.66 53.27
N THR A 508 -26.42 43.42 53.57
CA THR A 508 -27.17 43.12 54.79
C THR A 508 -26.92 41.68 55.19
N GLN A 509 -26.19 40.95 54.35
CA GLN A 509 -25.94 39.53 54.62
C GLN A 509 -24.52 39.06 54.26
N ILE A 510 -23.55 39.95 54.13
CA ILE A 510 -22.20 39.50 53.79
C ILE A 510 -21.88 38.26 54.59
N GLN A 511 -22.37 38.23 55.82
CA GLN A 511 -22.15 37.13 56.74
C GLN A 511 -22.76 35.85 56.20
N ASN A 512 -24.07 35.84 56.02
CA ASN A 512 -24.78 34.68 55.50
C ASN A 512 -24.16 34.16 54.22
N ILE A 513 -23.48 35.05 53.49
CA ILE A 513 -22.81 34.71 52.25
C ILE A 513 -21.44 34.10 52.50
N ALA A 514 -20.62 34.78 53.28
CA ALA A 514 -19.28 34.30 53.59
C ALA A 514 -19.34 32.92 54.24
N ALA A 515 -20.32 32.70 55.10
CA ALA A 515 -20.44 31.41 55.77
C ALA A 515 -20.62 30.27 54.75
N SER A 516 -21.31 30.56 53.64
CA SER A 516 -21.58 29.56 52.62
C SER A 516 -20.37 29.15 51.78
N PHE A 517 -19.25 29.84 51.96
CA PHE A 517 -18.05 29.53 51.20
C PHE A 517 -17.68 28.07 51.35
N ASP A 518 -17.17 27.48 50.27
CA ASP A 518 -16.74 26.09 50.24
C ASP A 518 -15.28 26.17 49.78
N GLN A 519 -14.38 26.47 50.73
CA GLN A 519 -12.97 26.63 50.44
C GLN A 519 -12.34 25.53 49.59
N GLU A 520 -12.68 24.27 49.87
CA GLU A 520 -12.13 23.14 49.08
C GLU A 520 -12.55 23.28 47.63
N ALA A 521 -13.86 23.34 47.39
CA ALA A 521 -14.39 23.48 46.04
C ALA A 521 -13.80 24.73 45.39
N ALA A 522 -13.96 25.86 46.07
CA ALA A 522 -13.46 27.14 45.57
C ALA A 522 -12.01 26.97 45.13
N ALA A 523 -11.22 26.31 45.96
CA ALA A 523 -9.83 26.08 45.64
C ALA A 523 -9.74 25.41 44.28
N ILE A 524 -10.27 24.20 44.18
CA ILE A 524 -10.23 23.43 42.94
C ILE A 524 -10.79 24.22 41.74
N LEU A 525 -11.95 24.83 41.91
CA LEU A 525 -12.54 25.59 40.83
C LEU A 525 -11.54 26.60 40.29
N MET A 526 -10.85 27.31 41.17
CA MET A 526 -9.84 28.31 40.79
C MET A 526 -8.63 27.66 40.11
N ALA A 527 -8.21 26.51 40.64
CA ALA A 527 -7.06 25.79 40.09
C ALA A 527 -7.39 25.39 38.65
N ARG A 528 -8.66 25.06 38.43
CA ARG A 528 -9.14 24.66 37.12
C ARG A 528 -9.01 25.83 36.13
N LEU A 529 -9.40 27.03 36.57
CA LEU A 529 -9.26 28.23 35.74
C LEU A 529 -7.79 28.54 35.54
N ALA A 530 -7.02 28.49 36.61
CA ALA A 530 -5.58 28.77 36.54
C ALA A 530 -4.88 27.83 35.57
N ILE A 531 -5.24 26.55 35.61
CA ILE A 531 -4.64 25.56 34.74
C ILE A 531 -5.17 25.69 33.31
N TYR A 532 -6.43 26.09 33.14
CA TYR A 532 -6.97 26.24 31.79
C TYR A 532 -6.16 27.36 31.12
N ARG A 533 -5.88 28.42 31.86
CA ARG A 533 -5.08 29.54 31.34
C ARG A 533 -3.67 29.09 30.99
N ALA A 534 -3.05 28.34 31.91
CA ALA A 534 -1.69 27.85 31.73
C ALA A 534 -1.47 27.27 30.33
N GLU A 535 -2.54 26.80 29.70
CA GLU A 535 -2.45 26.24 28.36
C GLU A 535 -2.57 27.39 27.38
N THR A 536 -3.64 28.17 27.56
CA THR A 536 -3.94 29.33 26.74
C THR A 536 -2.70 30.20 26.56
N GLU A 537 -2.79 31.14 25.63
CA GLU A 537 -1.70 32.05 25.31
C GLU A 537 -1.04 32.71 26.52
N GLU A 538 -1.51 32.38 27.72
CA GLU A 538 -0.97 32.97 28.95
C GLU A 538 0.20 32.24 29.61
N GLY A 539 1.25 33.00 29.95
CA GLY A 539 2.44 32.44 30.58
C GLY A 539 2.41 32.48 32.10
N PRO A 540 3.56 32.72 32.79
CA PRO A 540 3.67 32.79 34.25
C PRO A 540 2.90 33.95 34.90
N ASP A 541 2.00 34.56 34.12
CA ASP A 541 1.17 35.65 34.62
C ASP A 541 0.06 34.96 35.37
N VAL A 542 0.10 33.63 35.34
CA VAL A 542 -0.88 32.80 36.02
C VAL A 542 -0.64 32.95 37.52
N LEU A 543 0.55 32.54 37.98
CA LEU A 543 0.89 32.65 39.39
C LEU A 543 0.49 34.04 39.82
N ARG A 544 0.77 35.00 38.95
CA ARG A 544 0.46 36.39 39.18
C ARG A 544 -1.04 36.59 39.51
N TRP A 545 -1.91 36.25 38.56
CA TRP A 545 -3.36 36.38 38.74
C TRP A 545 -3.90 35.58 39.94
N LEU A 546 -3.40 34.35 40.07
CA LEU A 546 -3.80 33.46 41.13
C LEU A 546 -3.54 34.13 42.48
N ASP A 547 -2.32 34.67 42.63
CA ASP A 547 -1.94 35.37 43.86
C ASP A 547 -2.77 36.63 44.10
N ARG A 548 -2.94 37.43 43.06
CA ARG A 548 -3.72 38.65 43.16
C ARG A 548 -5.07 38.32 43.78
N GLN A 549 -5.66 37.23 43.33
CA GLN A 549 -6.96 36.79 43.82
C GLN A 549 -6.91 36.35 45.28
N LEU A 550 -5.90 35.56 45.64
CA LEU A 550 -5.75 35.11 47.02
C LEU A 550 -5.76 36.33 47.95
N ILE A 551 -4.95 37.32 47.59
CA ILE A 551 -4.87 38.55 48.38
C ILE A 551 -6.24 39.21 48.52
N ARG A 552 -6.91 39.46 47.39
CA ARG A 552 -8.24 40.08 47.38
C ARG A 552 -9.23 39.36 48.28
N LEU A 553 -9.14 38.03 48.29
CA LEU A 553 -10.05 37.24 49.11
C LEU A 553 -9.78 37.47 50.59
N CYS A 554 -8.50 37.43 50.95
CA CYS A 554 -8.10 37.66 52.33
C CYS A 554 -8.62 39.03 52.75
N GLN A 555 -8.41 40.02 51.89
CA GLN A 555 -8.86 41.39 52.15
C GLN A 555 -10.36 41.52 52.36
N LYS A 556 -11.17 40.78 51.61
CA LYS A 556 -12.62 40.88 51.78
C LYS A 556 -13.23 39.97 52.85
N PHE A 557 -12.58 38.86 53.15
CA PHE A 557 -13.15 37.96 54.13
C PHE A 557 -12.28 37.68 55.34
N GLY A 558 -11.19 38.42 55.47
CA GLY A 558 -10.32 38.21 56.61
C GLY A 558 -10.52 39.21 57.75
N GLU A 559 -10.25 38.76 58.97
CA GLU A 559 -10.35 39.60 60.15
C GLU A 559 -9.01 40.31 60.30
N TYR A 560 -9.03 41.64 60.45
CA TYR A 560 -7.77 42.36 60.60
C TYR A 560 -7.88 43.90 60.66
N HIS A 561 -6.89 44.51 61.31
CA HIS A 561 -6.79 45.96 61.46
C HIS A 561 -5.79 46.39 60.40
N LYS A 562 -6.11 47.46 59.65
CA LYS A 562 -5.20 47.89 58.59
C LYS A 562 -3.75 48.07 59.01
N ASP A 563 -2.85 47.61 58.15
CA ASP A 563 -1.41 47.69 58.34
C ASP A 563 -0.92 47.05 59.64
N ASP A 564 -1.45 45.87 59.92
CA ASP A 564 -1.08 45.13 61.12
C ASP A 564 -1.15 43.63 60.80
N PRO A 565 -0.16 43.12 60.04
CA PRO A 565 -0.11 41.70 59.67
C PRO A 565 -0.44 40.75 60.82
N SER A 566 0.26 40.91 61.93
CA SER A 566 0.05 40.06 63.10
C SER A 566 -1.41 39.85 63.46
N SER A 567 -2.26 40.80 63.07
CA SER A 567 -3.69 40.72 63.39
C SER A 567 -4.49 39.87 62.42
N PHE A 568 -3.94 39.63 61.23
CA PHE A 568 -4.68 38.85 60.25
C PHE A 568 -5.01 37.42 60.67
N ARG A 569 -6.29 37.10 60.58
CA ARG A 569 -6.80 35.79 60.94
C ARG A 569 -8.00 35.46 60.06
N PHE A 570 -8.11 34.20 59.65
CA PHE A 570 -9.21 33.75 58.79
C PHE A 570 -10.23 32.93 59.57
N SER A 571 -11.49 33.04 59.18
CA SER A 571 -12.57 32.26 59.78
C SER A 571 -12.20 30.82 59.44
N GLU A 572 -12.69 29.86 60.23
CA GLU A 572 -12.35 28.47 59.94
C GLU A 572 -12.95 28.05 58.59
N THR A 573 -13.83 28.90 58.07
CA THR A 573 -14.49 28.69 56.78
C THR A 573 -13.49 28.96 55.64
N PHE A 574 -12.52 29.82 55.88
CA PHE A 574 -11.50 30.16 54.88
C PHE A 574 -10.08 29.71 55.18
N SER A 575 -9.73 29.65 56.46
CA SER A 575 -8.39 29.27 56.93
C SER A 575 -7.52 28.33 56.06
N LEU A 576 -8.13 27.39 55.35
CA LEU A 576 -7.36 26.46 54.52
C LEU A 576 -7.13 26.90 53.07
N TYR A 577 -7.92 27.86 52.59
CA TYR A 577 -7.81 28.34 51.22
C TYR A 577 -6.39 28.77 50.92
N PRO A 578 -5.81 29.59 51.79
CA PRO A 578 -4.43 30.08 51.62
C PRO A 578 -3.43 28.95 51.42
N GLN A 579 -3.52 27.94 52.28
CA GLN A 579 -2.65 26.78 52.23
C GLN A 579 -2.87 26.00 50.94
N PHE A 580 -4.10 25.97 50.46
CA PHE A 580 -4.37 25.27 49.21
C PHE A 580 -3.61 25.95 48.09
N MET A 581 -3.80 27.26 47.95
CA MET A 581 -3.11 28.00 46.90
C MET A 581 -1.61 27.74 47.03
N PHE A 582 -1.10 27.83 48.25
CA PHE A 582 0.32 27.61 48.49
C PHE A 582 0.83 26.35 47.80
N HIS A 583 0.08 25.26 47.92
CA HIS A 583 0.48 23.98 47.30
C HIS A 583 0.20 23.91 45.80
N LEU A 584 -0.75 24.69 45.33
CA LEU A 584 -1.11 24.71 43.92
C LEU A 584 -0.05 25.41 43.10
N ARG A 585 0.29 26.63 43.50
CA ARG A 585 1.28 27.39 42.75
C ARG A 585 2.65 26.74 42.65
N ARG A 586 2.98 25.85 43.59
CA ARG A 586 4.28 25.18 43.55
C ARG A 586 4.14 23.75 43.00
N SER A 587 2.94 23.44 42.49
CA SER A 587 2.63 22.10 41.97
C SER A 587 3.00 21.87 40.51
N SER A 588 3.22 20.61 40.17
CA SER A 588 3.59 20.22 38.82
C SER A 588 2.57 20.72 37.80
N PHE A 589 1.38 21.09 38.26
CA PHE A 589 0.32 21.56 37.38
C PHE A 589 0.58 22.94 36.78
N LEU A 590 1.41 23.73 37.46
CA LEU A 590 1.74 25.07 36.96
C LEU A 590 3.24 25.23 36.79
N GLN A 591 4.01 24.31 37.37
CA GLN A 591 5.46 24.36 37.27
C GLN A 591 5.89 23.15 36.45
N VAL A 592 5.72 23.27 35.15
CA VAL A 592 6.03 22.21 34.21
C VAL A 592 7.51 21.82 34.06
N PHE A 593 8.39 22.80 34.12
CA PHE A 593 9.82 22.58 33.93
C PHE A 593 10.58 21.49 34.70
N ASN A 594 9.89 20.65 35.46
CA ASN A 594 10.59 19.60 36.17
C ASN A 594 10.06 18.24 35.76
N ASN A 595 9.18 18.27 34.77
CA ASN A 595 8.56 17.07 34.23
C ASN A 595 8.67 17.17 32.71
N SER A 596 8.37 16.08 32.01
CA SER A 596 8.44 16.12 30.56
C SER A 596 7.10 16.62 30.04
N PRO A 597 7.10 17.25 28.84
CA PRO A 597 5.85 17.76 28.26
C PRO A 597 4.73 16.71 28.29
N ASP A 598 5.13 15.44 28.20
CA ASP A 598 4.20 14.35 28.22
C ASP A 598 3.63 14.20 29.64
N GLU A 599 4.50 14.07 30.63
CA GLU A 599 4.03 13.94 32.01
C GLU A 599 3.10 15.10 32.34
N SER A 600 3.56 16.31 32.05
CA SER A 600 2.75 17.49 32.32
C SER A 600 1.33 17.33 31.78
N SER A 601 1.21 16.87 30.55
CA SER A 601 -0.08 16.68 29.91
C SER A 601 -0.88 15.59 30.63
N TYR A 602 -0.19 14.56 31.08
CA TYR A 602 -0.80 13.45 31.79
C TYR A 602 -1.45 13.90 33.11
N TYR A 603 -0.73 14.70 33.89
CA TYR A 603 -1.26 15.18 35.16
C TYR A 603 -2.47 16.08 34.95
N ARG A 604 -2.32 17.06 34.07
CA ARG A 604 -3.39 18.00 33.78
C ARG A 604 -4.62 17.27 33.28
N HIS A 605 -4.40 16.22 32.49
CA HIS A 605 -5.49 15.44 31.95
C HIS A 605 -6.41 14.91 33.07
N HIS A 606 -5.79 14.30 34.07
CA HIS A 606 -6.50 13.72 35.19
C HIS A 606 -7.08 14.72 36.17
N PHE A 607 -6.39 15.83 36.39
CA PHE A 607 -6.88 16.81 37.34
C PHE A 607 -8.11 17.56 36.84
N MET A 608 -8.18 17.79 35.54
CA MET A 608 -9.30 18.53 34.98
C MET A 608 -10.54 17.66 34.87
N ARG A 609 -10.40 16.41 35.28
CA ARG A 609 -11.47 15.42 35.23
C ARG A 609 -12.05 15.16 36.61
N GLN A 610 -11.14 14.78 37.51
CA GLN A 610 -11.44 14.42 38.88
C GLN A 610 -12.50 15.19 39.64
N ASP A 611 -13.06 14.51 40.65
CA ASP A 611 -14.08 15.10 41.51
C ASP A 611 -13.33 15.94 42.52
N LEU A 612 -14.07 16.65 43.39
CA LEU A 612 -13.43 17.50 44.39
C LEU A 612 -12.47 16.76 45.32
N THR A 613 -12.88 15.57 45.75
CA THR A 613 -12.03 14.80 46.65
C THR A 613 -10.65 14.47 46.08
N GLN A 614 -10.63 13.76 44.96
CA GLN A 614 -9.35 13.37 44.35
C GLN A 614 -8.59 14.61 43.94
N SER A 615 -9.29 15.60 43.41
CA SER A 615 -8.68 16.85 42.99
C SER A 615 -7.82 17.41 44.12
N LEU A 616 -8.39 17.44 45.33
CA LEU A 616 -7.68 17.95 46.49
C LEU A 616 -6.36 17.24 46.75
N ILE A 617 -6.39 15.91 46.76
CA ILE A 617 -5.19 15.12 46.98
C ILE A 617 -4.16 15.49 45.90
N MET A 618 -4.63 15.67 44.67
CA MET A 618 -3.72 16.05 43.59
C MET A 618 -3.04 17.40 43.83
N ILE A 619 -3.76 18.36 44.38
CA ILE A 619 -3.24 19.69 44.65
C ILE A 619 -2.43 19.75 45.94
N GLN A 620 -2.83 18.95 46.93
CA GLN A 620 -2.16 18.93 48.23
C GLN A 620 -2.08 17.49 48.78
N PRO A 621 -1.00 16.78 48.48
CA PRO A 621 -0.80 15.40 48.94
C PRO A 621 -1.02 15.20 50.43
N ILE A 622 -1.62 14.07 50.77
CA ILE A 622 -1.91 13.73 52.14
C ILE A 622 -0.73 12.95 52.68
N LEU A 623 -0.34 13.26 53.92
CA LEU A 623 0.78 12.57 54.53
C LEU A 623 0.35 11.98 55.87
N TYR A 624 0.29 10.65 55.97
CA TYR A 624 -0.09 10.01 57.23
C TYR A 624 1.16 9.45 57.90
N ALA A 625 1.21 9.56 59.23
CA ALA A 625 2.34 9.05 60.00
C ALA A 625 1.93 7.85 60.84
N TYR A 626 2.82 6.87 60.92
CA TYR A 626 2.58 5.66 61.69
C TYR A 626 3.68 5.58 62.75
N SER A 627 3.31 5.23 63.97
CA SER A 627 4.30 5.14 65.04
C SER A 627 3.76 4.29 66.18
N PHE A 628 4.65 3.58 66.86
CA PHE A 628 4.24 2.73 67.97
C PHE A 628 3.36 3.49 68.94
N SER A 629 3.51 4.81 68.97
CA SER A 629 2.74 5.64 69.88
C SER A 629 1.45 6.21 69.31
N GLY A 630 0.45 5.37 69.10
CA GLY A 630 -0.83 5.84 68.58
C GLY A 630 -1.12 5.50 67.12
N PRO A 631 -2.41 5.36 66.76
CA PRO A 631 -2.84 5.02 65.39
C PRO A 631 -2.41 6.04 64.34
N PRO A 632 -2.45 5.63 63.06
CA PRO A 632 -2.07 6.48 61.93
C PRO A 632 -2.84 7.80 61.96
N GLU A 633 -2.13 8.92 61.86
CA GLU A 633 -2.77 10.21 61.89
C GLU A 633 -2.21 11.13 60.84
N PRO A 634 -3.08 11.77 60.04
CA PRO A 634 -2.58 12.68 59.00
C PRO A 634 -1.67 13.71 59.68
N VAL A 635 -0.57 14.06 59.01
CA VAL A 635 0.37 15.02 59.55
C VAL A 635 0.70 16.07 58.49
N LEU A 636 1.17 17.24 58.93
CA LEU A 636 1.48 18.33 58.01
C LEU A 636 2.44 17.90 56.88
N LEU A 637 2.20 18.43 55.67
CA LEU A 637 3.04 18.12 54.52
C LEU A 637 4.32 18.93 54.69
N ASP A 638 4.92 18.83 55.87
CA ASP A 638 6.14 19.56 56.21
C ASP A 638 7.27 18.61 56.57
N SER A 639 8.50 19.12 56.56
CA SER A 639 9.67 18.33 56.92
C SER A 639 9.54 17.96 58.39
N SER A 640 8.95 18.87 59.16
CA SER A 640 8.76 18.67 60.59
C SER A 640 8.07 17.34 60.83
N SER A 641 7.23 16.93 59.89
CA SER A 641 6.51 15.68 60.03
C SER A 641 7.41 14.47 59.86
N ILE A 642 8.59 14.69 59.29
CA ILE A 642 9.56 13.61 59.06
C ILE A 642 10.39 13.36 60.32
N LEU A 643 10.05 12.29 61.04
CA LEU A 643 10.75 11.93 62.27
C LEU A 643 11.49 10.60 62.12
N ALA A 644 12.43 10.35 63.03
CA ALA A 644 13.23 9.13 62.98
C ALA A 644 12.48 7.86 63.37
N ASP A 645 11.58 7.96 64.33
CA ASP A 645 10.82 6.82 64.82
C ASP A 645 9.46 6.71 64.20
N ARG A 646 9.27 7.36 63.05
CA ARG A 646 7.98 7.37 62.37
C ARG A 646 8.08 6.86 60.92
N ILE A 647 6.99 6.27 60.44
CA ILE A 647 6.91 5.80 59.05
C ILE A 647 5.88 6.72 58.38
N LEU A 648 6.15 7.14 57.15
CA LEU A 648 5.22 8.02 56.45
C LEU A 648 4.64 7.39 55.17
N LEU A 649 3.37 7.69 54.90
CA LEU A 649 2.66 7.22 53.73
C LEU A 649 2.20 8.50 53.05
N MET A 650 2.91 8.90 52.00
CA MET A 650 2.54 10.11 51.28
C MET A 650 1.71 9.70 50.10
N ASP A 651 0.50 10.25 50.01
CA ASP A 651 -0.36 9.90 48.92
C ASP A 651 -0.70 11.07 48.03
N THR A 652 0.08 11.24 46.97
CA THR A 652 -0.24 12.26 46.00
C THR A 652 -1.26 11.42 45.23
N PHE A 653 -1.86 11.92 44.17
CA PHE A 653 -2.82 11.04 43.51
C PHE A 653 -2.11 10.01 42.62
N PHE A 654 -1.07 10.46 41.93
CA PHE A 654 -0.32 9.61 41.01
C PHE A 654 0.66 8.60 41.59
N GLN A 655 1.03 8.76 42.87
CA GLN A 655 1.90 7.78 43.50
C GLN A 655 1.66 7.64 45.00
N ILE A 656 1.95 6.45 45.50
CA ILE A 656 1.82 6.13 46.92
C ILE A 656 3.25 5.87 47.39
N LEU A 657 3.74 6.69 48.31
CA LEU A 657 5.10 6.53 48.81
C LEU A 657 5.11 6.25 50.31
N ILE A 658 5.96 5.31 50.71
CA ILE A 658 6.12 4.95 52.11
C ILE A 658 7.56 5.29 52.45
N TYR A 659 7.74 6.07 53.50
CA TYR A 659 9.06 6.50 53.93
C TYR A 659 9.39 6.03 55.34
N HIS A 660 10.47 5.25 55.46
CA HIS A 660 10.92 4.75 56.74
C HIS A 660 11.88 5.76 57.37
N GLY A 661 11.57 6.23 58.57
CA GLY A 661 12.44 7.18 59.25
C GLY A 661 13.74 6.49 59.66
N GLU A 662 14.78 7.28 59.94
CA GLU A 662 16.10 6.75 60.31
C GLU A 662 16.09 5.59 61.32
N THR A 663 15.54 5.81 62.50
CA THR A 663 15.46 4.78 63.53
C THR A 663 14.88 3.49 62.95
N ILE A 664 13.66 3.60 62.42
CA ILE A 664 12.95 2.46 61.84
C ILE A 664 13.69 1.81 60.67
N ALA A 665 14.45 2.61 59.94
CA ALA A 665 15.22 2.09 58.81
C ALA A 665 16.25 1.08 59.30
N GLN A 666 16.93 1.44 60.39
CA GLN A 666 17.95 0.61 60.99
C GLN A 666 17.34 -0.65 61.60
N TRP A 667 16.27 -0.48 62.37
CA TRP A 667 15.61 -1.62 62.96
C TRP A 667 15.23 -2.60 61.86
N ARG A 668 14.87 -2.07 60.69
CA ARG A 668 14.46 -2.88 59.55
C ARG A 668 15.65 -3.51 58.79
N LYS A 669 16.76 -2.77 58.66
CA LYS A 669 17.93 -3.32 57.98
C LYS A 669 18.66 -4.28 58.92
N SER A 670 18.30 -4.22 60.19
CA SER A 670 18.91 -5.07 61.20
C SER A 670 18.22 -6.43 61.27
N GLY A 671 16.94 -6.49 60.90
CA GLY A 671 16.23 -7.75 60.89
C GLY A 671 15.25 -8.04 62.02
N TYR A 672 15.10 -7.12 62.96
CA TYR A 672 14.19 -7.33 64.07
C TYR A 672 12.80 -7.84 63.64
N GLN A 673 12.39 -7.54 62.41
CA GLN A 673 11.06 -7.94 61.94
C GLN A 673 10.78 -9.44 61.97
N ASP A 674 11.76 -10.23 61.53
CA ASP A 674 11.60 -11.69 61.50
C ASP A 674 11.50 -12.27 62.91
N MET A 675 12.33 -11.76 63.83
CA MET A 675 12.34 -12.23 65.21
C MET A 675 10.92 -12.25 65.81
N PRO A 676 10.56 -13.35 66.50
CA PRO A 676 9.24 -13.51 67.13
C PRO A 676 9.01 -12.56 68.30
N GLU A 677 10.10 -12.02 68.83
CA GLU A 677 10.01 -11.10 69.95
C GLU A 677 9.36 -9.79 69.50
N TYR A 678 9.77 -9.32 68.33
CA TYR A 678 9.26 -8.07 67.81
C TYR A 678 8.04 -8.21 66.92
N GLU A 679 7.00 -8.84 67.47
CA GLU A 679 5.75 -9.03 66.75
C GLU A 679 5.25 -7.70 66.21
N ASN A 680 5.03 -6.76 67.12
CA ASN A 680 4.54 -5.44 66.80
C ASN A 680 5.36 -4.72 65.72
N PHE A 681 6.67 -4.65 65.90
CA PHE A 681 7.48 -3.98 64.90
C PHE A 681 7.13 -4.51 63.52
N ARG A 682 7.09 -5.84 63.38
CA ARG A 682 6.75 -6.45 62.10
C ARG A 682 5.40 -5.91 61.64
N HIS A 683 4.51 -5.64 62.59
CA HIS A 683 3.19 -5.10 62.29
C HIS A 683 3.34 -3.68 61.81
N LEU A 684 4.06 -2.88 62.58
CA LEU A 684 4.24 -1.48 62.24
C LEU A 684 4.72 -1.32 60.81
N LEU A 685 5.72 -2.11 60.43
CA LEU A 685 6.23 -2.03 59.07
C LEU A 685 5.13 -2.32 58.08
N GLN A 686 4.27 -3.28 58.41
CA GLN A 686 3.18 -3.69 57.54
C GLN A 686 2.00 -2.73 57.49
N ALA A 687 1.66 -2.14 58.63
CA ALA A 687 0.52 -1.22 58.71
C ALA A 687 0.37 -0.31 57.49
N PRO A 688 1.36 0.56 57.22
CA PRO A 688 1.28 1.48 56.08
C PRO A 688 1.21 0.75 54.73
N VAL A 689 1.92 -0.38 54.62
CA VAL A 689 1.92 -1.15 53.39
C VAL A 689 0.53 -1.67 53.06
N ASP A 690 -0.21 -2.09 54.09
CA ASP A 690 -1.54 -2.61 53.90
C ASP A 690 -2.49 -1.57 53.32
N ASP A 691 -2.41 -0.36 53.86
CA ASP A 691 -3.28 0.71 53.39
C ASP A 691 -2.91 1.18 51.98
N ALA A 692 -1.68 0.88 51.56
CA ALA A 692 -1.23 1.25 50.23
C ALA A 692 -1.76 0.24 49.22
N GLN A 693 -2.01 -0.99 49.70
CA GLN A 693 -2.53 -2.05 48.86
C GLN A 693 -3.97 -1.75 48.48
N GLU A 694 -4.73 -1.17 49.41
CA GLU A 694 -6.14 -0.84 49.14
C GLU A 694 -6.23 0.20 48.05
N ILE A 695 -5.44 1.25 48.21
CA ILE A 695 -5.41 2.35 47.26
C ILE A 695 -4.96 1.85 45.89
N LEU A 696 -4.02 0.92 45.89
CA LEU A 696 -3.47 0.34 44.67
C LEU A 696 -4.42 -0.60 43.93
N HIS A 697 -5.71 -0.49 44.24
CA HIS A 697 -6.73 -1.29 43.57
C HIS A 697 -7.90 -0.34 43.37
N SER A 698 -8.27 0.34 44.45
CA SER A 698 -9.38 1.28 44.42
C SER A 698 -9.16 2.42 43.43
N ARG A 699 -7.99 3.04 43.45
CA ARG A 699 -7.71 4.16 42.56
C ARG A 699 -7.68 3.74 41.11
N PHE A 700 -8.24 4.56 40.22
CA PHE A 700 -8.25 4.18 38.82
C PHE A 700 -6.86 4.24 38.23
N PRO A 701 -6.44 5.41 37.69
CA PRO A 701 -5.08 5.25 37.18
C PRO A 701 -4.27 4.74 38.38
N MET A 702 -3.86 3.47 38.33
CA MET A 702 -3.13 2.91 39.43
C MET A 702 -1.86 3.69 39.66
N PRO A 703 -1.70 4.23 40.86
CA PRO A 703 -0.51 5.02 41.19
C PRO A 703 0.78 4.25 41.18
N ARG A 704 1.88 4.96 40.93
CA ARG A 704 3.19 4.36 40.94
C ARG A 704 3.49 4.15 42.43
N TYR A 705 4.17 3.06 42.77
CA TYR A 705 4.49 2.79 44.16
C TYR A 705 5.98 3.03 44.44
N ILE A 706 6.31 3.38 45.68
CA ILE A 706 7.69 3.61 46.08
C ILE A 706 7.85 3.26 47.54
N ASP A 707 8.86 2.46 47.85
CA ASP A 707 9.15 2.09 49.23
C ASP A 707 10.57 2.62 49.48
N THR A 708 10.70 3.71 50.23
CA THR A 708 12.01 4.29 50.51
C THR A 708 12.24 4.47 52.00
N GLU A 709 13.39 5.06 52.34
CA GLU A 709 13.76 5.28 53.73
C GLU A 709 14.82 6.35 53.84
N HIS A 710 15.10 6.77 55.07
CA HIS A 710 16.11 7.78 55.36
C HIS A 710 17.37 7.50 54.53
N GLY A 711 17.84 8.50 53.79
CA GLY A 711 19.03 8.32 52.98
C GLY A 711 18.88 7.32 51.85
N GLY A 712 17.66 7.16 51.36
CA GLY A 712 17.42 6.23 50.27
C GLY A 712 17.60 6.93 48.94
N SER A 713 17.90 6.18 47.90
CA SER A 713 18.10 6.79 46.60
C SER A 713 16.85 7.52 46.16
N GLN A 714 15.71 7.14 46.74
CA GLN A 714 14.44 7.76 46.35
C GLN A 714 13.75 8.64 47.38
N ALA A 715 14.50 9.08 48.39
CA ALA A 715 13.92 9.95 49.40
C ALA A 715 13.48 11.21 48.67
N ARG A 716 14.22 11.52 47.61
CA ARG A 716 13.94 12.68 46.77
C ARG A 716 12.45 12.87 46.51
N PHE A 717 11.78 11.79 46.12
CA PHE A 717 10.34 11.86 45.84
C PHE A 717 9.51 12.40 46.98
N LEU A 718 10.00 12.22 48.22
CA LEU A 718 9.26 12.71 49.38
C LEU A 718 9.70 14.11 49.74
N LEU A 719 11.00 14.28 49.85
CA LEU A 719 11.53 15.58 50.22
C LEU A 719 11.03 16.68 49.28
N SER A 720 11.15 16.47 47.97
CA SER A 720 10.68 17.47 47.01
C SER A 720 9.22 17.87 47.23
N LYS A 721 8.35 16.91 47.48
CA LYS A 721 6.94 17.22 47.70
C LYS A 721 6.70 17.91 49.03
N VAL A 722 7.71 17.93 49.90
CA VAL A 722 7.59 18.55 51.21
C VAL A 722 8.42 19.84 51.34
N PRO A 741 5.61 42.13 39.68
CA PRO A 741 6.06 41.30 40.80
C PRO A 741 5.17 40.09 41.10
N ILE A 742 5.70 39.11 41.82
CA ILE A 742 4.93 37.91 42.17
C ILE A 742 4.82 37.80 43.69
N LEU A 743 3.68 37.29 44.17
CA LEU A 743 3.43 37.14 45.61
C LEU A 743 4.51 36.44 46.41
N THR A 744 5.42 35.75 45.74
CA THR A 744 6.52 35.06 46.43
C THR A 744 7.23 34.09 45.48
N ASP A 745 8.14 33.30 46.03
CA ASP A 745 8.89 32.34 45.24
C ASP A 745 8.90 30.97 45.95
N ASP A 746 9.77 30.09 45.48
CA ASP A 746 9.90 28.73 46.03
C ASP A 746 10.28 28.80 47.53
N VAL A 747 9.37 29.29 48.37
CA VAL A 747 9.64 29.41 49.80
C VAL A 747 8.86 28.39 50.64
N SER A 748 8.70 28.69 51.93
CA SER A 748 7.96 27.81 52.83
C SER A 748 6.56 28.38 53.05
N LEU A 749 5.63 27.52 53.47
CA LEU A 749 4.26 27.95 53.72
C LEU A 749 4.19 29.10 54.72
N GLN A 750 5.10 29.09 55.69
CA GLN A 750 5.14 30.15 56.70
C GLN A 750 5.49 31.48 56.04
N VAL A 751 6.69 31.58 55.47
CA VAL A 751 7.11 32.80 54.79
C VAL A 751 5.98 33.28 53.89
N PHE A 752 5.45 32.35 53.10
CA PHE A 752 4.35 32.63 52.17
C PHE A 752 3.18 33.25 52.92
N MET A 753 2.85 32.67 54.07
CA MET A 753 1.75 33.19 54.86
C MET A 753 2.08 34.58 55.39
N ASP A 754 3.37 34.83 55.65
CA ASP A 754 3.78 36.13 56.15
C ASP A 754 3.63 37.16 55.05
N HIS A 755 4.39 37.03 53.99
CA HIS A 755 4.29 37.98 52.89
C HIS A 755 2.80 38.15 52.54
N LEU A 756 2.04 37.06 52.65
CA LEU A 756 0.62 37.14 52.36
C LEU A 756 -0.08 38.07 53.36
N LYS A 757 0.04 37.73 54.65
CA LYS A 757 -0.58 38.51 55.72
C LYS A 757 -0.36 40.02 55.65
N LYS A 758 0.85 40.43 55.30
CA LYS A 758 1.17 41.86 55.23
C LYS A 758 0.52 42.55 54.04
N LEU A 759 0.41 41.86 52.91
CA LEU A 759 -0.20 42.49 51.74
C LEU A 759 -1.71 42.56 51.89
N ALA A 760 -2.27 41.66 52.70
CA ALA A 760 -3.71 41.62 52.89
C ALA A 760 -4.22 42.79 53.72
N VAL A 761 -3.36 43.30 54.60
CA VAL A 761 -3.74 44.38 55.48
C VAL A 761 -3.46 45.82 55.00
N SER A 762 -2.60 45.99 53.99
CA SER A 762 -2.31 47.33 53.51
C SER A 762 -3.23 47.72 52.35
N ALA B 1 7.05 -15.59 -66.39
CA ALA B 1 6.80 -16.68 -65.41
C ALA B 1 7.96 -16.73 -64.43
N MET B 2 7.67 -16.36 -63.18
CA MET B 2 8.67 -16.35 -62.09
C MET B 2 8.88 -17.63 -61.24
N GLY B 3 10.13 -17.75 -60.71
CA GLY B 3 10.62 -18.86 -59.85
C GLY B 3 9.87 -18.82 -58.51
N SER B 4 8.69 -19.48 -58.41
CA SER B 4 7.81 -19.44 -57.20
C SER B 4 8.51 -19.76 -55.88
N PRO B 5 7.81 -19.41 -54.79
CA PRO B 5 8.42 -19.65 -53.49
C PRO B 5 8.69 -21.07 -53.18
N ILE B 6 7.72 -21.91 -53.51
CA ILE B 6 7.82 -23.33 -53.25
C ILE B 6 9.00 -23.90 -54.00
N GLN B 7 9.11 -23.58 -55.29
CA GLN B 7 10.22 -24.11 -56.06
C GLN B 7 11.53 -23.71 -55.43
N VAL B 8 11.64 -22.45 -55.05
CA VAL B 8 12.87 -21.94 -54.44
C VAL B 8 13.21 -22.66 -53.13
N ILE B 9 12.21 -22.87 -52.29
CA ILE B 9 12.42 -23.54 -51.02
C ILE B 9 12.80 -25.02 -51.24
N GLU B 10 12.15 -25.65 -52.19
CA GLU B 10 12.39 -27.06 -52.49
C GLU B 10 13.75 -27.28 -53.11
N ASN B 11 14.11 -26.46 -54.09
CA ASN B 11 15.39 -26.60 -54.75
C ASN B 11 16.54 -26.54 -53.74
N ASP B 12 16.46 -25.61 -52.80
CA ASP B 12 17.50 -25.47 -51.80
C ASP B 12 17.52 -26.70 -50.90
N ARG B 13 16.34 -27.21 -50.55
CA ARG B 13 16.26 -28.40 -49.70
C ARG B 13 16.91 -29.58 -50.41
N ALA B 14 16.82 -29.57 -51.74
CA ALA B 14 17.39 -30.62 -52.56
C ALA B 14 18.91 -30.61 -52.48
N SER B 15 19.50 -29.54 -52.99
CA SER B 15 20.94 -29.38 -53.03
C SER B 15 21.67 -29.15 -51.70
N ARG B 16 20.99 -28.65 -50.68
CA ARG B 16 21.67 -28.36 -49.42
C ARG B 16 21.18 -29.09 -48.19
N GLY B 17 19.96 -29.60 -48.23
CA GLY B 17 19.42 -30.30 -47.09
C GLY B 17 20.22 -31.55 -46.81
N GLY B 18 19.99 -32.15 -45.64
CA GLY B 18 20.69 -33.38 -45.28
C GLY B 18 22.20 -33.36 -45.43
N GLN B 19 22.77 -32.17 -45.40
CA GLN B 19 24.21 -32.03 -45.53
C GLN B 19 24.79 -31.15 -44.44
N VAL B 20 26.07 -31.38 -44.11
CA VAL B 20 26.70 -30.58 -43.08
C VAL B 20 27.14 -29.23 -43.58
N TYR B 21 26.83 -28.21 -42.80
CA TYR B 21 27.20 -26.84 -43.12
C TYR B 21 28.26 -26.48 -42.10
N ALA B 22 29.50 -26.39 -42.56
CA ALA B 22 30.59 -26.03 -41.67
C ALA B 22 30.86 -24.55 -41.87
N THR B 23 30.78 -23.79 -40.79
CA THR B 23 31.00 -22.36 -40.85
C THR B 23 32.49 -22.04 -40.73
N ASN B 24 33.27 -22.52 -41.71
CA ASN B 24 34.72 -22.31 -41.71
C ASN B 24 35.17 -21.27 -42.73
N THR B 25 34.37 -21.01 -43.74
CA THR B 25 34.74 -20.02 -44.72
C THR B 25 34.19 -18.68 -44.26
N ARG B 26 34.79 -17.60 -44.74
CA ARG B 26 34.35 -16.27 -44.34
C ARG B 26 32.96 -15.87 -44.81
N GLY B 27 32.90 -15.02 -45.84
CA GLY B 27 31.60 -14.55 -46.32
C GLY B 27 30.69 -15.62 -46.89
N GLN B 28 30.80 -16.84 -46.37
CA GLN B 28 30.01 -17.97 -46.83
C GLN B 28 28.50 -17.85 -46.68
N ILE B 29 27.81 -18.05 -47.79
CA ILE B 29 26.36 -18.00 -47.85
C ILE B 29 25.73 -19.27 -47.26
N PRO B 30 24.84 -19.13 -46.27
CA PRO B 30 24.19 -20.28 -45.65
C PRO B 30 22.89 -20.70 -46.35
N PRO B 31 22.41 -21.92 -46.07
CA PRO B 31 21.17 -22.41 -46.68
C PRO B 31 20.01 -21.55 -46.16
N LEU B 32 18.85 -21.67 -46.80
CA LEU B 32 17.67 -20.90 -46.40
C LEU B 32 17.18 -21.45 -45.06
N VAL B 33 16.44 -20.66 -44.28
CA VAL B 33 15.95 -21.12 -42.98
C VAL B 33 14.96 -22.26 -43.19
N THR B 34 14.41 -22.32 -44.40
CA THR B 34 13.44 -23.33 -44.77
C THR B 34 14.08 -24.69 -45.05
N THR B 35 15.42 -24.74 -45.07
CA THR B 35 16.15 -25.98 -45.34
C THR B 35 16.77 -26.63 -44.10
N ASP B 36 16.47 -27.91 -43.88
CA ASP B 36 16.99 -28.65 -42.71
C ASP B 36 18.31 -29.35 -42.98
N CYS B 37 19.38 -28.79 -42.44
CA CYS B 37 20.72 -29.34 -42.60
C CYS B 37 21.37 -29.38 -41.24
N MET B 38 22.50 -30.07 -41.13
CA MET B 38 23.18 -30.13 -39.85
C MET B 38 24.26 -29.08 -39.86
N ILE B 39 24.38 -28.38 -38.75
CA ILE B 39 25.38 -27.33 -38.64
C ILE B 39 26.44 -27.61 -37.60
N GLN B 40 27.69 -27.43 -38.03
CA GLN B 40 28.84 -27.63 -37.17
C GLN B 40 29.59 -26.30 -37.15
N ASP B 41 29.73 -25.71 -35.96
CA ASP B 41 30.39 -24.40 -35.83
C ASP B 41 31.64 -24.32 -36.67
N GLN B 42 32.81 -24.44 -36.04
CA GLN B 42 34.05 -24.42 -36.81
C GLN B 42 34.59 -23.05 -37.24
N GLY B 43 34.32 -22.00 -36.46
CA GLY B 43 34.83 -20.68 -36.82
C GLY B 43 33.84 -19.53 -36.72
N ASN B 44 32.91 -19.47 -37.68
CA ASN B 44 31.89 -18.43 -37.73
C ASN B 44 30.59 -18.92 -37.08
N ALA B 45 29.81 -18.00 -36.52
CA ALA B 45 28.56 -18.35 -35.85
C ALA B 45 27.53 -19.08 -36.72
N SER B 46 26.79 -19.98 -36.07
CA SER B 46 25.77 -20.77 -36.73
C SER B 46 24.69 -19.89 -37.34
N PRO B 47 24.21 -20.25 -38.52
CA PRO B 47 23.17 -19.40 -39.11
C PRO B 47 21.88 -19.40 -38.26
N ARG B 48 21.82 -20.28 -37.26
CA ARG B 48 20.67 -20.36 -36.36
C ARG B 48 20.67 -19.19 -35.38
N PHE B 49 21.86 -18.68 -35.07
CA PHE B 49 22.02 -17.54 -34.17
C PHE B 49 21.98 -16.24 -34.96
N ILE B 50 22.56 -16.23 -36.15
CA ILE B 50 22.57 -15.01 -36.93
C ILE B 50 22.70 -15.15 -38.43
N ARG B 51 21.73 -14.57 -39.12
CA ARG B 51 21.71 -14.55 -40.57
C ARG B 51 21.84 -13.09 -41.00
N CYS B 52 22.16 -12.87 -42.27
CA CYS B 52 22.36 -11.52 -42.80
C CYS B 52 21.64 -11.30 -44.10
N THR B 53 21.42 -10.03 -44.44
CA THR B 53 20.74 -9.67 -45.67
C THR B 53 21.69 -9.91 -46.83
N THR B 54 22.99 -9.88 -46.53
CA THR B 54 24.04 -10.14 -47.51
C THR B 54 25.24 -10.60 -46.74
N TYR B 55 25.95 -11.58 -47.25
CA TYR B 55 27.11 -12.06 -46.55
C TYR B 55 28.39 -11.51 -47.17
N CYS B 56 28.20 -10.45 -47.95
CA CYS B 56 29.30 -9.77 -48.60
C CYS B 56 28.92 -8.29 -48.69
N PHE B 57 29.48 -7.49 -47.79
CA PHE B 57 29.19 -6.06 -47.74
C PHE B 57 29.85 -5.25 -48.82
N PRO B 58 29.17 -4.18 -49.27
CA PRO B 58 29.72 -3.31 -50.30
C PRO B 58 30.92 -2.63 -49.63
N CYS B 59 31.96 -2.30 -50.39
CA CYS B 59 33.15 -1.71 -49.80
C CYS B 59 33.09 -0.27 -49.37
N THR B 60 32.32 0.52 -50.11
CA THR B 60 32.22 1.93 -49.82
C THR B 60 30.78 2.34 -49.61
N SER B 61 30.59 3.52 -49.05
CA SER B 61 29.25 4.03 -48.81
C SER B 61 28.50 4.31 -50.11
N ASP B 62 29.19 4.84 -51.11
CA ASP B 62 28.54 5.14 -52.40
C ASP B 62 28.06 3.88 -53.09
N MET B 63 28.85 2.82 -53.02
CA MET B 63 28.46 1.55 -53.62
C MET B 63 27.12 1.20 -52.94
N ALA B 64 27.18 0.96 -51.64
CA ALA B 64 25.99 0.66 -50.86
C ALA B 64 24.82 1.54 -51.31
N LYS B 65 25.11 2.83 -51.51
CA LYS B 65 24.09 3.80 -51.92
C LYS B 65 23.53 3.53 -53.31
N GLN B 66 24.37 3.02 -54.22
CA GLN B 66 23.92 2.70 -55.55
C GLN B 66 22.89 1.58 -55.45
N ALA B 67 23.31 0.48 -54.85
CA ALA B 67 22.48 -0.70 -54.69
C ALA B 67 21.26 -0.51 -53.81
N GLN B 68 21.43 0.18 -52.68
CA GLN B 68 20.33 0.37 -51.75
C GLN B 68 19.81 -0.92 -51.11
N ILE B 69 20.70 -1.91 -51.00
CA ILE B 69 20.39 -3.20 -50.38
C ILE B 69 20.71 -2.99 -48.90
N PRO B 70 19.69 -2.97 -48.04
CA PRO B 70 20.02 -2.77 -46.63
C PRO B 70 20.96 -3.81 -46.05
N LEU B 71 22.04 -3.36 -45.42
CA LEU B 71 23.02 -4.26 -44.79
C LEU B 71 22.57 -4.41 -43.35
N ALA B 72 22.13 -5.61 -42.97
CA ALA B 72 21.67 -5.84 -41.60
C ALA B 72 21.78 -7.30 -41.18
N ALA B 73 21.53 -7.55 -39.91
CA ALA B 73 21.61 -8.90 -39.38
C ALA B 73 20.45 -9.23 -38.43
N VAL B 74 19.91 -10.44 -38.59
CA VAL B 74 18.85 -10.90 -37.71
C VAL B 74 19.59 -11.80 -36.71
N ILE B 75 19.58 -11.40 -35.44
CA ILE B 75 20.28 -12.10 -34.37
C ILE B 75 19.42 -12.73 -33.28
N LYS B 76 19.50 -14.05 -33.15
CA LYS B 76 18.74 -14.77 -32.12
C LYS B 76 19.78 -15.39 -31.18
N PRO B 77 20.32 -14.57 -30.27
CA PRO B 77 21.33 -14.88 -29.25
C PRO B 77 21.19 -16.22 -28.55
N PHE B 78 19.95 -16.58 -28.22
CA PHE B 78 19.71 -17.83 -27.52
C PHE B 78 18.84 -18.81 -28.28
N ALA B 79 19.02 -18.83 -29.60
CA ALA B 79 18.28 -19.72 -30.48
C ALA B 79 18.51 -21.16 -30.05
N THR B 80 17.42 -21.92 -29.98
CA THR B 80 17.50 -23.32 -29.59
C THR B 80 18.35 -24.07 -30.60
N ILE B 81 19.39 -24.76 -30.12
CA ILE B 81 20.24 -25.53 -31.02
C ILE B 81 19.80 -27.00 -31.00
N PRO B 82 19.73 -27.65 -32.18
CA PRO B 82 19.31 -29.05 -32.29
C PRO B 82 20.11 -29.97 -31.36
N SER B 83 19.46 -31.03 -30.90
CA SER B 83 20.09 -32.00 -30.00
C SER B 83 21.31 -32.62 -30.64
N ASN B 84 21.22 -32.82 -31.95
CA ASN B 84 22.28 -33.44 -32.76
C ASN B 84 23.39 -32.48 -33.15
N GLU B 85 23.34 -31.26 -32.61
CA GLU B 85 24.38 -30.26 -32.92
C GLU B 85 25.12 -29.96 -31.63
N SER B 86 26.40 -29.63 -31.74
CA SER B 86 27.20 -29.37 -30.55
C SER B 86 26.80 -28.11 -29.78
N PRO B 87 26.68 -28.23 -28.45
CA PRO B 87 26.32 -27.12 -27.56
C PRO B 87 27.47 -26.13 -27.29
N LEU B 88 27.10 -24.95 -26.82
CA LEU B 88 28.09 -23.92 -26.54
C LEU B 88 28.99 -24.30 -25.39
N TYR B 89 30.18 -23.72 -25.38
CA TYR B 89 31.16 -23.96 -24.32
C TYR B 89 31.23 -22.76 -23.39
N LEU B 90 31.58 -23.01 -22.13
CA LEU B 90 31.68 -21.94 -21.15
C LEU B 90 33.14 -21.66 -20.79
N VAL B 91 33.67 -20.57 -21.34
CA VAL B 91 35.04 -20.17 -21.09
C VAL B 91 35.20 -19.27 -19.87
N ASN B 92 36.14 -19.63 -18.99
CA ASN B 92 36.40 -18.84 -17.78
C ASN B 92 37.83 -18.31 -17.76
N HIS B 93 38.00 -17.01 -17.96
CA HIS B 93 39.31 -16.40 -17.97
C HIS B 93 39.82 -16.00 -16.59
N GLY B 94 39.17 -16.49 -15.54
CA GLY B 94 39.61 -16.19 -14.19
C GLY B 94 39.40 -14.77 -13.69
N GLU B 95 39.95 -14.50 -12.50
CA GLU B 95 39.87 -13.21 -11.82
C GLU B 95 39.71 -12.02 -12.75
N SER B 96 40.67 -11.87 -13.66
CA SER B 96 40.66 -10.77 -14.61
C SER B 96 39.36 -10.72 -15.41
N GLY B 97 38.92 -11.88 -15.88
CA GLY B 97 37.71 -11.97 -16.68
C GLY B 97 38.12 -12.14 -18.13
N PRO B 98 37.17 -12.13 -19.07
CA PRO B 98 37.53 -12.29 -20.49
C PRO B 98 38.49 -11.24 -21.04
N VAL B 99 39.46 -11.72 -21.81
CA VAL B 99 40.46 -10.87 -22.45
C VAL B 99 39.77 -10.07 -23.55
N ARG B 100 39.98 -8.77 -23.57
CA ARG B 100 39.35 -7.94 -24.58
C ARG B 100 40.33 -6.89 -25.06
N CYS B 101 40.19 -6.52 -26.32
CA CYS B 101 41.03 -5.49 -26.90
C CYS B 101 40.83 -4.25 -26.02
N ASN B 102 41.89 -3.49 -25.78
CA ASN B 102 41.76 -2.30 -24.93
C ASN B 102 41.06 -1.15 -25.60
N ARG B 103 41.14 -1.09 -26.93
CA ARG B 103 40.51 -0.01 -27.67
C ARG B 103 39.00 -0.18 -27.87
N CYS B 104 38.60 -1.08 -28.78
CA CYS B 104 37.19 -1.30 -29.08
C CYS B 104 36.49 -2.28 -28.13
N LYS B 105 37.25 -2.87 -27.22
CA LYS B 105 36.74 -3.80 -26.22
C LYS B 105 36.14 -5.10 -26.72
N ALA B 106 36.46 -5.48 -27.95
CA ALA B 106 35.96 -6.74 -28.49
C ALA B 106 36.51 -7.90 -27.66
N TYR B 107 35.73 -8.97 -27.51
CA TYR B 107 36.19 -10.11 -26.73
C TYR B 107 37.21 -10.97 -27.48
N MET B 108 37.86 -11.88 -26.75
CA MET B 108 38.85 -12.76 -27.35
C MET B 108 38.10 -13.76 -28.20
N CYS B 109 38.28 -13.63 -29.51
CA CYS B 109 37.60 -14.49 -30.47
C CYS B 109 38.57 -14.96 -31.55
N PRO B 110 38.09 -15.82 -32.46
CA PRO B 110 38.96 -16.30 -33.53
C PRO B 110 39.49 -15.19 -34.44
N PHE B 111 39.00 -13.97 -34.23
CA PHE B 111 39.41 -12.86 -35.08
C PHE B 111 40.59 -12.04 -34.55
N MET B 112 41.35 -12.63 -33.62
CA MET B 112 42.49 -11.93 -33.05
C MET B 112 43.78 -12.55 -33.56
N GLN B 113 44.53 -11.80 -34.36
CA GLN B 113 45.79 -12.28 -34.91
C GLN B 113 46.95 -12.21 -33.93
N PHE B 114 47.35 -13.36 -33.38
CA PHE B 114 48.47 -13.40 -32.44
C PHE B 114 49.79 -13.21 -33.17
N ILE B 115 50.57 -12.20 -32.76
CA ILE B 115 51.84 -11.91 -33.38
C ILE B 115 53.02 -11.97 -32.42
N GLU B 116 54.20 -11.68 -32.95
CA GLU B 116 55.43 -11.67 -32.17
C GLU B 116 55.57 -12.82 -31.18
N GLY B 117 55.68 -14.05 -31.70
CA GLY B 117 55.83 -15.20 -30.83
C GLY B 117 54.64 -15.49 -29.94
N GLY B 118 53.54 -14.77 -30.15
CA GLY B 118 52.34 -15.00 -29.36
C GLY B 118 52.28 -14.18 -28.08
N ARG B 119 53.00 -13.08 -28.06
CA ARG B 119 53.05 -12.19 -26.91
C ARG B 119 52.04 -11.07 -27.06
N ARG B 120 51.91 -10.57 -28.27
CA ARG B 120 50.98 -9.50 -28.56
C ARG B 120 50.01 -9.95 -29.64
N TYR B 121 48.71 -9.77 -29.40
CA TYR B 121 47.72 -10.14 -30.40
C TYR B 121 47.15 -8.87 -30.97
N GLN B 122 47.15 -8.75 -32.29
CA GLN B 122 46.57 -7.55 -32.87
C GLN B 122 45.06 -7.83 -32.97
N CYS B 123 44.25 -6.82 -32.70
CA CYS B 123 42.80 -7.02 -32.75
C CYS B 123 42.29 -6.91 -34.18
N GLY B 124 41.35 -7.79 -34.52
CA GLY B 124 40.80 -7.80 -35.87
C GLY B 124 39.69 -6.80 -36.13
N PHE B 125 39.24 -6.09 -35.11
CA PHE B 125 38.16 -5.13 -35.31
C PHE B 125 38.62 -3.70 -35.52
N CYS B 126 39.71 -3.30 -34.85
CA CYS B 126 40.24 -1.94 -34.98
C CYS B 126 41.74 -1.90 -35.25
N ASN B 127 42.34 -3.07 -35.39
CA ASN B 127 43.77 -3.20 -35.68
C ASN B 127 44.71 -2.75 -34.58
N CYS B 128 44.20 -2.57 -33.37
CA CYS B 128 45.04 -2.19 -32.24
C CYS B 128 45.82 -3.41 -31.75
N VAL B 129 47.06 -3.19 -31.32
CA VAL B 129 47.86 -4.28 -30.81
C VAL B 129 47.70 -4.37 -29.31
N ASN B 130 47.54 -5.58 -28.80
CA ASN B 130 47.35 -5.80 -27.38
C ASN B 130 48.45 -6.68 -26.83
N ASP B 131 48.55 -6.74 -25.51
CA ASP B 131 49.55 -7.56 -24.87
C ASP B 131 48.86 -8.76 -24.25
N VAL B 132 49.12 -9.93 -24.81
CA VAL B 132 48.53 -11.17 -24.32
C VAL B 132 48.85 -11.28 -22.85
N PRO B 133 47.86 -11.03 -21.98
CA PRO B 133 48.14 -11.13 -20.55
C PRO B 133 48.97 -12.36 -20.19
N PRO B 134 49.71 -12.28 -19.08
CA PRO B 134 50.56 -13.37 -18.60
C PRO B 134 49.89 -14.74 -18.73
N PHE B 135 49.02 -15.04 -17.78
CA PHE B 135 48.30 -16.29 -17.70
C PHE B 135 47.73 -16.81 -19.01
N TYR B 136 47.54 -15.93 -19.99
CA TYR B 136 46.97 -16.36 -21.25
C TYR B 136 47.96 -16.68 -22.36
N PHE B 137 49.20 -16.23 -22.20
CA PHE B 137 50.24 -16.46 -23.22
C PHE B 137 50.37 -17.90 -23.69
N GLN B 138 50.74 -18.05 -24.96
CA GLN B 138 50.95 -19.36 -25.58
C GLN B 138 51.74 -19.17 -26.86
N HIS B 139 52.61 -20.13 -27.15
CA HIS B 139 53.48 -20.09 -28.32
C HIS B 139 52.73 -20.29 -29.64
N LEU B 140 53.13 -19.54 -30.66
CA LEU B 140 52.54 -19.69 -31.99
C LEU B 140 53.24 -20.93 -32.55
N ASP B 141 53.02 -21.27 -33.83
CA ASP B 141 53.68 -22.46 -34.34
C ASP B 141 54.16 -22.49 -35.79
N HIS B 142 53.26 -22.40 -36.76
CA HIS B 142 53.72 -22.43 -38.14
C HIS B 142 53.37 -21.16 -38.86
N ILE B 143 52.14 -20.71 -38.65
CA ILE B 143 51.67 -19.48 -39.24
C ILE B 143 50.86 -18.77 -38.16
N GLY B 144 51.14 -19.17 -36.92
CA GLY B 144 50.50 -18.58 -35.76
C GLY B 144 49.29 -19.26 -35.15
N ARG B 145 49.01 -20.51 -35.48
CA ARG B 145 47.81 -21.15 -34.93
C ARG B 145 47.86 -21.33 -33.41
N ARG B 146 48.89 -20.77 -32.78
CA ARG B 146 49.01 -20.80 -31.33
C ARG B 146 49.11 -22.12 -30.55
N LEU B 147 48.96 -23.27 -31.19
CA LEU B 147 49.05 -24.54 -30.44
C LEU B 147 47.95 -24.59 -29.37
N ASP B 148 47.12 -23.57 -29.37
CA ASP B 148 46.04 -23.51 -28.41
C ASP B 148 44.76 -23.79 -29.17
N HIS B 149 44.57 -22.97 -30.20
CA HIS B 149 43.41 -23.01 -31.08
C HIS B 149 42.38 -24.08 -30.78
N TYR B 150 42.43 -25.18 -31.51
CA TYR B 150 41.47 -26.27 -31.36
C TYR B 150 41.17 -26.74 -29.94
N GLU B 151 41.95 -26.29 -28.97
CA GLU B 151 41.74 -26.68 -27.58
C GLU B 151 40.84 -25.68 -26.87
N LYS B 152 41.01 -24.40 -27.21
CA LYS B 152 40.22 -23.32 -26.61
C LYS B 152 39.10 -22.81 -27.53
N PRO B 153 37.84 -23.03 -27.12
CA PRO B 153 36.70 -22.59 -27.91
C PRO B 153 36.76 -21.15 -28.39
N GLU B 154 37.05 -20.22 -27.49
CA GLU B 154 37.11 -18.80 -27.83
C GLU B 154 38.09 -18.50 -28.96
N LEU B 155 38.95 -19.46 -29.26
CA LEU B 155 39.95 -19.24 -30.29
C LEU B 155 39.60 -19.91 -31.61
N SER B 156 38.78 -20.96 -31.54
CA SER B 156 38.43 -21.72 -32.73
C SER B 156 36.95 -21.71 -33.14
N LEU B 157 36.07 -21.37 -32.21
CA LEU B 157 34.62 -21.37 -32.50
C LEU B 157 33.97 -20.00 -32.72
N GLY B 158 32.84 -20.01 -33.42
CA GLY B 158 32.11 -18.79 -33.69
C GLY B 158 31.29 -18.30 -32.51
N SER B 159 30.61 -19.24 -31.85
CA SER B 159 29.77 -18.94 -30.69
C SER B 159 30.35 -19.66 -29.47
N TYR B 160 30.04 -19.15 -28.27
CA TYR B 160 30.53 -19.70 -27.01
C TYR B 160 30.25 -18.70 -25.90
N GLU B 161 30.39 -19.11 -24.64
CA GLU B 161 30.15 -18.21 -23.50
C GLU B 161 31.34 -17.98 -22.58
N TYR B 162 31.42 -16.77 -22.02
CA TYR B 162 32.45 -16.36 -21.06
C TYR B 162 31.81 -16.21 -19.68
N VAL B 163 32.60 -16.41 -18.63
CA VAL B 163 32.09 -16.23 -17.27
C VAL B 163 32.32 -14.75 -16.98
N ALA B 164 31.30 -14.08 -16.49
CA ALA B 164 31.42 -12.65 -16.21
C ALA B 164 31.94 -12.42 -14.81
N THR B 165 32.97 -11.56 -14.67
CA THR B 165 33.54 -11.26 -13.37
C THR B 165 32.75 -10.11 -12.73
N LEU B 166 32.77 -10.05 -11.40
CA LEU B 166 32.02 -9.05 -10.66
C LEU B 166 31.92 -7.63 -11.20
N ASP B 167 32.89 -7.17 -11.98
CA ASP B 167 32.77 -5.83 -12.53
C ASP B 167 31.79 -5.82 -13.72
N TYR B 168 31.18 -6.98 -13.99
CA TYR B 168 30.19 -7.14 -15.06
C TYR B 168 28.81 -7.14 -14.39
N CYS B 169 28.81 -7.05 -13.07
CA CYS B 169 27.58 -7.08 -12.29
C CYS B 169 27.18 -5.75 -11.68
N ARG B 170 25.87 -5.55 -11.55
CA ARG B 170 25.31 -4.34 -10.98
C ARG B 170 25.85 -4.21 -9.55
N LYS B 171 26.24 -3.01 -9.15
CA LYS B 171 26.77 -2.77 -7.81
C LYS B 171 27.98 -3.66 -7.49
N SER B 172 28.61 -4.19 -8.54
CA SER B 172 29.78 -5.04 -8.38
C SER B 172 29.61 -6.21 -7.41
N LYS B 173 28.38 -6.69 -7.27
CA LYS B 173 28.07 -7.80 -6.38
C LYS B 173 27.30 -8.90 -7.12
N PRO B 174 27.54 -10.16 -6.75
CA PRO B 174 26.86 -11.29 -7.40
C PRO B 174 25.34 -11.10 -7.44
N PRO B 175 24.76 -11.07 -8.65
CA PRO B 175 23.30 -10.90 -8.76
C PRO B 175 22.59 -12.04 -8.08
N ASN B 176 21.27 -11.94 -7.95
CA ASN B 176 20.47 -12.98 -7.32
C ASN B 176 19.64 -13.68 -8.36
N PRO B 177 19.24 -14.92 -8.09
CA PRO B 177 18.44 -15.63 -9.08
C PRO B 177 17.14 -14.86 -9.27
N PRO B 178 16.57 -14.88 -10.49
CA PRO B 178 15.31 -14.17 -10.77
C PRO B 178 14.10 -14.79 -10.09
N ALA B 179 12.97 -14.10 -10.17
CA ALA B 179 11.72 -14.55 -9.56
C ALA B 179 10.55 -14.40 -10.54
N PHE B 180 9.57 -15.29 -10.40
CA PHE B 180 8.39 -15.26 -11.26
C PHE B 180 7.19 -14.74 -10.47
N ILE B 181 6.56 -13.68 -10.96
CA ILE B 181 5.39 -13.12 -10.29
C ILE B 181 4.12 -13.28 -11.15
N PHE B 182 3.19 -14.07 -10.64
CA PHE B 182 1.92 -14.33 -11.33
C PHE B 182 0.88 -13.35 -10.84
N MET B 183 0.30 -12.60 -11.77
CA MET B 183 -0.69 -11.59 -11.43
C MET B 183 -1.96 -11.87 -12.23
N ILE B 184 -3.00 -12.34 -11.53
CA ILE B 184 -4.27 -12.72 -12.14
C ILE B 184 -5.43 -11.73 -12.04
N ASP B 185 -5.92 -11.28 -13.18
CA ASP B 185 -7.06 -10.37 -13.25
C ASP B 185 -8.28 -11.18 -12.81
N VAL B 186 -8.85 -10.85 -11.65
CA VAL B 186 -10.01 -11.59 -11.17
C VAL B 186 -11.34 -10.84 -11.22
N SER B 187 -11.43 -9.87 -12.13
CA SER B 187 -12.67 -9.11 -12.26
C SER B 187 -13.72 -10.08 -12.82
N TYR B 188 -14.97 -9.64 -12.86
CA TYR B 188 -16.07 -10.45 -13.36
C TYR B 188 -15.75 -11.28 -14.61
N SER B 189 -15.44 -10.59 -15.71
CA SER B 189 -15.12 -11.24 -16.99
C SER B 189 -14.35 -12.55 -16.90
N ASN B 190 -13.23 -12.55 -16.17
CA ASN B 190 -12.41 -13.75 -16.03
C ASN B 190 -12.89 -14.71 -14.96
N ILE B 191 -13.89 -14.31 -14.20
CA ILE B 191 -14.42 -15.18 -13.17
C ILE B 191 -15.48 -16.00 -13.87
N LYS B 192 -16.25 -15.32 -14.72
CA LYS B 192 -17.32 -15.94 -15.47
C LYS B 192 -16.81 -16.93 -16.51
N ASN B 193 -15.91 -16.49 -17.39
CA ASN B 193 -15.39 -17.40 -18.41
C ASN B 193 -14.54 -18.53 -17.83
N GLY B 194 -14.62 -18.71 -16.51
CA GLY B 194 -13.89 -19.77 -15.83
C GLY B 194 -12.39 -19.75 -16.06
N LEU B 195 -11.87 -18.56 -16.32
CA LEU B 195 -10.45 -18.40 -16.56
C LEU B 195 -9.67 -18.40 -15.26
N VAL B 196 -10.18 -17.68 -14.27
CA VAL B 196 -9.53 -17.60 -12.97
C VAL B 196 -9.26 -19.00 -12.41
N LYS B 197 -10.30 -19.82 -12.32
CA LYS B 197 -10.11 -21.16 -11.81
C LYS B 197 -9.09 -21.90 -12.66
N LEU B 198 -9.25 -21.79 -13.98
CA LEU B 198 -8.35 -22.43 -14.92
C LEU B 198 -6.90 -22.13 -14.57
N ILE B 199 -6.57 -20.86 -14.50
CA ILE B 199 -5.21 -20.43 -14.20
C ILE B 199 -4.71 -20.90 -12.85
N CYS B 200 -5.60 -20.92 -11.85
CA CYS B 200 -5.20 -21.36 -10.53
C CYS B 200 -4.98 -22.87 -10.45
N GLU B 201 -5.97 -23.63 -10.90
CA GLU B 201 -5.88 -25.08 -10.89
C GLU B 201 -4.69 -25.55 -11.70
N GLU B 202 -4.59 -25.05 -12.94
CA GLU B 202 -3.52 -25.45 -13.83
C GLU B 202 -2.17 -24.97 -13.36
N LEU B 203 -2.15 -23.90 -12.58
CA LEU B 203 -0.91 -23.34 -12.06
C LEU B 203 -0.28 -24.28 -11.04
N LYS B 204 -1.10 -25.08 -10.36
CA LYS B 204 -0.59 -26.03 -9.37
C LYS B 204 0.28 -27.07 -10.04
N THR B 205 -0.06 -27.42 -11.26
CA THR B 205 0.68 -28.42 -12.02
C THR B 205 1.98 -27.86 -12.58
N MET B 206 1.87 -26.74 -13.29
CA MET B 206 3.02 -26.11 -13.94
C MET B 206 4.11 -25.53 -13.04
N LEU B 207 3.74 -25.00 -11.89
CA LEU B 207 4.73 -24.43 -10.99
C LEU B 207 5.89 -25.40 -10.72
N GLU B 208 5.68 -26.66 -11.05
CA GLU B 208 6.68 -27.71 -10.86
C GLU B 208 7.76 -27.69 -11.93
N LYS B 209 7.32 -27.47 -13.16
CA LYS B 209 8.20 -27.44 -14.31
C LYS B 209 9.02 -26.15 -14.38
N ILE B 210 9.04 -25.38 -13.29
CA ILE B 210 9.82 -24.15 -13.32
C ILE B 210 11.29 -24.51 -13.52
N PRO B 211 11.93 -23.90 -14.53
CA PRO B 211 13.34 -24.09 -14.90
C PRO B 211 14.37 -24.00 -13.79
N LYS B 212 15.41 -24.83 -13.91
CA LYS B 212 16.51 -24.87 -12.96
C LYS B 212 17.68 -25.58 -13.62
N GLU B 213 18.89 -25.07 -13.44
CA GLU B 213 20.06 -25.68 -14.07
C GLU B 213 20.31 -27.12 -13.63
N GLU B 214 20.99 -27.90 -14.47
CA GLU B 214 21.26 -29.29 -14.14
C GLU B 214 22.18 -29.37 -12.94
N GLN B 215 23.11 -28.42 -12.86
CA GLN B 215 24.07 -28.36 -11.77
C GLN B 215 23.45 -28.21 -10.38
N GLU B 216 22.19 -27.76 -10.33
CA GLU B 216 21.49 -27.59 -9.06
C GLU B 216 20.35 -28.60 -8.97
N GLU B 217 19.82 -28.80 -7.76
CA GLU B 217 18.74 -29.76 -7.58
C GLU B 217 17.35 -29.15 -7.55
N THR B 218 17.23 -27.90 -7.11
CA THR B 218 15.94 -27.22 -7.07
C THR B 218 16.12 -25.86 -7.72
N SER B 219 15.07 -25.35 -8.33
CA SER B 219 15.15 -24.06 -9.00
C SER B 219 15.41 -22.93 -8.01
N ALA B 220 16.32 -22.05 -8.40
CA ALA B 220 16.67 -20.90 -7.57
C ALA B 220 15.62 -19.80 -7.74
N ILE B 221 14.74 -19.99 -8.72
CA ILE B 221 13.70 -19.01 -8.99
C ILE B 221 12.59 -19.09 -7.96
N ARG B 222 12.32 -17.97 -7.32
CA ARG B 222 11.25 -17.93 -6.32
C ARG B 222 9.96 -17.51 -7.02
N VAL B 223 8.84 -17.61 -6.32
CA VAL B 223 7.57 -17.25 -6.92
C VAL B 223 6.72 -16.30 -6.06
N GLY B 224 5.89 -15.52 -6.71
CA GLY B 224 5.01 -14.58 -6.01
C GLY B 224 3.62 -14.58 -6.63
N PHE B 225 2.60 -14.22 -5.86
CA PHE B 225 1.24 -14.24 -6.39
C PHE B 225 0.43 -12.97 -6.07
N ILE B 226 -0.40 -12.55 -7.03
CA ILE B 226 -1.24 -11.35 -6.90
C ILE B 226 -2.53 -11.44 -7.71
N THR B 227 -3.61 -10.87 -7.18
CA THR B 227 -4.89 -10.83 -7.90
C THR B 227 -5.27 -9.35 -7.93
N TYR B 228 -6.20 -8.98 -8.80
CA TYR B 228 -6.59 -7.58 -8.84
C TYR B 228 -7.86 -7.24 -9.65
N ASN B 229 -8.23 -5.97 -9.57
CA ASN B 229 -9.40 -5.37 -10.24
C ASN B 229 -9.56 -3.99 -9.64
N LYS B 230 -8.88 -3.01 -10.23
CA LYS B 230 -8.93 -1.63 -9.73
C LYS B 230 -8.38 -1.56 -8.30
N VAL B 231 -7.95 -2.71 -7.79
CA VAL B 231 -7.38 -2.84 -6.46
C VAL B 231 -6.51 -4.09 -6.47
N LEU B 232 -5.38 -4.06 -5.75
CA LEU B 232 -4.46 -5.20 -5.73
C LEU B 232 -4.53 -6.01 -4.45
N HIS B 233 -4.50 -7.34 -4.60
CA HIS B 233 -4.53 -8.22 -3.44
C HIS B 233 -3.24 -9.03 -3.43
N PHE B 234 -2.31 -8.63 -2.59
CA PHE B 234 -1.04 -9.34 -2.48
C PHE B 234 -1.26 -10.55 -1.59
N PHE B 235 -0.34 -11.51 -1.63
CA PHE B 235 -0.46 -12.71 -0.81
C PHE B 235 0.86 -13.10 -0.18
N ASN B 236 0.79 -13.45 1.10
CA ASN B 236 1.94 -13.87 1.88
C ASN B 236 1.88 -15.39 1.92
N VAL B 237 2.91 -16.04 1.39
CA VAL B 237 2.95 -17.49 1.33
C VAL B 237 4.22 -18.06 1.96
N LYS B 238 4.69 -17.43 3.03
CA LYS B 238 5.92 -17.89 3.68
C LYS B 238 5.86 -19.39 4.00
N SER B 239 7.03 -20.02 4.00
CA SER B 239 7.13 -21.44 4.30
C SER B 239 7.06 -21.67 5.80
N ASN B 240 5.90 -21.36 6.36
CA ASN B 240 5.66 -21.53 7.80
C ASN B 240 4.25 -21.09 8.17
N LEU B 241 3.41 -20.87 7.17
CA LEU B 241 2.03 -20.48 7.42
C LEU B 241 1.14 -21.66 7.06
N ALA B 242 0.18 -21.96 7.92
CA ALA B 242 -0.74 -23.05 7.66
C ALA B 242 -1.80 -22.50 6.72
N GLN B 243 -1.91 -21.18 6.75
CA GLN B 243 -2.88 -20.48 5.96
C GLN B 243 -2.24 -19.25 5.32
N PRO B 244 -2.55 -18.98 4.04
CA PRO B 244 -1.97 -17.82 3.36
C PRO B 244 -2.68 -16.53 3.80
N GLN B 245 -1.92 -15.45 3.89
CA GLN B 245 -2.52 -14.17 4.28
C GLN B 245 -2.81 -13.34 3.04
N MET B 246 -3.71 -12.37 3.17
CA MET B 246 -4.07 -11.51 2.05
C MET B 246 -4.00 -10.03 2.44
N MET B 247 -3.22 -9.25 1.68
CA MET B 247 -3.08 -7.81 1.94
C MET B 247 -3.56 -7.02 0.74
N VAL B 248 -4.63 -6.27 0.93
CA VAL B 248 -5.20 -5.47 -0.13
C VAL B 248 -4.67 -4.05 -0.09
N VAL B 249 -4.19 -3.58 -1.23
CA VAL B 249 -3.70 -2.22 -1.34
C VAL B 249 -4.62 -1.52 -2.32
N THR B 250 -5.39 -0.58 -1.81
CA THR B 250 -6.35 0.16 -2.64
C THR B 250 -5.82 1.51 -3.07
N ASP B 251 -4.63 1.88 -2.61
CA ASP B 251 -4.06 3.16 -2.96
C ASP B 251 -3.40 3.18 -4.33
N VAL B 252 -4.12 2.74 -5.34
CA VAL B 252 -3.58 2.76 -6.70
C VAL B 252 -3.16 4.21 -6.94
N GLY B 253 -2.24 4.44 -7.87
CA GLY B 253 -1.80 5.81 -8.07
C GLY B 253 -0.44 5.93 -7.41
N GLU B 254 -0.38 5.61 -6.12
CA GLU B 254 0.89 5.63 -5.40
C GLU B 254 1.06 4.25 -4.79
N VAL B 255 0.97 3.25 -5.67
CA VAL B 255 1.10 1.83 -5.35
C VAL B 255 2.35 1.50 -4.55
N PHE B 256 2.32 0.36 -3.87
CA PHE B 256 3.44 -0.12 -3.09
C PHE B 256 3.22 -1.60 -2.74
N VAL B 257 4.31 -2.29 -2.42
CA VAL B 257 4.22 -3.70 -2.06
C VAL B 257 4.20 -3.76 -0.54
N PRO B 258 3.09 -4.26 0.05
CA PRO B 258 2.91 -4.39 1.50
C PRO B 258 3.68 -5.54 2.13
N LEU B 259 4.64 -6.09 1.40
CA LEU B 259 5.40 -7.22 1.91
C LEU B 259 6.86 -7.31 1.50
N LEU B 260 7.50 -8.30 2.10
CA LEU B 260 8.90 -8.68 1.91
C LEU B 260 8.94 -9.86 2.89
N ASP B 261 9.23 -11.05 2.39
CA ASP B 261 9.23 -12.28 3.22
C ASP B 261 7.78 -12.71 3.21
N GLY B 262 7.48 -13.74 2.43
CA GLY B 262 6.12 -14.21 2.35
C GLY B 262 5.61 -13.90 0.97
N PHE B 263 6.39 -13.10 0.25
CA PHE B 263 6.08 -12.72 -1.12
C PHE B 263 7.38 -12.96 -1.87
N LEU B 264 7.43 -14.05 -2.62
CA LEU B 264 8.61 -14.49 -3.37
C LEU B 264 9.23 -15.55 -2.48
N VAL B 265 8.72 -16.77 -2.61
CA VAL B 265 9.24 -17.86 -1.82
C VAL B 265 9.62 -18.97 -2.76
N ASN B 266 10.21 -20.02 -2.20
CA ASN B 266 10.58 -21.19 -2.99
C ASN B 266 9.29 -22.00 -3.08
N TYR B 267 8.83 -22.26 -4.29
CA TYR B 267 7.60 -23.03 -4.50
C TYR B 267 7.65 -24.40 -3.84
N GLN B 268 8.85 -24.93 -3.69
CA GLN B 268 8.99 -26.23 -3.08
C GLN B 268 8.73 -26.11 -1.58
N GLU B 269 9.48 -25.25 -0.91
CA GLU B 269 9.35 -25.04 0.53
C GLU B 269 7.96 -24.59 0.97
N SER B 270 7.31 -23.75 0.18
CA SER B 270 6.00 -23.23 0.53
C SER B 270 4.90 -23.90 -0.27
N GLN B 271 5.18 -25.07 -0.79
CA GLN B 271 4.25 -25.81 -1.62
C GLN B 271 2.81 -25.86 -1.13
N SER B 272 2.56 -26.53 0.00
CA SER B 272 1.20 -26.68 0.54
C SER B 272 0.42 -25.40 0.82
N VAL B 273 1.13 -24.29 1.07
CA VAL B 273 0.47 -23.02 1.35
C VAL B 273 0.03 -22.37 0.04
N ILE B 274 0.87 -22.50 -0.97
CA ILE B 274 0.58 -21.94 -2.28
C ILE B 274 -0.63 -22.64 -2.89
N HIS B 275 -0.60 -23.98 -2.91
CA HIS B 275 -1.71 -24.75 -3.43
C HIS B 275 -2.98 -24.32 -2.71
N ASN B 276 -2.85 -24.20 -1.39
CA ASN B 276 -3.93 -23.78 -0.52
C ASN B 276 -4.56 -22.52 -1.12
N LEU B 277 -3.72 -21.51 -1.36
CA LEU B 277 -4.14 -20.24 -1.93
C LEU B 277 -4.76 -20.45 -3.31
N LEU B 278 -4.10 -21.27 -4.13
CA LEU B 278 -4.56 -21.54 -5.49
C LEU B 278 -5.94 -22.22 -5.55
N ASP B 279 -6.28 -22.99 -4.51
CA ASP B 279 -7.57 -23.66 -4.44
C ASP B 279 -8.58 -22.57 -4.10
N GLN B 280 -8.14 -21.65 -3.25
CA GLN B 280 -8.98 -20.56 -2.77
C GLN B 280 -9.33 -19.39 -3.67
N ILE B 281 -8.34 -18.83 -4.36
CA ILE B 281 -8.60 -17.66 -5.19
C ILE B 281 -9.87 -17.77 -6.05
N PRO B 282 -10.10 -18.93 -6.68
CA PRO B 282 -11.30 -19.11 -7.51
C PRO B 282 -12.62 -18.87 -6.76
N ASP B 283 -12.74 -19.45 -5.56
CA ASP B 283 -13.93 -19.28 -4.75
C ASP B 283 -13.97 -17.84 -4.25
N MET B 284 -12.87 -17.43 -3.67
CA MET B 284 -12.69 -16.09 -3.11
C MET B 284 -13.34 -14.96 -3.90
N PHE B 285 -13.13 -14.94 -5.21
CA PHE B 285 -13.70 -13.88 -6.06
C PHE B 285 -14.88 -14.36 -6.90
N ALA B 286 -15.27 -15.61 -6.71
CA ALA B 286 -16.39 -16.19 -7.45
C ALA B 286 -17.55 -15.21 -7.59
N ASP B 287 -17.98 -14.61 -6.48
CA ASP B 287 -19.09 -13.67 -6.53
C ASP B 287 -18.69 -12.23 -6.76
N SER B 288 -17.40 -12.00 -7.05
CA SER B 288 -16.94 -10.64 -7.30
C SER B 288 -17.85 -10.13 -8.40
N ASN B 289 -18.29 -8.87 -8.28
CA ASN B 289 -19.15 -8.31 -9.30
C ASN B 289 -18.46 -7.10 -9.88
N GLU B 290 -17.13 -7.08 -9.75
CA GLU B 290 -16.31 -6.00 -10.27
C GLU B 290 -16.00 -6.18 -11.75
N ASN B 291 -16.10 -5.10 -12.51
CA ASN B 291 -15.86 -5.14 -13.95
C ASN B 291 -14.71 -4.27 -14.42
N GLU B 292 -14.51 -3.12 -13.79
CA GLU B 292 -13.40 -2.26 -14.19
C GLU B 292 -12.14 -2.73 -13.48
N THR B 293 -10.98 -2.58 -14.13
CA THR B 293 -9.71 -2.99 -13.53
C THR B 293 -8.60 -1.98 -13.86
N VAL B 294 -7.49 -2.06 -13.14
CA VAL B 294 -6.35 -1.19 -13.38
C VAL B 294 -5.31 -2.02 -14.11
N PHE B 295 -4.22 -1.38 -14.56
CA PHE B 295 -3.15 -2.10 -15.25
C PHE B 295 -1.77 -1.63 -14.89
N ALA B 296 -1.44 -0.40 -15.26
CA ALA B 296 -0.13 0.16 -14.96
C ALA B 296 0.30 -0.07 -13.51
N PRO B 297 -0.64 0.00 -12.55
CA PRO B 297 -0.29 -0.23 -11.13
C PRO B 297 0.22 -1.66 -10.89
N VAL B 298 -0.32 -2.61 -11.65
CA VAL B 298 0.06 -4.01 -11.52
C VAL B 298 1.51 -4.21 -11.94
N ILE B 299 1.84 -3.76 -13.15
CA ILE B 299 3.21 -3.85 -13.64
C ILE B 299 4.06 -3.09 -12.63
N GLN B 300 3.54 -1.92 -12.26
CA GLN B 300 4.15 -1.03 -11.29
C GLN B 300 4.50 -1.80 -10.01
N ALA B 301 3.50 -2.51 -9.47
CA ALA B 301 3.66 -3.28 -8.25
C ALA B 301 4.67 -4.43 -8.35
N GLY B 302 4.57 -5.24 -9.39
CA GLY B 302 5.51 -6.34 -9.55
C GLY B 302 6.94 -5.85 -9.64
N MET B 303 7.15 -4.81 -10.43
CA MET B 303 8.48 -4.23 -10.61
C MET B 303 8.99 -3.82 -9.25
N GLU B 304 8.15 -3.11 -8.52
CA GLU B 304 8.49 -2.64 -7.17
C GLU B 304 8.93 -3.81 -6.28
N ALA B 305 8.11 -4.86 -6.22
CA ALA B 305 8.40 -6.05 -5.42
C ALA B 305 9.77 -6.63 -5.76
N LEU B 306 10.09 -6.63 -7.06
CA LEU B 306 11.36 -7.14 -7.51
C LEU B 306 12.48 -6.21 -7.04
N LYS B 307 12.32 -4.91 -7.29
CA LYS B 307 13.34 -3.94 -6.86
C LYS B 307 13.66 -4.14 -5.38
N ALA B 308 12.64 -4.42 -4.60
CA ALA B 308 12.78 -4.64 -3.17
C ALA B 308 13.58 -5.90 -2.85
N ALA B 309 13.18 -7.03 -3.42
CA ALA B 309 13.89 -8.29 -3.19
C ALA B 309 15.25 -8.21 -3.90
N ASP B 310 15.52 -7.05 -4.49
CA ASP B 310 16.75 -6.80 -5.20
C ASP B 310 17.16 -7.98 -6.09
N CYS B 311 16.27 -8.34 -7.03
CA CYS B 311 16.52 -9.45 -7.96
C CYS B 311 15.77 -9.21 -9.28
N PRO B 312 16.25 -9.81 -10.38
CA PRO B 312 15.54 -9.59 -11.64
C PRO B 312 14.30 -10.49 -11.62
N GLY B 313 13.37 -10.24 -12.52
CA GLY B 313 12.18 -11.06 -12.53
C GLY B 313 11.39 -10.96 -13.82
N LYS B 314 10.30 -11.70 -13.86
CA LYS B 314 9.41 -11.76 -15.03
C LYS B 314 7.98 -11.79 -14.52
N LEU B 315 7.17 -10.86 -14.98
CA LEU B 315 5.77 -10.82 -14.56
C LEU B 315 4.87 -11.57 -15.53
N PHE B 316 4.10 -12.53 -15.01
CA PHE B 316 3.18 -13.29 -15.86
C PHE B 316 1.79 -12.71 -15.59
N ILE B 317 1.46 -11.62 -16.27
CA ILE B 317 0.16 -10.99 -16.08
C ILE B 317 -0.97 -11.58 -16.93
N PHE B 318 -2.07 -11.88 -16.27
CA PHE B 318 -3.25 -12.45 -16.92
C PHE B 318 -4.39 -11.43 -16.87
N HIS B 319 -4.57 -10.67 -17.95
CA HIS B 319 -5.59 -9.63 -18.02
C HIS B 319 -6.75 -9.94 -18.97
N SER B 320 -7.92 -9.31 -18.76
CA SER B 320 -9.06 -9.56 -19.63
C SER B 320 -9.58 -8.39 -20.45
N SER B 321 -9.74 -7.20 -19.87
CA SER B 321 -10.27 -6.09 -20.65
C SER B 321 -9.62 -4.72 -20.48
N LEU B 322 -10.06 -3.79 -21.31
CA LEU B 322 -9.56 -2.42 -21.29
C LEU B 322 -9.66 -1.85 -19.87
N PRO B 323 -8.52 -1.58 -19.23
CA PRO B 323 -8.45 -1.02 -17.87
C PRO B 323 -9.01 0.39 -17.81
N THR B 324 -10.22 0.51 -17.25
CA THR B 324 -10.91 1.79 -17.16
C THR B 324 -10.93 2.48 -15.80
N ALA B 325 -10.80 1.70 -14.73
CA ALA B 325 -10.80 2.25 -13.38
C ALA B 325 -9.78 3.38 -13.29
N GLU B 326 -10.15 4.47 -12.63
CA GLU B 326 -9.25 5.60 -12.51
C GLU B 326 -7.99 5.25 -11.73
N ALA B 327 -6.85 5.51 -12.36
CA ALA B 327 -5.54 5.24 -11.79
C ALA B 327 -4.56 5.57 -12.91
N PRO B 328 -3.27 5.75 -12.59
CA PRO B 328 -2.38 6.07 -13.71
C PRO B 328 -2.43 4.99 -14.79
N GLY B 329 -2.44 5.42 -16.04
CA GLY B 329 -2.50 4.47 -17.13
C GLY B 329 -3.93 4.11 -17.48
N LYS B 330 -4.87 4.89 -16.97
CA LYS B 330 -6.30 4.68 -17.26
C LYS B 330 -6.43 4.75 -18.77
N LEU B 331 -7.05 3.74 -19.37
CA LEU B 331 -7.21 3.72 -20.81
C LEU B 331 -8.65 3.99 -21.22
N LYS B 332 -8.81 4.88 -22.20
CA LYS B 332 -10.14 5.20 -22.70
C LYS B 332 -10.45 4.30 -23.89
N ASN B 333 -11.46 4.64 -24.67
CA ASN B 333 -11.84 3.83 -25.83
C ASN B 333 -11.63 4.63 -27.11
N ARG B 334 -10.48 5.29 -27.20
CA ARG B 334 -10.06 6.15 -28.31
C ARG B 334 -9.91 5.55 -29.71
N ASP B 335 -10.73 4.58 -30.10
CA ASP B 335 -10.59 4.01 -31.43
C ASP B 335 -11.18 4.91 -32.52
N ASP B 336 -10.33 5.67 -33.20
CA ASP B 336 -10.77 6.60 -34.25
C ASP B 336 -10.42 6.19 -35.67
N LYS B 337 -11.08 6.84 -36.63
CA LYS B 337 -10.86 6.60 -38.06
C LYS B 337 -9.82 7.59 -38.56
N LYS B 338 -8.65 7.57 -37.93
CA LYS B 338 -7.56 8.46 -38.31
C LYS B 338 -6.53 7.63 -39.07
N LEU B 339 -6.82 7.31 -40.34
CA LEU B 339 -5.89 6.52 -41.13
C LEU B 339 -6.02 6.71 -42.64
N VAL B 340 -5.37 5.82 -43.38
CA VAL B 340 -5.35 5.80 -44.85
C VAL B 340 -4.58 6.93 -45.52
N ASN B 341 -4.35 8.01 -44.78
CA ASN B 341 -3.62 9.19 -45.26
C ASN B 341 -3.71 10.26 -44.18
N THR B 342 -4.25 9.88 -43.03
CA THR B 342 -4.42 10.80 -41.92
C THR B 342 -3.14 11.50 -41.55
N ASP B 343 -2.01 10.81 -41.73
CA ASP B 343 -0.71 11.37 -41.39
C ASP B 343 -0.66 11.39 -39.87
N LYS B 344 -1.84 11.18 -39.28
CA LYS B 344 -2.01 11.15 -37.83
C LYS B 344 -2.38 9.72 -37.44
N GLU B 345 -2.40 8.82 -38.43
CA GLU B 345 -2.73 7.42 -38.19
C GLU B 345 -1.80 6.79 -37.17
N LYS B 346 -0.57 7.29 -37.11
CA LYS B 346 0.43 6.77 -36.18
C LYS B 346 -0.04 6.71 -34.74
N ILE B 347 -0.70 7.77 -34.29
CA ILE B 347 -1.19 7.82 -32.92
C ILE B 347 -2.01 6.61 -32.48
N LEU B 348 -2.65 5.92 -33.43
CA LEU B 348 -3.46 4.75 -33.13
C LEU B 348 -2.62 3.62 -32.57
N PHE B 349 -1.36 3.56 -33.03
CA PHE B 349 -0.46 2.51 -32.59
C PHE B 349 0.41 2.85 -31.40
N GLN B 350 0.34 4.10 -30.94
CA GLN B 350 1.13 4.52 -29.79
C GLN B 350 0.28 4.44 -28.52
N PRO B 351 0.90 4.30 -27.33
CA PRO B 351 0.10 4.22 -26.11
C PRO B 351 -0.58 5.55 -25.81
N GLN B 352 -1.75 5.48 -25.17
CA GLN B 352 -2.54 6.66 -24.83
C GLN B 352 -1.81 7.62 -23.90
N THR B 353 -1.58 7.16 -22.66
CA THR B 353 -0.91 7.97 -21.65
C THR B 353 0.59 7.92 -21.86
N ASN B 354 1.30 8.83 -21.19
CA ASN B 354 2.75 8.87 -21.30
C ASN B 354 3.38 7.99 -20.22
N VAL B 355 2.54 7.38 -19.40
CA VAL B 355 2.98 6.52 -18.30
C VAL B 355 3.63 5.19 -18.69
N TYR B 356 3.05 4.52 -19.68
CA TYR B 356 3.56 3.24 -20.11
C TYR B 356 5.03 3.21 -20.51
N ASP B 357 5.47 4.22 -21.25
CA ASP B 357 6.85 4.26 -21.65
C ASP B 357 7.75 4.38 -20.44
N SER B 358 7.35 5.22 -19.49
CA SER B 358 8.11 5.45 -18.26
C SER B 358 8.22 4.17 -17.44
N LEU B 359 7.07 3.53 -17.25
CA LEU B 359 6.96 2.30 -16.50
C LEU B 359 7.90 1.27 -17.13
N ALA B 360 7.94 1.27 -18.46
CA ALA B 360 8.78 0.35 -19.21
C ALA B 360 10.26 0.60 -18.85
N LYS B 361 10.66 1.88 -18.85
CA LYS B 361 12.02 2.24 -18.51
C LYS B 361 12.39 1.83 -17.09
N ASP B 362 11.48 2.05 -16.15
CA ASP B 362 11.74 1.70 -14.76
C ASP B 362 11.90 0.20 -14.63
N CYS B 363 11.11 -0.54 -15.41
CA CYS B 363 11.18 -1.99 -15.38
C CYS B 363 12.52 -2.47 -15.89
N VAL B 364 12.93 -1.94 -17.03
CA VAL B 364 14.21 -2.31 -17.64
C VAL B 364 15.37 -1.95 -16.71
N ALA B 365 15.25 -0.79 -16.07
CA ALA B 365 16.28 -0.34 -15.15
C ALA B 365 16.44 -1.35 -14.01
N HIS B 366 15.36 -2.02 -13.63
CA HIS B 366 15.45 -2.98 -12.54
C HIS B 366 15.35 -4.45 -12.95
N GLY B 367 15.67 -4.74 -14.21
CA GLY B 367 15.63 -6.12 -14.70
C GLY B 367 14.29 -6.81 -14.49
N CYS B 368 13.21 -6.09 -14.75
CA CYS B 368 11.87 -6.63 -14.61
C CYS B 368 11.33 -6.75 -16.02
N SER B 369 10.90 -7.95 -16.40
CA SER B 369 10.35 -8.19 -17.72
C SER B 369 8.88 -8.56 -17.54
N VAL B 370 8.03 -8.08 -18.44
CA VAL B 370 6.62 -8.40 -18.32
C VAL B 370 6.04 -9.10 -19.54
N THR B 371 5.51 -10.29 -19.30
CA THR B 371 4.87 -11.07 -20.33
C THR B 371 3.36 -11.04 -20.02
N LEU B 372 2.55 -10.68 -21.02
CA LEU B 372 1.11 -10.53 -20.88
C LEU B 372 0.23 -11.50 -21.66
N PHE B 373 -0.64 -12.20 -20.92
CA PHE B 373 -1.61 -13.16 -21.49
C PHE B 373 -2.93 -12.41 -21.46
N LEU B 374 -3.33 -11.88 -22.61
CA LEU B 374 -4.53 -11.09 -22.74
C LEU B 374 -5.72 -11.85 -23.33
N PHE B 375 -6.85 -11.82 -22.62
CA PHE B 375 -8.05 -12.50 -23.09
C PHE B 375 -9.18 -11.49 -23.38
N PRO B 376 -8.95 -10.55 -24.31
CA PRO B 376 -9.96 -9.56 -24.65
C PRO B 376 -11.21 -10.18 -25.23
N SER B 377 -12.25 -9.36 -25.36
CA SER B 377 -13.53 -9.81 -25.90
C SER B 377 -14.16 -8.61 -26.58
N GLN B 378 -13.44 -7.49 -26.52
CA GLN B 378 -13.85 -6.24 -27.11
C GLN B 378 -12.58 -5.41 -27.19
N TYR B 379 -12.65 -4.23 -27.81
CA TYR B 379 -11.48 -3.37 -27.93
C TYR B 379 -10.71 -3.37 -26.62
N VAL B 380 -9.39 -3.34 -26.70
CA VAL B 380 -8.54 -3.35 -25.51
C VAL B 380 -7.37 -2.36 -25.61
N ASP B 381 -7.18 -1.79 -26.78
CA ASP B 381 -6.08 -0.86 -27.01
C ASP B 381 -4.75 -1.58 -26.77
N VAL B 382 -4.42 -2.49 -27.67
CA VAL B 382 -3.20 -3.28 -27.61
C VAL B 382 -1.96 -2.39 -27.76
N ALA B 383 -2.09 -1.31 -28.52
CA ALA B 383 -0.98 -0.40 -28.70
C ALA B 383 -0.51 0.11 -27.34
N SER B 384 -1.35 -0.03 -26.33
CA SER B 384 -0.99 0.41 -24.98
C SER B 384 -0.63 -0.72 -24.02
N LEU B 385 -1.47 -1.74 -23.97
CA LEU B 385 -1.23 -2.87 -23.08
C LEU B 385 -0.04 -3.74 -23.46
N GLY B 386 0.48 -3.56 -24.67
CA GLY B 386 1.61 -4.38 -25.09
C GLY B 386 2.91 -3.62 -25.22
N LEU B 387 2.92 -2.34 -24.86
CA LEU B 387 4.16 -1.58 -24.95
C LEU B 387 5.18 -2.04 -23.90
N VAL B 388 4.81 -1.95 -22.62
CA VAL B 388 5.73 -2.35 -21.57
C VAL B 388 6.24 -3.76 -21.83
N PRO B 389 5.34 -4.71 -22.15
CA PRO B 389 5.83 -6.07 -22.41
C PRO B 389 6.68 -6.20 -23.69
N GLN B 390 6.55 -5.25 -24.62
CA GLN B 390 7.39 -5.33 -25.81
C GLN B 390 8.77 -4.80 -25.44
N LEU B 391 8.79 -3.55 -24.98
CA LEU B 391 10.01 -2.86 -24.59
C LEU B 391 10.79 -3.57 -23.51
N THR B 392 10.07 -4.33 -22.68
CA THR B 392 10.68 -5.04 -21.58
C THR B 392 11.26 -6.40 -22.03
N GLY B 393 10.98 -6.78 -23.27
CA GLY B 393 11.49 -8.03 -23.79
C GLY B 393 10.58 -9.20 -23.47
N GLY B 394 9.36 -8.88 -23.05
CA GLY B 394 8.40 -9.91 -22.70
C GLY B 394 7.72 -10.47 -23.93
N THR B 395 6.66 -11.24 -23.71
CA THR B 395 5.92 -11.84 -24.81
C THR B 395 4.45 -11.47 -24.65
N LEU B 396 3.75 -11.25 -25.76
CA LEU B 396 2.33 -10.90 -25.68
C LEU B 396 1.44 -11.95 -26.36
N TYR B 397 0.57 -12.58 -25.57
CA TYR B 397 -0.35 -13.60 -26.05
C TYR B 397 -1.79 -13.10 -26.01
N LYS B 398 -2.43 -13.00 -27.17
CA LYS B 398 -3.82 -12.55 -27.22
C LYS B 398 -4.77 -13.67 -27.64
N TYR B 399 -5.84 -13.86 -26.87
CA TYR B 399 -6.83 -14.87 -27.15
C TYR B 399 -8.18 -14.17 -27.31
N ASN B 400 -8.51 -13.80 -28.54
CA ASN B 400 -9.74 -13.11 -28.82
C ASN B 400 -11.01 -13.92 -28.52
N ASN B 401 -11.93 -13.28 -27.80
CA ASN B 401 -13.20 -13.86 -27.39
C ASN B 401 -13.05 -15.29 -26.90
N PHE B 402 -12.22 -15.43 -25.86
CA PHE B 402 -11.94 -16.72 -25.25
C PHE B 402 -13.19 -17.53 -24.91
N GLN B 403 -13.12 -18.83 -25.18
CA GLN B 403 -14.19 -19.75 -24.89
C GLN B 403 -13.54 -21.04 -24.41
N MET B 404 -13.82 -21.42 -23.18
CA MET B 404 -13.23 -22.59 -22.57
C MET B 404 -13.20 -23.91 -23.37
N HIS B 405 -14.36 -24.33 -23.88
CA HIS B 405 -14.43 -25.58 -24.63
C HIS B 405 -13.66 -25.57 -25.96
N LEU B 406 -13.03 -24.44 -26.27
CA LEU B 406 -12.29 -24.32 -27.51
C LEU B 406 -10.85 -23.86 -27.31
N ASP B 407 -10.67 -22.77 -26.58
CA ASP B 407 -9.35 -22.20 -26.37
C ASP B 407 -8.53 -22.64 -25.15
N ARG B 408 -9.12 -23.42 -24.27
CA ARG B 408 -8.40 -23.89 -23.10
C ARG B 408 -7.01 -24.41 -23.47
N GLN B 409 -6.97 -25.44 -24.29
CA GLN B 409 -5.71 -26.06 -24.69
C GLN B 409 -4.70 -25.12 -25.38
N GLN B 410 -5.19 -24.17 -26.16
CA GLN B 410 -4.30 -23.24 -26.84
C GLN B 410 -3.53 -22.41 -25.82
N PHE B 411 -4.27 -21.81 -24.88
CA PHE B 411 -3.68 -20.98 -23.82
C PHE B 411 -2.77 -21.77 -22.87
N LEU B 412 -3.25 -22.91 -22.39
CA LEU B 412 -2.45 -23.73 -21.49
C LEU B 412 -1.17 -24.17 -22.17
N ASN B 413 -1.22 -24.37 -23.48
CA ASN B 413 -0.03 -24.78 -24.23
C ASN B 413 0.95 -23.63 -24.26
N ASP B 414 0.42 -22.42 -24.42
CA ASP B 414 1.25 -21.24 -24.46
C ASP B 414 1.90 -21.02 -23.12
N LEU B 415 1.12 -21.13 -22.05
CA LEU B 415 1.63 -20.92 -20.71
C LEU B 415 2.72 -21.89 -20.31
N ARG B 416 2.48 -23.19 -20.47
CA ARG B 416 3.49 -24.19 -20.13
C ARG B 416 4.75 -23.80 -20.88
N ASN B 417 4.60 -23.66 -22.18
CA ASN B 417 5.67 -23.31 -23.10
C ASN B 417 6.45 -22.09 -22.60
N ASP B 418 5.73 -21.04 -22.25
CA ASP B 418 6.37 -19.80 -21.78
C ASP B 418 7.09 -19.92 -20.44
N ILE B 419 6.65 -20.84 -19.58
CA ILE B 419 7.29 -21.01 -18.28
C ILE B 419 8.60 -21.79 -18.43
N GLU B 420 8.57 -22.82 -19.26
CA GLU B 420 9.74 -23.65 -19.48
C GLU B 420 10.73 -23.03 -20.46
N LYS B 421 10.44 -21.84 -20.96
CA LYS B 421 11.34 -21.19 -21.91
C LYS B 421 12.73 -20.98 -21.31
N LYS B 422 13.77 -21.23 -22.11
CA LYS B 422 15.14 -21.00 -21.64
C LYS B 422 15.22 -19.47 -21.66
N ILE B 423 15.48 -18.86 -20.50
CA ILE B 423 15.54 -17.41 -20.46
C ILE B 423 16.73 -16.84 -19.68
N GLY B 424 17.20 -15.69 -20.13
CA GLY B 424 18.30 -14.98 -19.50
C GLY B 424 17.68 -13.72 -18.95
N PHE B 425 18.30 -13.10 -17.95
CA PHE B 425 17.72 -11.91 -17.34
C PHE B 425 18.63 -10.70 -17.20
N ASP B 426 18.00 -9.53 -17.13
CA ASP B 426 18.71 -8.27 -16.96
C ASP B 426 19.89 -8.19 -17.91
N ALA B 427 19.61 -8.43 -19.18
CA ALA B 427 20.66 -8.43 -20.20
C ALA B 427 20.81 -7.15 -21.00
N ILE B 428 21.99 -7.02 -21.60
CA ILE B 428 22.29 -5.89 -22.47
C ILE B 428 23.15 -6.44 -23.60
N MET B 429 22.66 -6.30 -24.83
CA MET B 429 23.39 -6.75 -26.02
C MET B 429 24.12 -5.60 -26.67
N ARG B 430 25.34 -5.86 -27.11
CA ARG B 430 26.15 -4.85 -27.76
C ARG B 430 26.69 -5.51 -29.04
N VAL B 431 26.53 -4.83 -30.18
CA VAL B 431 27.01 -5.37 -31.47
C VAL B 431 28.18 -4.59 -32.05
N ARG B 432 29.40 -5.04 -31.72
CA ARG B 432 30.63 -4.42 -32.20
C ARG B 432 30.99 -4.91 -33.60
N THR B 433 31.63 -4.05 -34.37
CA THR B 433 32.03 -4.41 -35.72
C THR B 433 33.49 -4.03 -35.96
N SER B 434 33.99 -4.38 -37.13
CA SER B 434 35.35 -4.07 -37.51
C SER B 434 35.37 -2.67 -38.11
N THR B 435 36.56 -2.14 -38.37
CA THR B 435 36.71 -0.81 -38.95
C THR B 435 35.97 -0.60 -40.26
N GLY B 436 35.18 0.46 -40.34
CA GLY B 436 34.47 0.75 -41.58
C GLY B 436 32.97 0.94 -41.52
N PHE B 437 32.29 0.15 -40.70
CA PHE B 437 30.84 0.24 -40.56
C PHE B 437 30.51 0.05 -39.08
N ARG B 438 29.24 0.20 -38.72
CA ARG B 438 28.86 0.02 -37.32
C ARG B 438 27.36 -0.18 -37.20
N ALA B 439 26.92 -0.71 -36.06
CA ALA B 439 25.50 -0.93 -35.80
C ALA B 439 24.89 0.44 -35.56
N THR B 440 23.88 0.80 -36.35
CA THR B 440 23.26 2.11 -36.24
C THR B 440 21.77 2.10 -35.97
N ASP B 441 21.17 0.92 -35.97
CA ASP B 441 19.75 0.84 -35.74
C ASP B 441 19.37 -0.54 -35.22
N PHE B 442 18.37 -0.60 -34.37
CA PHE B 442 17.95 -1.86 -33.82
C PHE B 442 16.43 -2.00 -33.84
N PHE B 443 15.98 -3.23 -34.04
CA PHE B 443 14.56 -3.53 -34.06
C PHE B 443 14.36 -4.83 -33.31
N GLY B 444 13.46 -4.80 -32.32
CA GLY B 444 13.18 -5.98 -31.53
C GLY B 444 12.51 -5.62 -30.22
N GLY B 445 12.09 -6.62 -29.45
CA GLY B 445 11.48 -6.36 -28.15
C GLY B 445 12.59 -5.88 -27.26
N ILE B 446 12.96 -4.62 -27.43
CA ILE B 446 14.06 -4.04 -26.70
C ILE B 446 13.85 -2.58 -26.30
N LEU B 447 14.74 -2.08 -25.43
CA LEU B 447 14.72 -0.71 -24.97
C LEU B 447 16.13 -0.16 -25.05
N MET B 448 16.27 1.08 -25.50
CA MET B 448 17.60 1.69 -25.63
C MET B 448 17.64 3.13 -25.16
N ASN B 449 18.56 3.42 -24.24
CA ASN B 449 18.72 4.77 -23.70
C ASN B 449 19.88 5.52 -24.38
N ASN B 450 20.86 4.78 -24.90
CA ASN B 450 21.96 5.38 -25.64
C ASN B 450 21.90 4.81 -27.05
N THR B 451 22.98 4.97 -27.84
CA THR B 451 22.97 4.47 -29.21
C THR B 451 23.83 3.23 -29.47
N THR B 452 24.16 2.50 -28.41
CA THR B 452 25.02 1.33 -28.54
C THR B 452 24.55 0.13 -27.74
N ASP B 453 23.82 0.38 -26.66
CA ASP B 453 23.36 -0.70 -25.81
C ASP B 453 21.88 -1.09 -25.92
N VAL B 454 21.66 -2.34 -26.35
CA VAL B 454 20.32 -2.89 -26.51
C VAL B 454 19.97 -3.59 -25.20
N GLU B 455 19.09 -2.97 -24.41
CA GLU B 455 18.70 -3.52 -23.11
C GLU B 455 17.47 -4.42 -23.17
N MET B 456 17.61 -5.62 -22.65
CA MET B 456 16.53 -6.59 -22.66
C MET B 456 16.32 -7.10 -21.24
N ALA B 457 15.29 -6.62 -20.57
CA ALA B 457 14.99 -7.06 -19.19
C ALA B 457 15.06 -8.58 -19.17
N ALA B 458 14.47 -9.19 -20.19
CA ALA B 458 14.48 -10.64 -20.33
C ALA B 458 14.63 -11.00 -21.80
N ILE B 459 15.41 -12.03 -22.08
CA ILE B 459 15.60 -12.47 -23.45
C ILE B 459 15.42 -13.98 -23.46
N ASP B 460 14.77 -14.51 -24.49
CA ASP B 460 14.60 -15.98 -24.58
C ASP B 460 15.10 -16.56 -25.90
N CYS B 461 14.91 -17.85 -26.09
CA CYS B 461 15.36 -18.55 -27.28
C CYS B 461 14.61 -18.21 -28.57
N ASP B 462 13.43 -17.61 -28.44
CA ASP B 462 12.64 -17.26 -29.60
C ASP B 462 12.91 -15.86 -30.12
N LYS B 463 13.20 -14.95 -29.21
CA LYS B 463 13.45 -13.55 -29.54
C LYS B 463 14.64 -13.29 -30.44
N ALA B 464 14.42 -12.48 -31.46
CA ALA B 464 15.47 -12.11 -32.39
C ALA B 464 15.52 -10.59 -32.55
N VAL B 465 16.70 -10.01 -32.37
CA VAL B 465 16.87 -8.58 -32.55
C VAL B 465 17.46 -8.36 -33.95
N THR B 466 16.92 -7.40 -34.70
CA THR B 466 17.46 -7.13 -36.04
C THR B 466 18.28 -5.83 -36.03
N VAL B 467 19.53 -5.95 -36.46
CA VAL B 467 20.49 -4.84 -36.47
C VAL B 467 20.93 -4.30 -37.81
N GLU B 468 20.63 -3.03 -38.07
CA GLU B 468 21.03 -2.39 -39.32
C GLU B 468 22.40 -1.72 -39.21
N PHE B 469 23.26 -1.96 -40.20
CA PHE B 469 24.59 -1.35 -40.21
C PHE B 469 24.65 -0.26 -41.28
N LYS B 470 25.62 0.64 -41.15
CA LYS B 470 25.84 1.74 -42.09
C LYS B 470 27.36 1.95 -42.24
N HIS B 471 27.79 2.51 -43.37
CA HIS B 471 29.22 2.75 -43.58
C HIS B 471 29.73 3.91 -42.73
N ASP B 472 30.89 3.69 -42.13
CA ASP B 472 31.55 4.64 -41.25
C ASP B 472 32.78 5.21 -41.95
N ASP B 473 33.41 4.35 -42.74
CA ASP B 473 34.63 4.66 -43.49
C ASP B 473 34.59 3.70 -44.69
N LYS B 474 35.75 3.16 -45.07
CA LYS B 474 35.83 2.22 -46.18
C LYS B 474 36.31 0.86 -45.68
N LEU B 475 35.78 -0.20 -46.29
CA LEU B 475 36.14 -1.55 -45.89
C LEU B 475 37.12 -2.16 -46.89
N SER B 476 37.92 -3.10 -46.41
CA SER B 476 38.91 -3.74 -47.27
C SER B 476 38.43 -5.08 -47.86
N GLU B 477 38.53 -5.20 -49.17
CA GLU B 477 38.12 -6.42 -49.86
C GLU B 477 38.99 -7.54 -49.34
N ASP B 478 39.98 -7.19 -48.55
CA ASP B 478 40.91 -8.15 -48.01
C ASP B 478 40.47 -8.66 -46.64
N SER B 479 40.15 -7.72 -45.75
CA SER B 479 39.74 -8.07 -44.39
C SER B 479 38.26 -8.34 -44.26
N GLY B 480 37.47 -7.76 -45.17
CA GLY B 480 36.04 -7.98 -45.11
C GLY B 480 35.40 -7.23 -43.96
N ALA B 481 34.26 -7.72 -43.49
CA ALA B 481 33.54 -7.09 -42.40
C ALA B 481 33.25 -8.06 -41.28
N LEU B 482 33.77 -7.78 -40.09
CA LEU B 482 33.54 -8.68 -38.97
C LEU B 482 32.39 -8.18 -38.09
N ILE B 483 31.77 -9.10 -37.36
CA ILE B 483 30.66 -8.76 -36.47
C ILE B 483 30.77 -9.61 -35.21
N GLN B 484 30.63 -8.98 -34.05
CA GLN B 484 30.67 -9.69 -32.78
C GLN B 484 29.54 -9.25 -31.86
N CYS B 485 28.52 -10.10 -31.77
CA CYS B 485 27.39 -9.83 -30.92
C CYS B 485 27.78 -10.36 -29.57
N ALA B 486 27.40 -9.65 -28.51
CA ALA B 486 27.71 -10.06 -27.16
C ALA B 486 26.57 -9.68 -26.26
N VAL B 487 26.02 -10.67 -25.56
CA VAL B 487 24.93 -10.42 -24.66
C VAL B 487 25.35 -10.75 -23.24
N LEU B 488 25.34 -9.73 -22.39
CA LEU B 488 25.66 -9.93 -20.98
C LEU B 488 24.31 -10.12 -20.29
N TYR B 489 24.20 -11.10 -19.41
CA TYR B 489 22.94 -11.36 -18.73
C TYR B 489 23.12 -12.12 -17.43
N THR B 490 22.01 -12.37 -16.75
CA THR B 490 22.00 -13.10 -15.49
C THR B 490 21.16 -14.34 -15.75
N THR B 491 21.68 -15.50 -15.33
CA THR B 491 21.01 -16.78 -15.53
C THR B 491 20.01 -17.07 -14.44
N ILE B 492 19.14 -18.05 -14.68
CA ILE B 492 18.13 -18.41 -13.68
C ILE B 492 18.73 -18.93 -12.39
N SER B 493 20.05 -19.16 -12.38
CA SER B 493 20.71 -19.64 -11.16
C SER B 493 21.37 -18.47 -10.46
N GLY B 494 21.35 -17.31 -11.12
CA GLY B 494 21.93 -16.12 -10.55
C GLY B 494 23.36 -15.80 -10.95
N GLN B 495 23.79 -16.33 -12.08
CA GLN B 495 25.16 -16.09 -12.53
C GLN B 495 25.26 -15.08 -13.67
N ARG B 496 26.30 -14.25 -13.63
CA ARG B 496 26.52 -13.25 -14.67
C ARG B 496 27.29 -13.93 -15.79
N ARG B 497 26.72 -13.93 -16.99
CA ARG B 497 27.36 -14.59 -18.10
C ARG B 497 27.39 -13.77 -19.38
N LEU B 498 28.27 -14.16 -20.29
CA LEU B 498 28.39 -13.46 -21.56
C LEU B 498 28.25 -14.45 -22.68
N ARG B 499 27.40 -14.14 -23.66
CA ARG B 499 27.28 -15.02 -24.81
C ARG B 499 27.86 -14.27 -25.98
N ILE B 500 28.78 -14.91 -26.68
CA ILE B 500 29.44 -14.29 -27.81
C ILE B 500 29.10 -14.96 -29.13
N HIS B 501 28.93 -14.15 -30.18
CA HIS B 501 28.66 -14.63 -31.54
C HIS B 501 29.54 -13.83 -32.51
N ASN B 502 30.48 -14.50 -33.15
CA ASN B 502 31.38 -13.85 -34.10
C ASN B 502 30.99 -14.30 -35.49
N LEU B 503 31.05 -13.39 -36.44
CA LEU B 503 30.70 -13.73 -37.81
C LEU B 503 31.53 -12.94 -38.82
N GLY B 504 32.24 -13.67 -39.68
CA GLY B 504 33.04 -13.02 -40.69
C GLY B 504 32.36 -12.97 -42.03
N LEU B 505 32.14 -11.76 -42.54
CA LEU B 505 31.50 -11.55 -43.83
C LEU B 505 32.53 -11.10 -44.83
N ASN B 506 32.24 -11.26 -46.12
CA ASN B 506 33.16 -10.80 -47.14
C ASN B 506 32.85 -9.36 -47.50
N CYS B 507 33.79 -8.74 -48.18
CA CYS B 507 33.64 -7.36 -48.57
C CYS B 507 34.02 -7.30 -50.05
N SER B 508 33.56 -6.26 -50.75
CA SER B 508 33.90 -6.14 -52.16
C SER B 508 33.54 -4.81 -52.80
N SER B 509 34.29 -4.49 -53.85
CA SER B 509 34.06 -3.27 -54.59
C SER B 509 33.20 -3.59 -55.81
N GLN B 510 32.88 -4.87 -56.01
CA GLN B 510 32.08 -5.33 -57.13
C GLN B 510 30.61 -5.60 -56.78
N LEU B 511 29.71 -4.89 -57.44
CA LEU B 511 28.29 -5.05 -57.21
C LEU B 511 27.79 -6.47 -57.39
N ALA B 512 28.40 -7.19 -58.33
CA ALA B 512 28.01 -8.57 -58.59
C ALA B 512 28.06 -9.35 -57.28
N ASP B 513 29.16 -9.20 -56.54
CA ASP B 513 29.35 -9.90 -55.28
C ASP B 513 28.31 -9.53 -54.21
N LEU B 514 27.90 -8.27 -54.20
CA LEU B 514 26.94 -7.80 -53.23
C LEU B 514 25.66 -8.63 -53.40
N TYR B 515 25.13 -8.64 -54.62
CA TYR B 515 23.90 -9.37 -54.93
C TYR B 515 24.06 -10.88 -54.78
N LYS B 516 25.09 -11.45 -55.40
CA LYS B 516 25.31 -12.88 -55.32
C LYS B 516 25.20 -13.39 -53.88
N SER B 517 25.49 -12.55 -52.90
CA SER B 517 25.46 -12.99 -51.52
C SER B 517 24.29 -12.56 -50.64
N CYS B 518 23.19 -12.14 -51.26
CA CYS B 518 22.02 -11.72 -50.50
C CYS B 518 21.15 -12.89 -50.07
N GLU B 519 20.29 -12.64 -49.10
CA GLU B 519 19.35 -13.63 -48.61
C GLU B 519 18.00 -12.90 -48.55
N THR B 520 17.06 -13.34 -49.38
CA THR B 520 15.75 -12.70 -49.43
C THR B 520 15.02 -12.74 -48.10
N ASP B 521 15.08 -13.88 -47.41
CA ASP B 521 14.41 -14.04 -46.13
C ASP B 521 14.92 -13.02 -45.11
N ALA B 522 16.23 -12.78 -45.14
CA ALA B 522 16.85 -11.81 -44.25
C ALA B 522 16.31 -10.43 -44.60
N LEU B 523 16.55 -10.02 -45.85
CA LEU B 523 16.06 -8.74 -46.34
C LEU B 523 14.59 -8.48 -46.02
N ILE B 524 13.73 -9.48 -46.17
CA ILE B 524 12.31 -9.31 -45.85
C ILE B 524 12.12 -9.07 -44.35
N ASN B 525 12.85 -9.81 -43.53
CA ASN B 525 12.74 -9.64 -42.08
C ASN B 525 13.10 -8.19 -41.70
N PHE B 526 14.11 -7.63 -42.36
CA PHE B 526 14.51 -6.25 -42.09
C PHE B 526 13.41 -5.29 -42.54
N PHE B 527 13.09 -5.30 -43.84
CA PHE B 527 12.04 -4.42 -44.35
C PHE B 527 10.79 -4.46 -43.45
N ALA B 528 10.34 -5.67 -43.10
CA ALA B 528 9.15 -5.77 -42.25
C ALA B 528 9.35 -4.98 -40.97
N LYS B 529 10.34 -5.34 -40.15
CA LYS B 529 10.58 -4.64 -38.90
C LYS B 529 10.80 -3.14 -39.10
N SER B 530 11.63 -2.79 -40.09
CA SER B 530 11.93 -1.41 -40.43
C SER B 530 10.65 -0.58 -40.69
N ALA B 531 9.73 -1.15 -41.46
CA ALA B 531 8.48 -0.49 -41.80
C ALA B 531 7.54 -0.47 -40.60
N PHE B 532 7.45 -1.60 -39.91
CA PHE B 532 6.61 -1.75 -38.75
C PHE B 532 6.98 -0.78 -37.63
N LYS B 533 8.24 -0.37 -37.57
CA LYS B 533 8.66 0.58 -36.54
C LYS B 533 8.29 1.98 -37.04
N ALA B 534 8.38 2.16 -38.36
CA ALA B 534 8.05 3.43 -38.99
C ALA B 534 6.59 3.81 -38.81
N VAL B 535 5.70 2.83 -38.69
CA VAL B 535 4.28 3.11 -38.52
C VAL B 535 4.04 4.17 -37.45
N LEU B 536 4.82 4.08 -36.38
CA LEU B 536 4.71 5.03 -35.28
C LEU B 536 5.36 6.37 -35.60
N HIS B 537 5.68 6.63 -36.87
CA HIS B 537 6.34 7.88 -37.20
C HIS B 537 6.00 8.53 -38.52
N GLN B 538 5.51 7.76 -39.47
CA GLN B 538 5.21 8.32 -40.78
C GLN B 538 3.94 7.75 -41.37
N PRO B 539 3.28 8.49 -42.27
CA PRO B 539 2.04 8.04 -42.91
C PRO B 539 2.29 6.72 -43.61
N LEU B 540 1.42 5.75 -43.39
CA LEU B 540 1.60 4.45 -44.02
C LEU B 540 1.86 4.54 -45.53
N LYS B 541 1.18 5.43 -46.22
CA LYS B 541 1.41 5.54 -47.65
C LYS B 541 2.85 6.01 -47.90
N VAL B 542 3.46 6.65 -46.89
CA VAL B 542 4.85 7.11 -47.03
C VAL B 542 5.78 5.91 -46.90
N ILE B 543 5.42 5.00 -46.00
CA ILE B 543 6.19 3.79 -45.75
C ILE B 543 6.11 2.91 -46.99
N ARG B 544 4.89 2.62 -47.44
CA ARG B 544 4.70 1.77 -48.61
C ARG B 544 5.49 2.27 -49.82
N GLU B 545 5.53 3.58 -49.99
CA GLU B 545 6.26 4.19 -51.09
C GLU B 545 7.75 3.86 -51.02
N ILE B 546 8.33 4.05 -49.84
CA ILE B 546 9.75 3.79 -49.61
C ILE B 546 10.05 2.32 -49.89
N LEU B 547 9.18 1.43 -49.42
CA LEU B 547 9.35 0.00 -49.63
C LEU B 547 9.39 -0.33 -51.13
N VAL B 548 8.36 0.11 -51.86
CA VAL B 548 8.30 -0.16 -53.28
C VAL B 548 9.47 0.47 -54.03
N ASN B 549 9.73 1.74 -53.79
CA ASN B 549 10.83 2.41 -54.49
C ASN B 549 12.20 1.85 -54.15
N GLN B 550 12.36 1.29 -52.96
CA GLN B 550 13.65 0.73 -52.59
C GLN B 550 13.80 -0.60 -53.32
N THR B 551 12.66 -1.29 -53.49
CA THR B 551 12.62 -2.57 -54.20
C THR B 551 12.96 -2.39 -55.67
N ALA B 552 12.34 -1.38 -56.29
CA ALA B 552 12.58 -1.08 -57.70
C ALA B 552 13.98 -0.54 -57.89
N HIS B 553 14.44 0.23 -56.91
CA HIS B 553 15.77 0.80 -57.01
C HIS B 553 16.81 -0.30 -57.03
N MET B 554 16.71 -1.23 -56.09
CA MET B 554 17.66 -2.34 -56.00
C MET B 554 17.78 -3.12 -57.28
N LEU B 555 16.63 -3.49 -57.86
CA LEU B 555 16.58 -4.26 -59.09
C LEU B 555 17.07 -3.44 -60.28
N ALA B 556 16.81 -2.14 -60.24
CA ALA B 556 17.24 -1.28 -61.33
C ALA B 556 18.75 -1.27 -61.34
N CYS B 557 19.33 -1.05 -60.17
CA CYS B 557 20.78 -1.03 -60.02
C CYS B 557 21.40 -2.30 -60.60
N TYR B 558 20.86 -3.45 -60.20
CA TYR B 558 21.37 -4.72 -60.68
C TYR B 558 21.27 -4.79 -62.21
N ARG B 559 20.13 -4.34 -62.74
CA ARG B 559 19.91 -4.35 -64.18
C ARG B 559 20.92 -3.53 -64.97
N LYS B 560 21.16 -2.29 -64.56
CA LYS B 560 22.09 -1.40 -65.26
C LYS B 560 23.57 -1.62 -64.94
N ASN B 561 23.88 -2.56 -64.05
CA ASN B 561 25.28 -2.80 -63.69
C ASN B 561 25.77 -4.23 -63.71
N CYS B 562 24.89 -5.19 -63.42
CA CYS B 562 25.30 -6.59 -63.39
C CYS B 562 24.73 -7.47 -64.50
N ALA B 563 23.43 -7.36 -64.73
CA ALA B 563 22.74 -8.15 -65.73
C ALA B 563 23.28 -8.05 -67.15
N SER B 564 23.55 -9.19 -67.76
CA SER B 564 24.03 -9.23 -69.14
C SER B 564 22.91 -8.63 -69.98
N PRO B 565 23.25 -7.88 -71.04
CA PRO B 565 22.24 -7.25 -71.90
C PRO B 565 21.06 -8.14 -72.26
N SER B 566 19.86 -7.64 -72.02
CA SER B 566 18.65 -8.38 -72.33
C SER B 566 17.61 -7.38 -72.80
N ALA B 567 16.62 -7.87 -73.54
CA ALA B 567 15.56 -7.03 -74.08
C ALA B 567 14.87 -6.18 -73.00
N ALA B 568 14.40 -5.00 -73.39
CA ALA B 568 13.71 -4.09 -72.48
C ALA B 568 12.38 -4.63 -72.01
N SER B 569 11.82 -5.56 -72.78
CA SER B 569 10.53 -6.16 -72.44
C SER B 569 10.65 -7.18 -71.31
N GLN B 570 11.87 -7.41 -70.83
CA GLN B 570 12.09 -8.36 -69.75
C GLN B 570 12.44 -7.70 -68.43
N LEU B 571 12.18 -8.40 -67.33
CA LEU B 571 12.47 -7.91 -66.00
C LEU B 571 13.46 -8.88 -65.35
N ILE B 572 14.65 -8.38 -65.06
CA ILE B 572 15.68 -9.21 -64.48
C ILE B 572 15.73 -9.15 -62.98
N LEU B 573 15.92 -10.31 -62.37
CA LEU B 573 16.00 -10.44 -60.92
C LEU B 573 17.11 -11.41 -60.59
N PRO B 574 18.04 -11.00 -59.73
CA PRO B 574 19.13 -11.90 -59.35
C PRO B 574 18.58 -13.13 -58.60
N ASP B 575 19.28 -14.27 -58.68
CA ASP B 575 18.82 -15.50 -58.01
C ASP B 575 18.64 -15.30 -56.53
N SER B 576 19.45 -14.40 -55.97
CA SER B 576 19.36 -14.11 -54.56
C SER B 576 18.03 -13.46 -54.24
N MET B 577 17.47 -12.76 -55.23
CA MET B 577 16.20 -12.06 -55.05
C MET B 577 15.03 -12.61 -55.86
N LYS B 578 15.15 -13.83 -56.35
CA LYS B 578 14.08 -14.45 -57.14
C LYS B 578 12.71 -14.21 -56.55
N VAL B 579 12.52 -14.63 -55.30
CA VAL B 579 11.24 -14.50 -54.62
C VAL B 579 11.08 -13.23 -53.79
N LEU B 580 11.98 -12.26 -53.94
CA LEU B 580 11.84 -11.04 -53.15
C LEU B 580 10.55 -10.28 -53.46
N PRO B 581 10.23 -10.10 -54.75
CA PRO B 581 8.99 -9.38 -55.07
C PRO B 581 7.76 -10.01 -54.38
N VAL B 582 7.56 -11.30 -54.59
CA VAL B 582 6.45 -12.04 -53.99
C VAL B 582 6.32 -11.69 -52.51
N TYR B 583 7.39 -11.93 -51.76
CA TYR B 583 7.41 -11.66 -50.33
C TYR B 583 7.18 -10.19 -49.98
N MET B 584 7.79 -9.28 -50.75
CA MET B 584 7.64 -7.83 -50.50
C MET B 584 6.17 -7.47 -50.69
N ASN B 585 5.55 -8.04 -51.72
CA ASN B 585 4.15 -7.78 -51.97
C ASN B 585 3.35 -8.21 -50.73
N CYS B 586 3.71 -9.35 -50.15
CA CYS B 586 3.00 -9.86 -48.98
C CYS B 586 3.05 -8.89 -47.83
N LEU B 587 4.20 -8.25 -47.65
CA LEU B 587 4.40 -7.28 -46.57
C LEU B 587 3.46 -6.10 -46.79
N LEU B 588 3.40 -5.63 -48.04
CA LEU B 588 2.54 -4.50 -48.43
C LEU B 588 1.05 -4.82 -48.34
N LYS B 589 0.70 -6.09 -48.52
CA LYS B 589 -0.69 -6.55 -48.43
C LYS B 589 -1.09 -6.76 -46.98
N ASN B 590 -0.10 -6.99 -46.11
CA ASN B 590 -0.34 -7.24 -44.69
C ASN B 590 -1.24 -6.16 -44.06
N CYS B 591 -1.96 -6.53 -43.00
CA CYS B 591 -2.88 -5.57 -42.38
C CYS B 591 -2.23 -4.41 -41.65
N VAL B 592 -1.01 -4.58 -41.16
CA VAL B 592 -0.31 -3.51 -40.45
C VAL B 592 -0.03 -2.30 -41.35
N LEU B 593 0.27 -2.57 -42.61
CA LEU B 593 0.56 -1.49 -43.55
C LEU B 593 -0.65 -1.14 -44.43
N LEU B 594 -1.75 -1.86 -44.24
CA LEU B 594 -2.96 -1.62 -45.01
C LEU B 594 -4.01 -0.73 -44.29
N SER B 595 -5.31 -1.06 -44.35
CA SER B 595 -6.29 -0.19 -43.69
C SER B 595 -7.70 -0.67 -43.28
N ARG B 596 -8.40 0.28 -42.65
CA ARG B 596 -9.76 0.22 -42.08
C ARG B 596 -10.77 -0.89 -42.41
N PRO B 597 -11.13 -1.07 -43.70
CA PRO B 597 -12.10 -2.12 -44.06
C PRO B 597 -11.81 -3.46 -43.37
N GLU B 598 -12.45 -3.66 -42.21
CA GLU B 598 -12.28 -4.86 -41.39
C GLU B 598 -10.99 -4.74 -40.58
N ILE B 599 -10.56 -5.85 -39.98
CA ILE B 599 -9.34 -5.89 -39.17
C ILE B 599 -9.25 -4.77 -38.12
N SER B 600 -9.43 -5.15 -36.86
CA SER B 600 -9.39 -4.21 -35.74
C SER B 600 -8.00 -3.61 -35.52
N THR B 601 -7.96 -2.39 -34.99
CA THR B 601 -6.68 -1.74 -34.71
C THR B 601 -5.96 -2.73 -33.79
N ASP B 602 -6.71 -3.26 -32.84
CA ASP B 602 -6.19 -4.23 -31.90
C ASP B 602 -5.46 -5.36 -32.62
N GLU B 603 -6.00 -5.78 -33.76
CA GLU B 603 -5.38 -6.85 -34.51
C GLU B 603 -4.13 -6.34 -35.25
N ARG B 604 -4.17 -5.08 -35.68
CA ARG B 604 -3.03 -4.51 -36.39
C ARG B 604 -1.89 -4.28 -35.42
N ALA B 605 -2.22 -3.70 -34.27
CA ALA B 605 -1.21 -3.44 -33.25
C ALA B 605 -0.56 -4.77 -32.86
N TYR B 606 -1.37 -5.77 -32.56
CA TYR B 606 -0.88 -7.09 -32.18
C TYR B 606 0.14 -7.66 -33.15
N GLN B 607 -0.22 -7.71 -34.43
CA GLN B 607 0.68 -8.25 -35.42
C GLN B 607 1.93 -7.41 -35.54
N ARG B 608 1.77 -6.09 -35.50
CA ARG B 608 2.92 -5.22 -35.61
C ARG B 608 3.97 -5.59 -34.55
N GLN B 609 3.51 -5.95 -33.35
CA GLN B 609 4.39 -6.32 -32.27
C GLN B 609 5.02 -7.70 -32.49
N LEU B 610 4.18 -8.72 -32.68
CA LEU B 610 4.66 -10.08 -32.91
C LEU B 610 5.80 -10.18 -33.91
N VAL B 611 5.71 -9.41 -34.99
CA VAL B 611 6.74 -9.46 -36.02
C VAL B 611 8.04 -8.80 -35.56
N MET B 612 7.91 -7.72 -34.81
CA MET B 612 9.08 -6.99 -34.33
C MET B 612 10.09 -7.89 -33.59
N THR B 613 9.62 -9.00 -33.06
CA THR B 613 10.43 -9.93 -32.29
C THR B 613 10.95 -11.13 -33.08
N MET B 614 10.32 -11.40 -34.21
CA MET B 614 10.67 -12.55 -35.03
C MET B 614 12.08 -12.70 -35.60
N GLY B 615 12.43 -13.97 -35.80
CA GLY B 615 13.70 -14.31 -36.38
C GLY B 615 13.35 -14.59 -37.83
N VAL B 616 14.35 -15.01 -38.60
CA VAL B 616 14.10 -15.28 -40.00
C VAL B 616 13.15 -16.48 -40.22
N ALA B 617 13.34 -17.56 -39.46
CA ALA B 617 12.48 -18.72 -39.61
C ALA B 617 11.03 -18.29 -39.52
N ASP B 618 10.74 -17.54 -38.47
CA ASP B 618 9.40 -17.04 -38.20
C ASP B 618 8.83 -16.10 -39.26
N SER B 619 9.54 -15.02 -39.55
CA SER B 619 9.06 -14.08 -40.54
C SER B 619 8.82 -14.72 -41.91
N GLN B 620 9.66 -15.66 -42.32
CA GLN B 620 9.48 -16.29 -43.63
C GLN B 620 8.07 -16.86 -43.73
N LEU B 621 7.71 -17.68 -42.74
CA LEU B 621 6.40 -18.31 -42.70
C LEU B 621 5.25 -17.32 -42.46
N PHE B 622 5.44 -16.38 -41.56
CA PHE B 622 4.38 -15.41 -41.27
C PHE B 622 3.89 -14.68 -42.50
N PHE B 623 4.80 -14.26 -43.37
CA PHE B 623 4.42 -13.52 -44.56
C PHE B 623 4.00 -14.38 -45.74
N TYR B 624 4.48 -15.62 -45.79
CA TYR B 624 4.12 -16.53 -46.87
C TYR B 624 3.69 -17.82 -46.23
N PRO B 625 2.40 -17.93 -45.90
CA PRO B 625 1.87 -19.15 -45.28
C PRO B 625 2.21 -20.41 -46.05
N GLN B 626 2.25 -21.52 -45.32
CA GLN B 626 2.55 -22.83 -45.87
C GLN B 626 1.20 -23.50 -46.14
N LEU B 627 0.93 -23.85 -47.40
CA LEU B 627 -0.35 -24.49 -47.77
C LEU B 627 -0.21 -25.95 -48.19
N LEU B 628 -0.64 -26.86 -47.32
CA LEU B 628 -0.53 -28.28 -47.61
C LEU B 628 -1.83 -28.98 -48.04
N PRO B 629 -1.76 -29.75 -49.14
CA PRO B 629 -2.95 -30.48 -49.61
C PRO B 629 -3.06 -31.73 -48.75
N ILE B 630 -4.24 -31.97 -48.18
CA ILE B 630 -4.44 -33.11 -47.31
C ILE B 630 -5.17 -34.31 -47.94
N HIS B 631 -6.07 -34.03 -48.88
CA HIS B 631 -6.84 -35.10 -49.53
C HIS B 631 -5.95 -36.06 -50.30
N THR B 632 -4.91 -35.53 -50.95
CA THR B 632 -3.97 -36.32 -51.73
C THR B 632 -2.90 -36.97 -50.85
N LEU B 633 -3.11 -36.95 -49.54
CA LEU B 633 -2.15 -37.48 -48.57
C LEU B 633 -1.82 -38.97 -48.63
N ASP B 634 -0.52 -39.26 -48.58
CA ASP B 634 -0.02 -40.63 -48.59
C ASP B 634 -0.35 -41.16 -47.20
N VAL B 635 -1.07 -42.27 -47.11
CA VAL B 635 -1.44 -42.82 -45.80
C VAL B 635 -0.24 -43.37 -45.04
N LYS B 636 -0.36 -43.44 -43.71
CA LYS B 636 0.70 -43.93 -42.84
C LYS B 636 1.96 -44.35 -43.59
N SER B 637 2.82 -43.36 -43.83
CA SER B 637 4.10 -43.51 -44.53
C SER B 637 4.42 -42.08 -44.96
N THR B 638 3.80 -41.15 -44.24
CA THR B 638 3.95 -39.73 -44.52
C THR B 638 5.26 -39.16 -44.01
N MET B 639 5.40 -37.85 -44.19
CA MET B 639 6.57 -37.09 -43.82
C MET B 639 6.29 -35.63 -44.16
N LEU B 640 5.00 -35.25 -44.10
CA LEU B 640 4.56 -33.88 -44.39
C LEU B 640 4.52 -33.64 -45.90
N PRO B 641 3.31 -33.56 -46.49
CA PRO B 641 3.15 -33.33 -47.93
C PRO B 641 3.81 -32.06 -48.48
N ALA B 642 4.10 -32.06 -49.78
CA ALA B 642 4.73 -30.93 -50.45
C ALA B 642 3.87 -29.69 -50.42
N ALA B 643 4.51 -28.54 -50.18
CA ALA B 643 3.81 -27.27 -50.10
C ALA B 643 3.26 -26.86 -51.46
N VAL B 644 2.17 -26.12 -51.43
CA VAL B 644 1.49 -25.62 -52.62
C VAL B 644 1.35 -24.09 -52.56
N ARG B 645 1.49 -23.41 -53.69
CA ARG B 645 1.41 -21.95 -53.73
C ARG B 645 0.26 -21.31 -52.95
N CYS B 646 0.50 -20.14 -52.38
CA CYS B 646 -0.52 -19.45 -51.62
C CYS B 646 -1.50 -18.71 -52.51
N SER B 647 -2.22 -19.47 -53.33
CA SER B 647 -3.22 -18.91 -54.23
C SER B 647 -4.47 -19.79 -54.15
N GLU B 648 -5.62 -19.20 -54.44
CA GLU B 648 -6.88 -19.95 -54.41
C GLU B 648 -6.87 -20.95 -55.57
N SER B 649 -6.12 -20.58 -56.61
CA SER B 649 -5.97 -21.36 -57.81
C SER B 649 -5.53 -22.79 -57.54
N ARG B 650 -4.85 -23.01 -56.42
CA ARG B 650 -4.37 -24.35 -56.09
C ARG B 650 -5.32 -25.14 -55.19
N LEU B 651 -6.52 -24.62 -55.00
CA LEU B 651 -7.54 -25.28 -54.18
C LEU B 651 -8.47 -26.05 -55.10
N SER B 652 -9.01 -27.16 -54.60
CA SER B 652 -9.90 -27.99 -55.39
C SER B 652 -11.18 -28.28 -54.62
N GLU B 653 -12.32 -28.20 -55.29
CA GLU B 653 -13.59 -28.49 -54.63
C GLU B 653 -13.59 -29.87 -54.02
N GLU B 654 -12.70 -30.72 -54.53
CA GLU B 654 -12.58 -32.09 -54.07
C GLU B 654 -11.53 -32.25 -52.98
N GLY B 655 -10.71 -31.21 -52.78
CA GLY B 655 -9.64 -31.30 -51.80
C GLY B 655 -9.88 -30.74 -50.41
N ILE B 656 -8.91 -31.00 -49.54
CA ILE B 656 -8.91 -30.53 -48.15
C ILE B 656 -7.50 -30.01 -47.91
N PHE B 657 -7.37 -28.74 -47.53
CA PHE B 657 -6.04 -28.18 -47.32
C PHE B 657 -5.75 -27.73 -45.89
N LEU B 658 -4.47 -27.53 -45.60
CA LEU B 658 -4.00 -27.07 -44.29
C LEU B 658 -3.16 -25.82 -44.54
N LEU B 659 -3.60 -24.67 -44.02
CA LEU B 659 -2.82 -23.44 -44.20
C LEU B 659 -2.43 -22.85 -42.86
N ALA B 660 -1.12 -22.68 -42.67
CA ALA B 660 -0.61 -22.13 -41.42
C ALA B 660 0.48 -21.07 -41.63
N ASN B 661 0.40 -19.99 -40.86
CA ASN B 661 1.36 -18.89 -40.96
C ASN B 661 2.16 -18.82 -39.68
N GLY B 662 1.96 -19.78 -38.79
CA GLY B 662 2.67 -19.80 -37.53
C GLY B 662 1.83 -19.31 -36.37
N LEU B 663 0.73 -18.64 -36.69
CA LEU B 663 -0.18 -18.13 -35.66
C LEU B 663 -1.56 -18.75 -35.79
N HIS B 664 -2.07 -18.78 -37.02
CA HIS B 664 -3.36 -19.37 -37.31
C HIS B 664 -3.13 -20.62 -38.14
N MET B 665 -3.98 -21.64 -37.94
CA MET B 665 -3.88 -22.87 -38.71
C MET B 665 -5.26 -23.21 -39.23
N PHE B 666 -5.49 -22.95 -40.52
CA PHE B 666 -6.77 -23.21 -41.15
C PHE B 666 -6.84 -24.58 -41.83
N LEU B 667 -7.98 -25.24 -41.65
CA LEU B 667 -8.25 -26.53 -42.26
C LEU B 667 -9.39 -26.25 -43.24
N TRP B 668 -9.03 -26.10 -44.50
CA TRP B 668 -9.99 -25.79 -45.54
C TRP B 668 -10.61 -27.04 -46.15
N LEU B 669 -11.93 -27.00 -46.32
CA LEU B 669 -12.66 -28.12 -46.90
C LEU B 669 -13.49 -27.67 -48.10
N GLY B 670 -13.30 -28.35 -49.23
CA GLY B 670 -14.06 -28.00 -50.41
C GLY B 670 -15.43 -28.66 -50.32
N VAL B 671 -16.36 -28.23 -51.16
CA VAL B 671 -17.72 -28.77 -51.17
C VAL B 671 -17.75 -30.22 -51.64
N SER B 672 -17.14 -30.50 -52.79
CA SER B 672 -17.10 -31.87 -53.31
C SER B 672 -16.00 -32.58 -52.54
N SER B 673 -15.96 -32.35 -51.23
CA SER B 673 -14.96 -32.96 -50.36
C SER B 673 -15.34 -34.40 -50.07
N PRO B 674 -14.51 -35.36 -50.50
CA PRO B 674 -14.78 -36.80 -50.29
C PRO B 674 -15.32 -37.14 -48.90
N PRO B 675 -16.50 -37.79 -48.86
CA PRO B 675 -17.12 -38.18 -47.60
C PRO B 675 -16.26 -39.20 -46.85
N GLU B 676 -15.41 -39.92 -47.59
CA GLU B 676 -14.53 -40.89 -46.95
C GLU B 676 -13.63 -40.18 -45.95
N LEU B 677 -13.01 -39.09 -46.40
CA LEU B 677 -12.11 -38.30 -45.55
C LEU B 677 -12.88 -37.61 -44.44
N ILE B 678 -13.90 -36.84 -44.81
CA ILE B 678 -14.70 -36.14 -43.81
C ILE B 678 -15.18 -37.09 -42.71
N GLN B 679 -15.17 -38.39 -43.00
CA GLN B 679 -15.57 -39.39 -42.00
C GLN B 679 -14.38 -39.74 -41.10
N GLY B 680 -13.30 -40.21 -41.72
CA GLY B 680 -12.13 -40.58 -40.94
C GLY B 680 -11.41 -39.43 -40.26
N ILE B 681 -12.01 -38.24 -40.25
CA ILE B 681 -11.41 -37.05 -39.63
C ILE B 681 -12.33 -36.35 -38.65
N PHE B 682 -13.58 -36.11 -39.05
CA PHE B 682 -14.54 -35.42 -38.18
C PHE B 682 -15.62 -36.37 -37.64
N ASN B 683 -15.41 -37.68 -37.85
CA ASN B 683 -16.34 -38.71 -37.39
C ASN B 683 -17.79 -38.52 -37.82
N VAL B 684 -18.05 -37.57 -38.70
CA VAL B 684 -19.40 -37.35 -39.21
C VAL B 684 -19.37 -37.79 -40.68
N PRO B 685 -20.47 -38.40 -41.16
CA PRO B 685 -20.55 -38.90 -42.55
C PRO B 685 -20.52 -37.92 -43.74
N SER B 686 -20.92 -36.66 -43.56
CA SER B 686 -20.89 -35.75 -44.71
C SER B 686 -20.34 -34.34 -44.46
N PHE B 687 -20.16 -33.60 -45.56
CA PHE B 687 -19.65 -32.25 -45.53
C PHE B 687 -20.59 -31.34 -44.74
N ALA B 688 -21.85 -31.31 -45.16
CA ALA B 688 -22.85 -30.47 -44.51
C ALA B 688 -23.04 -30.86 -43.05
N HIS B 689 -22.39 -31.94 -42.63
CA HIS B 689 -22.48 -32.45 -41.26
C HIS B 689 -21.49 -31.81 -40.29
N ILE B 690 -20.53 -31.06 -40.81
CA ILE B 690 -19.54 -30.41 -39.94
C ILE B 690 -19.98 -29.03 -39.49
N ASN B 691 -19.63 -28.68 -38.25
CA ASN B 691 -19.96 -27.36 -37.73
C ASN B 691 -18.64 -26.66 -37.45
N THR B 692 -18.45 -25.52 -38.12
CA THR B 692 -17.25 -24.71 -37.98
C THR B 692 -17.03 -24.35 -36.51
N ASP B 693 -18.06 -23.77 -35.91
CA ASP B 693 -18.02 -23.35 -34.50
C ASP B 693 -17.53 -24.43 -33.55
N MET B 694 -17.13 -25.58 -34.08
CA MET B 694 -16.64 -26.66 -33.25
C MET B 694 -15.23 -27.04 -33.71
N THR B 695 -14.32 -26.08 -33.56
CA THR B 695 -12.93 -26.26 -33.98
C THR B 695 -12.04 -26.93 -32.93
N LEU B 696 -12.53 -28.01 -32.33
CA LEU B 696 -11.73 -28.70 -31.34
C LEU B 696 -11.10 -29.94 -31.95
N LEU B 697 -10.00 -30.40 -31.35
CA LEU B 697 -9.26 -31.57 -31.80
C LEU B 697 -10.12 -32.82 -32.06
N PRO B 698 -10.05 -33.38 -33.28
CA PRO B 698 -10.83 -34.57 -33.59
C PRO B 698 -9.94 -35.82 -33.60
N GLU B 699 -10.13 -36.73 -32.65
CA GLU B 699 -9.30 -37.93 -32.62
C GLU B 699 -9.87 -39.08 -33.46
N VAL B 700 -9.99 -40.26 -32.86
CA VAL B 700 -10.51 -41.44 -33.55
C VAL B 700 -9.68 -41.64 -34.82
N GLY B 701 -10.34 -41.93 -35.95
CA GLY B 701 -9.64 -42.13 -37.21
C GLY B 701 -8.43 -43.03 -37.10
N ASN B 702 -8.28 -43.97 -38.00
CA ASN B 702 -7.13 -44.85 -37.89
C ASN B 702 -6.02 -44.51 -38.87
N PRO B 703 -6.35 -44.40 -40.17
CA PRO B 703 -5.29 -44.07 -41.14
C PRO B 703 -5.07 -42.59 -41.41
N TYR B 704 -6.16 -41.83 -41.52
CA TYR B 704 -6.05 -40.41 -41.82
C TYR B 704 -6.09 -39.46 -40.64
N SER B 705 -7.15 -39.51 -39.84
CA SER B 705 -7.25 -38.60 -38.71
C SER B 705 -5.93 -38.62 -37.94
N GLN B 706 -5.22 -39.73 -38.02
CA GLN B 706 -3.94 -39.84 -37.34
C GLN B 706 -2.88 -39.15 -38.18
N GLN B 707 -2.89 -39.42 -39.47
CA GLN B 707 -1.91 -38.85 -40.40
C GLN B 707 -2.01 -37.32 -40.50
N LEU B 708 -3.19 -36.78 -40.26
CA LEU B 708 -3.38 -35.35 -40.32
C LEU B 708 -2.86 -34.76 -39.02
N ARG B 709 -3.17 -35.45 -37.92
CA ARG B 709 -2.74 -35.02 -36.60
C ARG B 709 -1.22 -35.03 -36.55
N MET B 710 -0.60 -35.94 -37.28
CA MET B 710 0.85 -36.04 -37.34
C MET B 710 1.46 -34.77 -37.92
N ILE B 711 0.95 -34.35 -39.07
CA ILE B 711 1.47 -33.17 -39.72
C ILE B 711 1.19 -31.91 -38.92
N MET B 712 0.02 -31.82 -38.30
CA MET B 712 -0.30 -30.65 -37.50
C MET B 712 0.73 -30.52 -36.38
N GLY B 713 1.24 -31.65 -35.91
CA GLY B 713 2.22 -31.63 -34.85
C GLY B 713 3.58 -31.17 -35.37
N ILE B 714 4.03 -31.76 -36.46
CA ILE B 714 5.31 -31.41 -37.04
C ILE B 714 5.34 -29.95 -37.52
N ILE B 715 4.18 -29.39 -37.83
CA ILE B 715 4.13 -28.01 -38.28
C ILE B 715 4.33 -27.05 -37.10
N GLN B 716 3.70 -27.38 -35.98
CA GLN B 716 3.76 -26.59 -34.75
C GLN B 716 5.12 -26.73 -34.08
N GLN B 717 5.83 -27.79 -34.42
CA GLN B 717 7.13 -28.08 -33.82
C GLN B 717 8.03 -26.90 -33.47
N LYS B 718 8.66 -26.30 -34.46
CA LYS B 718 9.56 -25.19 -34.22
C LYS B 718 8.88 -23.84 -34.00
N ARG B 719 7.55 -23.84 -33.90
CA ARG B 719 6.82 -22.59 -33.74
C ARG B 719 6.53 -22.17 -32.30
N PRO B 720 6.98 -20.96 -31.93
CA PRO B 720 6.81 -20.40 -30.58
C PRO B 720 5.38 -20.31 -30.04
N TYR B 721 4.43 -19.79 -30.82
CA TYR B 721 3.06 -19.71 -30.32
C TYR B 721 2.32 -20.97 -30.75
N SER B 722 1.35 -21.41 -29.95
CA SER B 722 0.58 -22.59 -30.36
C SER B 722 -0.57 -22.04 -31.21
N MET B 723 -0.64 -22.50 -32.45
CA MET B 723 -1.65 -22.00 -33.39
C MET B 723 -3.11 -22.25 -33.04
N LYS B 724 -3.96 -21.32 -33.48
CA LYS B 724 -5.40 -21.41 -33.25
C LYS B 724 -6.01 -22.06 -34.48
N LEU B 725 -6.52 -23.28 -34.31
CA LEU B 725 -7.15 -24.01 -35.41
C LEU B 725 -8.47 -23.36 -35.80
N THR B 726 -8.75 -23.36 -37.09
CA THR B 726 -9.98 -22.78 -37.59
C THR B 726 -10.37 -23.53 -38.84
N ILE B 727 -11.48 -24.25 -38.74
CA ILE B 727 -12.00 -25.03 -39.85
C ILE B 727 -12.84 -24.14 -40.76
N VAL B 728 -12.62 -24.27 -42.06
CA VAL B 728 -13.35 -23.48 -43.02
C VAL B 728 -14.07 -24.36 -44.04
N LYS B 729 -15.36 -24.11 -44.23
CA LYS B 729 -16.16 -24.83 -45.22
C LYS B 729 -16.14 -23.92 -46.43
N GLN B 730 -15.78 -24.46 -47.59
CA GLN B 730 -15.66 -23.67 -48.81
C GLN B 730 -16.68 -22.56 -49.05
N ARG B 731 -17.59 -22.79 -49.99
CA ARG B 731 -18.60 -21.78 -50.34
C ARG B 731 -19.09 -20.97 -49.13
N GLU B 732 -19.15 -19.64 -49.34
CA GLU B 732 -19.60 -18.65 -48.37
C GLU B 732 -19.75 -19.02 -46.89
N GLN B 733 -18.62 -19.23 -46.21
CA GLN B 733 -18.63 -19.57 -44.79
C GLN B 733 -17.67 -18.56 -44.12
N PRO B 734 -16.93 -18.94 -43.06
CA PRO B 734 -16.06 -17.88 -42.54
C PRO B 734 -14.93 -17.58 -43.55
N GLU B 735 -14.74 -18.51 -44.50
CA GLU B 735 -13.73 -18.44 -45.56
C GLU B 735 -13.16 -17.05 -45.87
N MET B 736 -13.99 -16.02 -45.74
CA MET B 736 -13.56 -14.65 -46.00
C MET B 736 -12.20 -14.35 -45.35
N VAL B 737 -12.05 -14.79 -44.10
CA VAL B 737 -10.81 -14.62 -43.36
C VAL B 737 -9.72 -15.40 -44.09
N PHE B 738 -9.97 -16.69 -44.27
CA PHE B 738 -9.06 -17.61 -44.95
C PHE B 738 -8.42 -16.99 -46.20
N ARG B 739 -9.25 -16.45 -47.10
CA ARG B 739 -8.76 -15.86 -48.33
C ARG B 739 -7.65 -14.86 -48.11
N GLN B 740 -7.61 -14.23 -46.95
CA GLN B 740 -6.60 -13.23 -46.67
C GLN B 740 -5.19 -13.80 -46.74
N PHE B 741 -5.02 -15.04 -46.28
CA PHE B 741 -3.70 -15.67 -46.27
C PHE B 741 -3.23 -16.21 -47.61
N LEU B 742 -4.09 -16.15 -48.61
CA LEU B 742 -3.71 -16.60 -49.94
C LEU B 742 -3.02 -15.37 -50.53
N VAL B 743 -1.90 -15.03 -49.90
CA VAL B 743 -1.09 -13.86 -50.23
C VAL B 743 -0.66 -13.63 -51.66
N GLU B 744 -0.88 -14.60 -52.53
CA GLU B 744 -0.50 -14.39 -53.92
C GLU B 744 -1.64 -13.79 -54.72
N ASP B 745 -2.86 -13.96 -54.25
CA ASP B 745 -4.02 -13.42 -54.94
C ASP B 745 -4.18 -11.96 -54.55
N LYS B 746 -5.08 -11.25 -55.24
CA LYS B 746 -5.30 -9.84 -54.95
C LYS B 746 -5.97 -9.61 -53.60
N GLY B 747 -6.86 -10.51 -53.20
CA GLY B 747 -7.54 -10.35 -51.93
C GLY B 747 -8.68 -9.33 -52.01
N GLY B 751 -4.91 -5.75 -51.50
CA GLY B 751 -3.95 -5.07 -52.35
C GLY B 751 -3.87 -5.69 -53.73
N SER B 752 -2.69 -5.65 -54.34
CA SER B 752 -2.51 -6.22 -55.68
C SER B 752 -1.96 -7.65 -55.62
N SER B 753 -2.23 -8.42 -56.67
CA SER B 753 -1.77 -9.80 -56.75
C SER B 753 -0.27 -9.84 -57.00
N TYR B 754 0.32 -11.01 -56.82
CA TYR B 754 1.74 -11.12 -57.04
C TYR B 754 2.08 -10.60 -58.43
N VAL B 755 1.29 -10.98 -59.41
CA VAL B 755 1.57 -10.54 -60.78
C VAL B 755 1.46 -9.03 -60.95
N ASP B 756 0.44 -8.42 -60.35
CA ASP B 756 0.27 -6.97 -60.46
C ASP B 756 1.52 -6.25 -59.94
N PHE B 757 1.94 -6.62 -58.73
CA PHE B 757 3.11 -6.01 -58.11
C PHE B 757 4.36 -6.13 -58.98
N LEU B 758 4.57 -7.31 -59.55
CA LEU B 758 5.71 -7.53 -60.41
C LEU B 758 5.61 -6.53 -61.55
N CYS B 759 4.40 -6.39 -62.07
CA CYS B 759 4.12 -5.48 -63.17
C CYS B 759 4.38 -4.02 -62.76
N CYS B 760 4.19 -3.74 -61.48
CA CYS B 760 4.40 -2.39 -60.97
C CYS B 760 5.87 -2.05 -60.88
N VAL B 761 6.64 -2.95 -60.26
CA VAL B 761 8.07 -2.76 -60.08
C VAL B 761 8.74 -2.47 -61.41
N HIS B 762 8.42 -3.27 -62.41
CA HIS B 762 9.02 -3.10 -63.72
C HIS B 762 8.79 -1.68 -64.26
N LYS B 763 7.63 -1.10 -63.97
CA LYS B 763 7.37 0.25 -64.46
C LYS B 763 8.38 1.23 -63.88
N GLU B 764 8.51 1.28 -62.56
CA GLU B 764 9.45 2.20 -61.96
C GLU B 764 10.91 1.85 -62.21
N ILE B 765 11.17 0.61 -62.63
CA ILE B 765 12.54 0.19 -62.93
C ILE B 765 12.85 0.79 -64.30
N CYS B 766 11.82 0.83 -65.14
CA CYS B 766 11.92 1.40 -66.48
C CYS B 766 12.01 2.92 -66.33
N GLN B 767 11.26 3.44 -65.36
CA GLN B 767 11.27 4.88 -65.08
C GLN B 767 12.69 5.32 -64.78
N LEU B 768 13.41 4.48 -64.02
CA LEU B 768 14.80 4.76 -63.69
C LEU B 768 15.54 4.47 -64.98
N LEU B 769 14.88 4.85 -66.07
CA LEU B 769 15.29 4.71 -67.45
C LEU B 769 16.71 4.20 -67.70
N ASN B 770 16.87 2.88 -67.67
CA ASN B 770 18.17 2.27 -67.92
C ASN B 770 18.11 0.73 -67.93
N THR C 1 17.09 -15.21 -63.37
CA THR C 1 15.61 -15.25 -63.61
C THR C 1 15.09 -14.05 -64.39
N THR C 2 14.62 -14.33 -65.60
CA THR C 2 14.10 -13.27 -66.43
C THR C 2 12.59 -13.42 -66.61
N ILE C 3 11.89 -12.29 -66.57
CA ILE C 3 10.45 -12.33 -66.73
C ILE C 3 9.99 -11.36 -67.79
N PRO C 4 9.44 -11.87 -68.90
CA PRO C 4 8.97 -11.01 -69.98
C PRO C 4 7.59 -10.43 -69.64
N MET C 5 7.51 -9.11 -69.59
CA MET C 5 6.27 -8.41 -69.28
C MET C 5 5.45 -8.28 -70.56
N ASP C 6 4.39 -9.09 -70.65
CA ASP C 6 3.50 -9.13 -71.81
C ASP C 6 2.38 -8.09 -71.77
#